data_6WEV
#
_entry.id   6WEV
#
_cell.length_a   82.278
_cell.length_b   158.993
_cell.length_c   209.230
_cell.angle_alpha   90.000
_cell.angle_beta   90.000
_cell.angle_gamma   90.000
#
_symmetry.space_group_name_H-M   'P 21 21 21'
#
loop_
_entity.id
_entity.type
_entity.pdbx_description
1 polymer 'Ectonucleotide pyrophosphatase/phosphodiesterase family member 1'
2 branched alpha-D-mannopyranose-(1-3)-alpha-D-mannopyranose-(1-4)-2-acetamido-2-deoxy-beta-D-glucopyranose-(1-4)-2-acetamido-2-deoxy-beta-D-glucopyranose
3 branched beta-D-mannopyranose-(1-4)-2-acetamido-2-deoxy-beta-D-glucopyranose-(1-4)-2-acetamido-2-deoxy-beta-D-glucopyranose
4 branched 2-acetamido-2-deoxy-beta-D-glucopyranose-(1-4)-2-acetamido-2-deoxy-beta-D-glucopyranose
5 non-polymer 'ZINC ION'
6 non-polymer 'CALCIUM ION'
7 non-polymer 2-acetamido-2-deoxy-beta-D-glucopyranose
8 non-polymer 'N-{[1-(6,7-dimethoxy-5,8-dihydroquinazolin-4-yl)piperidin-4-yl]methyl}sulfuric diamide'
9 non-polymer 'PHOSPHATE ION'
10 water water
#
_entity_poly.entity_id   1
_entity_poly.type   'polypeptide(L)'
_entity_poly.pdbx_seq_one_letter_code
;MERDGCAGGGSRGGEGGRAPREGPAGNGRDRGRSHAAEAPGDPQAAASLLAPMDVGEEPLEKAARARTAKDPNTYKVLSL
VLSVCVLTTILGCIFGLKPSCAKEVKSCKGRCFERTFGNCRCDAACVELGNCCLDYQETCIEPEHIWTCNKFRCGEKRLT
RSLCACSDDCKDKGDCCINYSSVCQGEKSWVEEPCESINEPQCPAGFETPPTLLFSLDGFRAEYLHTWGGLLPVISKLKK
CGTYTKNMRPVYPTKTFPNHYSIVTGLYPESHGIIDNKMYDPKMNASFSLKSKEKFNPEWYKGEPIWVTAKYQGLKSGTF
FWPGSDVEINGIFPDIYKMYNGSVPFEERILAVLQWLQLPKDERPHFYTLYLEEPDSSGHSYGPVSSEVIKALQRVDGMV
GMLMDGLKELNLHRCLNLILISDHGMEQGSCKKYIYLNKYLGDVKNIKVIYGPAARLRPSDVPDKYYSFNYEGIARNLSC
REPNQHFKPYLKHFLPKRLHFAKSDRIEPLTFYLDPQWQLALNPSERKYCGSGFHGSDNVFSNMQALFVGYGPGFKHGIE
ADTFENIEVYNLMCDLLNLTPAPNNGTHGSLNHLLKNPVYTPKHPKEVHPLVQCPFTRNPRDNLGCSCNPSILPIEDFQT
QFNLTVAEEKIIKHETLPYGRPRVLQKENTICLLSQHQFMSGYSQDILMPLWTSYTVDRNDSFSTEDFSNCLYQDFRIPL
SPVHKCSFYKNNTKVSYGFLSPPQLNKNSSGIYSEALLTTNIVPMYQSFQVIWRYFHDTLLRKYAEERNGVNVVSGPVFD
FDYDGRCDSLENLRQKRRVIRNQEILIPTHFFIVLTSCKDTSQTPLHCENLDTLAFILPHRTDNSESCVHGKHDSSWVEE
LLMLHRARITDVEHITGLSFYQQRKEPVSDILKLKTHLPTFSQED
;
_entity_poly.pdbx_strand_id   AbA,BbB
#
# COMPACT_ATOMS: atom_id res chain seq x y z
N VAL A 105 -19.56 52.08 10.40
CA VAL A 105 -19.60 51.99 11.90
C VAL A 105 -19.41 50.52 12.35
N LYS A 106 -19.67 49.54 11.47
CA LYS A 106 -19.58 48.09 11.81
C LYS A 106 -18.29 47.47 11.22
N SER A 107 -17.51 48.24 10.44
CA SER A 107 -16.45 47.74 9.52
C SER A 107 -15.23 48.67 9.51
N CYS A 108 -14.04 48.09 9.34
CA CYS A 108 -12.76 48.83 9.22
C CYS A 108 -12.48 49.31 7.79
N LYS A 109 -13.27 48.90 6.80
CA LYS A 109 -13.03 49.27 5.37
C LYS A 109 -12.83 50.78 5.29
N GLY A 110 -11.66 51.22 4.81
CA GLY A 110 -11.33 52.64 4.61
C GLY A 110 -10.88 53.37 5.86
N ARG A 111 -10.83 52.73 7.04
CA ARG A 111 -10.42 53.44 8.27
C ARG A 111 -9.40 52.64 9.09
N CYS A 112 -8.61 51.78 8.47
CA CYS A 112 -7.55 51.02 9.16
C CYS A 112 -6.64 52.00 9.89
N PHE A 113 -6.43 51.78 11.20
CA PHE A 113 -5.39 52.41 12.05
C PHE A 113 -5.82 53.82 12.50
N GLU A 114 -7.01 54.27 12.08
CA GLU A 114 -7.59 55.58 12.51
C GLU A 114 -8.41 55.33 13.78
N ARG A 115 -8.47 56.34 14.66
CA ARG A 115 -9.37 56.38 15.84
C ARG A 115 -10.82 56.45 15.35
N THR A 116 -11.76 55.92 16.14
CA THR A 116 -13.22 55.91 15.82
C THR A 116 -14.01 56.51 16.99
N PHE A 117 -15.23 56.96 16.72
CA PHE A 117 -16.28 57.24 17.73
C PHE A 117 -17.19 56.00 17.81
N GLY A 118 -17.82 55.66 16.68
CA GLY A 118 -18.76 54.53 16.50
C GLY A 118 -18.17 53.18 16.90
N ASN A 119 -18.79 52.53 17.89
CA ASN A 119 -18.38 51.25 18.56
C ASN A 119 -16.99 50.78 18.11
N CYS A 120 -16.93 49.76 17.21
CA CYS A 120 -15.78 48.83 17.06
C CYS A 120 -14.54 49.57 16.55
N ARG A 121 -13.35 49.07 16.88
CA ARG A 121 -12.05 49.76 16.64
C ARG A 121 -11.26 49.06 15.53
N CYS A 122 -10.27 49.77 14.98
CA CYS A 122 -9.42 49.36 13.83
C CYS A 122 -7.97 49.77 14.09
N ASP A 123 -7.54 49.71 15.36
CA ASP A 123 -6.13 49.94 15.76
C ASP A 123 -5.67 48.70 16.54
N ALA A 124 -4.35 48.46 16.59
CA ALA A 124 -3.74 47.19 17.06
C ALA A 124 -4.16 46.90 18.51
N ALA A 125 -4.48 47.94 19.28
CA ALA A 125 -4.87 47.85 20.71
C ALA A 125 -6.24 47.16 20.84
N CYS A 126 -7.06 47.15 19.79
CA CYS A 126 -8.41 46.56 19.84
C CYS A 126 -8.34 45.07 20.22
N VAL A 127 -7.30 44.34 19.82
CA VAL A 127 -7.30 42.84 19.90
C VAL A 127 -7.35 42.43 21.36
N GLU A 128 -6.46 43.00 22.17
CA GLU A 128 -6.36 42.76 23.64
C GLU A 128 -7.72 43.04 24.28
N LEU A 129 -8.35 44.16 23.90
CA LEU A 129 -9.64 44.64 24.49
C LEU A 129 -10.82 43.84 23.92
N GLY A 130 -10.60 43.07 22.86
CA GLY A 130 -11.63 42.29 22.15
C GLY A 130 -12.78 43.16 21.68
N ASN A 131 -12.49 44.36 21.18
CA ASN A 131 -13.50 45.34 20.68
C ASN A 131 -13.16 45.75 19.24
N CYS A 132 -12.37 44.93 18.53
CA CYS A 132 -12.11 45.08 17.07
C CYS A 132 -13.43 44.97 16.31
N CYS A 133 -13.58 45.68 15.19
CA CYS A 133 -14.61 45.36 14.18
C CYS A 133 -14.38 43.92 13.75
N LEU A 134 -15.41 43.25 13.24
CA LEU A 134 -15.34 41.81 12.95
C LEU A 134 -14.40 41.58 11.75
N ASP A 135 -14.15 42.60 10.91
CA ASP A 135 -13.33 42.47 9.67
C ASP A 135 -11.97 43.18 9.83
N TYR A 136 -11.52 43.45 11.06
CA TYR A 136 -10.24 44.17 11.31
C TYR A 136 -9.07 43.38 10.72
N GLN A 137 -8.96 42.08 11.04
CA GLN A 137 -7.84 41.22 10.59
C GLN A 137 -7.77 41.16 9.06
N GLU A 138 -8.89 40.81 8.43
CA GLU A 138 -9.02 40.63 6.95
C GLU A 138 -8.71 41.93 6.23
N THR A 139 -9.16 43.06 6.78
CA THR A 139 -9.05 44.40 6.13
C THR A 139 -7.67 45.03 6.33
N CYS A 140 -7.09 44.94 7.54
CA CYS A 140 -5.95 45.79 7.98
C CYS A 140 -4.65 45.00 8.18
N ILE A 141 -4.71 43.71 8.56
CA ILE A 141 -3.50 42.92 8.94
C ILE A 141 -3.15 41.91 7.84
N GLU A 142 -4.08 41.00 7.50
CA GLU A 142 -3.86 39.94 6.48
C GLU A 142 -3.08 40.49 5.28
N PRO A 143 -3.46 41.64 4.67
CA PRO A 143 -2.78 42.13 3.47
C PRO A 143 -1.26 42.25 3.56
N GLU A 144 -0.71 42.33 4.79
CA GLU A 144 0.75 42.37 5.05
C GLU A 144 1.36 40.98 4.84
N HIS A 145 0.54 39.92 4.86
CA HIS A 145 0.98 38.51 4.97
C HIS A 145 0.52 37.67 3.77
N ILE A 146 -0.41 38.15 2.93
CA ILE A 146 -0.96 37.36 1.79
C ILE A 146 -0.69 38.05 0.45
N TRP A 147 -0.73 37.27 -0.63
CA TRP A 147 -0.51 37.73 -2.02
C TRP A 147 -1.82 37.68 -2.83
N THR A 148 -2.97 37.51 -2.16
CA THR A 148 -4.30 37.40 -2.83
C THR A 148 -5.23 38.57 -2.49
N CYS A 149 -6.08 38.96 -3.44
CA CYS A 149 -7.31 39.75 -3.16
C CYS A 149 -8.40 38.78 -2.69
N ASN A 150 -9.39 39.30 -1.96
CA ASN A 150 -10.61 38.57 -1.49
C ASN A 150 -11.76 39.59 -1.39
N LYS A 151 -12.98 39.15 -1.07
CA LYS A 151 -14.17 40.05 -1.04
C LYS A 151 -13.98 41.19 -0.01
N PHE A 152 -13.15 41.02 1.04
CA PHE A 152 -12.86 42.07 2.06
C PHE A 152 -12.04 43.22 1.46
N ARG A 153 -11.26 42.95 0.42
CA ARG A 153 -10.14 43.82 -0.02
C ARG A 153 -10.52 44.56 -1.29
N CYS A 154 -11.58 44.16 -1.99
CA CYS A 154 -11.89 44.71 -3.34
C CYS A 154 -12.29 46.18 -3.15
N GLY A 155 -11.48 47.12 -3.62
CA GLY A 155 -11.69 48.57 -3.44
C GLY A 155 -11.19 49.06 -2.09
N GLU A 156 -10.33 48.30 -1.43
CA GLU A 156 -9.66 48.71 -0.16
C GLU A 156 -9.00 50.06 -0.39
N LYS A 157 -8.98 50.89 0.65
CA LYS A 157 -8.04 52.03 0.75
C LYS A 157 -6.65 51.41 0.77
N ARG A 158 -5.81 51.79 -0.17
CA ARG A 158 -4.40 51.34 -0.27
C ARG A 158 -3.77 51.35 1.15
N LEU A 159 -3.15 50.24 1.55
CA LEU A 159 -2.29 50.12 2.76
C LEU A 159 -0.82 50.14 2.32
N THR A 160 0.06 50.77 3.10
CA THR A 160 1.49 50.94 2.74
C THR A 160 2.25 49.63 2.99
N ARG A 161 1.81 48.82 3.96
CA ARG A 161 2.50 47.57 4.38
C ARG A 161 1.99 46.35 3.60
N SER A 162 0.95 46.52 2.77
CA SER A 162 0.35 45.42 1.96
C SER A 162 1.37 44.96 0.91
N LEU A 163 1.46 43.62 0.71
CA LEU A 163 2.42 42.97 -0.22
C LEU A 163 2.02 43.21 -1.68
N CYS A 164 0.72 43.25 -1.96
CA CYS A 164 0.15 43.79 -3.23
C CYS A 164 -1.17 44.50 -2.89
N ALA A 165 -1.74 45.21 -3.87
CA ALA A 165 -2.93 46.06 -3.70
C ALA A 165 -4.16 45.42 -4.35
N CYS A 166 -5.33 45.74 -3.81
CA CYS A 166 -6.66 45.47 -4.42
C CYS A 166 -7.45 46.77 -4.50
N SER A 167 -6.74 47.91 -4.39
CA SER A 167 -7.32 49.27 -4.40
C SER A 167 -7.75 49.61 -5.83
N ASP A 168 -8.71 50.50 -6.01
CA ASP A 168 -9.27 50.83 -7.35
C ASP A 168 -8.13 51.27 -8.27
N ASP A 169 -7.10 51.89 -7.71
CA ASP A 169 -5.99 52.53 -8.47
C ASP A 169 -4.87 51.51 -8.75
N CYS A 170 -5.05 50.23 -8.40
CA CYS A 170 -3.95 49.22 -8.40
C CYS A 170 -3.45 48.99 -9.84
N LYS A 171 -4.35 49.00 -10.83
CA LYS A 171 -3.99 48.71 -12.25
C LYS A 171 -3.13 49.86 -12.77
N ASP A 172 -3.52 51.11 -12.53
CA ASP A 172 -2.70 52.31 -12.88
C ASP A 172 -1.31 52.16 -12.25
N LYS A 173 -1.21 51.92 -10.95
CA LYS A 173 0.11 51.80 -10.24
C LYS A 173 0.75 50.45 -10.56
N GLY A 174 0.01 49.51 -11.17
CA GLY A 174 0.52 48.23 -11.70
C GLY A 174 1.05 47.31 -10.61
N ASP A 175 0.36 47.22 -9.48
CA ASP A 175 0.74 46.35 -8.33
C ASP A 175 -0.48 45.64 -7.76
N CYS A 176 -1.51 45.44 -8.57
CA CYS A 176 -2.65 44.55 -8.23
C CYS A 176 -2.10 43.19 -7.84
N CYS A 177 -2.70 42.52 -6.86
CA CYS A 177 -2.44 41.07 -6.61
C CYS A 177 -2.79 40.33 -7.89
N ILE A 178 -2.19 39.17 -8.13
CA ILE A 178 -2.41 38.44 -9.40
C ILE A 178 -3.89 38.09 -9.59
N ASN A 179 -4.62 37.76 -8.52
CA ASN A 179 -6.03 37.31 -8.68
C ASN A 179 -6.99 38.52 -8.68
N TYR A 180 -6.49 39.74 -8.87
CA TYR A 180 -7.31 40.98 -8.77
C TYR A 180 -8.51 40.89 -9.71
N SER A 181 -8.25 40.70 -11.00
CA SER A 181 -9.28 40.70 -12.07
C SER A 181 -10.30 39.57 -11.84
N SER A 182 -9.84 38.40 -11.41
CA SER A 182 -10.71 37.22 -11.13
C SER A 182 -11.73 37.59 -10.04
N VAL A 183 -11.24 38.14 -8.94
CA VAL A 183 -12.01 38.28 -7.66
C VAL A 183 -12.77 39.60 -7.66
N CYS A 184 -12.13 40.70 -8.05
CA CYS A 184 -12.63 42.08 -7.87
C CYS A 184 -13.29 42.61 -9.14
N GLN A 185 -13.02 42.05 -10.31
CA GLN A 185 -13.73 42.47 -11.55
C GLN A 185 -14.60 41.32 -12.06
N GLY A 186 -14.71 40.21 -11.33
CA GLY A 186 -15.60 39.08 -11.67
C GLY A 186 -15.22 38.37 -12.96
N GLU A 187 -14.00 38.55 -13.48
CA GLU A 187 -13.50 37.84 -14.68
C GLU A 187 -13.13 36.41 -14.31
N LYS A 188 -12.86 35.56 -15.29
CA LYS A 188 -12.50 34.13 -15.07
C LYS A 188 -10.98 33.99 -14.94
N SER A 189 -10.53 33.16 -14.00
CA SER A 189 -9.10 32.82 -13.80
C SER A 189 -8.65 31.91 -14.95
N TRP A 190 -7.34 31.76 -15.14
CA TRP A 190 -6.85 30.83 -16.18
C TRP A 190 -7.50 29.46 -15.97
N VAL A 191 -7.59 28.97 -14.74
CA VAL A 191 -8.08 27.58 -14.51
C VAL A 191 -9.57 27.52 -14.86
N GLU A 192 -10.30 28.63 -14.72
CA GLU A 192 -11.77 28.70 -14.96
C GLU A 192 -12.08 28.76 -16.45
N GLU A 193 -11.17 29.25 -17.29
CA GLU A 193 -11.40 29.27 -18.75
C GLU A 193 -11.39 27.84 -19.28
N PRO A 194 -12.29 27.48 -20.21
CA PRO A 194 -12.17 26.19 -20.90
C PRO A 194 -10.86 26.13 -21.72
N CYS A 195 -10.33 24.94 -22.00
CA CYS A 195 -9.16 24.78 -22.91
C CYS A 195 -9.50 25.47 -24.22
N GLU A 196 -8.57 26.18 -24.83
CA GLU A 196 -8.66 26.46 -26.30
C GLU A 196 -7.26 26.35 -26.87
N SER A 197 -7.20 25.75 -28.05
CA SER A 197 -5.98 25.40 -28.80
C SER A 197 -5.14 26.65 -29.12
N ILE A 198 -3.82 26.50 -29.16
CA ILE A 198 -2.82 27.57 -29.44
C ILE A 198 -2.04 27.15 -30.67
N ASN A 199 -2.62 27.33 -31.87
CA ASN A 199 -1.97 26.84 -33.12
C ASN A 199 -0.91 27.85 -33.54
N GLU A 200 -1.22 29.13 -33.56
CA GLU A 200 -0.23 30.24 -33.72
C GLU A 200 0.07 30.77 -32.33
N PRO A 201 1.33 30.95 -31.93
CA PRO A 201 1.65 31.67 -30.69
C PRO A 201 1.25 33.15 -30.81
N GLN A 202 0.85 33.78 -29.70
CA GLN A 202 0.52 35.23 -29.63
C GLN A 202 1.54 35.85 -28.69
N CYS A 203 2.71 36.21 -29.25
CA CYS A 203 3.93 36.60 -28.50
C CYS A 203 4.29 38.04 -28.85
N PRO A 204 4.91 38.78 -27.91
CA PRO A 204 5.45 40.10 -28.21
C PRO A 204 6.71 40.02 -29.10
N ALA A 205 7.09 41.15 -29.70
CA ALA A 205 8.42 41.32 -30.31
C ALA A 205 9.48 40.87 -29.29
N GLY A 206 10.41 40.03 -29.73
CA GLY A 206 11.51 39.46 -28.92
C GLY A 206 11.31 37.98 -28.74
N PHE A 207 10.05 37.56 -28.75
CA PHE A 207 9.62 36.14 -28.57
C PHE A 207 9.14 35.57 -29.92
N GLU A 208 9.81 35.94 -31.01
CA GLU A 208 9.62 35.31 -32.34
C GLU A 208 9.86 33.80 -32.17
N THR A 209 10.82 33.43 -31.33
CA THR A 209 10.87 32.09 -30.68
C THR A 209 10.27 32.23 -29.29
N PRO A 210 9.18 31.52 -28.96
CA PRO A 210 8.54 31.72 -27.67
C PRO A 210 9.37 31.12 -26.54
N PRO A 211 9.25 31.67 -25.31
CA PRO A 211 10.06 31.27 -24.18
C PRO A 211 9.64 29.87 -23.74
N THR A 212 10.55 29.14 -23.10
CA THR A 212 10.26 27.86 -22.41
C THR A 212 10.55 28.06 -20.91
N LEU A 213 9.67 27.57 -20.06
CA LEU A 213 9.85 27.62 -18.58
C LEU A 213 9.76 26.20 -18.05
N LEU A 214 10.81 25.75 -17.40
CA LEU A 214 10.92 24.44 -16.74
C LEU A 214 10.56 24.64 -15.27
N PHE A 215 9.38 24.16 -14.86
CA PHE A 215 8.80 24.31 -13.50
C PHE A 215 8.88 22.95 -12.78
N SER A 216 9.76 22.85 -11.79
CA SER A 216 9.98 21.59 -11.03
C SER A 216 9.24 21.64 -9.69
N LEU A 217 8.44 20.61 -9.43
CA LEU A 217 7.90 20.27 -8.09
C LEU A 217 8.69 19.06 -7.57
N ASP A 218 9.61 19.29 -6.65
CA ASP A 218 10.49 18.24 -6.09
C ASP A 218 9.60 17.12 -5.52
N GLY A 219 9.85 15.86 -5.89
CA GLY A 219 9.26 14.67 -5.27
C GLY A 219 7.77 14.53 -5.54
N PHE A 220 7.27 15.14 -6.61
CA PHE A 220 5.90 14.90 -7.13
C PHE A 220 5.93 13.58 -7.86
N ARG A 221 5.59 12.49 -7.17
CA ARG A 221 5.45 11.17 -7.83
C ARG A 221 4.22 11.23 -8.74
N ALA A 222 4.34 10.62 -9.91
CA ALA A 222 3.27 10.54 -10.93
C ALA A 222 1.94 10.16 -10.25
N GLU A 223 1.97 9.20 -9.32
CA GLU A 223 0.75 8.66 -8.67
C GLU A 223 -0.06 9.78 -8.02
N TYR A 224 0.57 10.82 -7.47
CA TYR A 224 -0.14 11.95 -6.78
C TYR A 224 -1.24 12.50 -7.70
N LEU A 225 -0.98 12.64 -9.01
CA LEU A 225 -1.98 13.19 -9.95
C LEU A 225 -2.99 12.11 -10.33
N HIS A 226 -2.58 10.83 -10.40
CA HIS A 226 -3.49 9.70 -10.70
C HIS A 226 -4.64 9.69 -9.71
N THR A 227 -4.33 9.92 -8.45
CA THR A 227 -5.16 9.60 -7.26
C THR A 227 -5.84 10.87 -6.74
N TRP A 228 -5.11 11.99 -6.63
CA TRP A 228 -5.61 13.24 -6.02
C TRP A 228 -5.90 14.32 -7.06
N GLY A 229 -6.06 13.94 -8.33
CA GLY A 229 -6.34 14.90 -9.43
C GLY A 229 -7.56 15.76 -9.13
N GLY A 230 -8.58 15.17 -8.51
CA GLY A 230 -9.79 15.89 -8.09
C GLY A 230 -9.51 17.02 -7.11
N LEU A 231 -8.36 17.01 -6.42
CA LEU A 231 -8.00 18.04 -5.42
C LEU A 231 -7.01 19.04 -6.04
N LEU A 232 -6.58 18.79 -7.29
CA LEU A 232 -5.52 19.57 -7.98
C LEU A 232 -6.05 20.13 -9.31
N PRO A 233 -6.93 21.14 -9.25
CA PRO A 233 -7.64 21.59 -10.44
C PRO A 233 -6.75 22.17 -11.54
N VAL A 234 -5.69 22.90 -11.16
CA VAL A 234 -4.81 23.62 -12.12
C VAL A 234 -3.95 22.61 -12.87
N ILE A 235 -3.20 21.79 -12.15
CA ILE A 235 -2.33 20.76 -12.79
C ILE A 235 -3.22 19.86 -13.65
N SER A 236 -4.42 19.52 -13.15
CA SER A 236 -5.43 18.75 -13.89
C SER A 236 -5.81 19.48 -15.19
N LYS A 237 -6.04 20.80 -15.17
CA LYS A 237 -6.43 21.52 -16.42
C LYS A 237 -5.27 21.53 -17.40
N LEU A 238 -4.02 21.71 -16.93
CA LEU A 238 -2.82 21.63 -17.80
C LEU A 238 -2.76 20.25 -18.47
N LYS A 239 -2.90 19.17 -17.71
CA LYS A 239 -3.03 17.81 -18.26
C LYS A 239 -4.10 17.79 -19.35
N LYS A 240 -5.32 18.22 -19.02
CA LYS A 240 -6.48 18.20 -19.95
C LYS A 240 -6.15 18.95 -21.24
N CYS A 241 -5.58 20.16 -21.16
CA CYS A 241 -5.42 21.07 -22.31
C CYS A 241 -4.09 20.86 -23.02
N GLY A 242 -3.22 20.00 -22.48
CA GLY A 242 -1.80 19.99 -22.87
C GLY A 242 -1.33 18.61 -23.29
N THR A 243 -0.04 18.37 -23.14
CA THR A 243 0.64 17.10 -23.47
C THR A 243 1.06 16.51 -22.12
N TYR A 244 0.57 15.31 -21.79
CA TYR A 244 0.77 14.64 -20.48
C TYR A 244 1.24 13.20 -20.69
N THR A 245 2.05 12.67 -19.78
CA THR A 245 2.32 11.21 -19.70
C THR A 245 2.05 10.75 -18.27
N LYS A 246 1.37 9.61 -18.11
CA LYS A 246 0.98 9.12 -16.77
C LYS A 246 2.25 8.92 -15.94
N ASN A 247 3.38 8.67 -16.62
CA ASN A 247 4.67 8.34 -15.97
C ASN A 247 5.82 8.83 -16.83
N MET A 248 6.64 9.73 -16.29
CA MET A 248 7.97 10.09 -16.86
C MET A 248 9.03 9.38 -16.01
N ARG A 249 9.88 8.57 -16.66
CA ARG A 249 10.88 7.72 -15.96
C ARG A 249 12.09 8.58 -15.63
N PRO A 250 12.44 8.66 -14.33
CA PRO A 250 13.65 9.35 -13.92
C PRO A 250 14.89 8.48 -14.18
N VAL A 251 16.06 9.08 -13.97
CA VAL A 251 17.39 8.39 -13.97
C VAL A 251 17.67 7.84 -12.56
N TYR A 252 18.42 6.74 -12.50
CA TYR A 252 18.98 6.11 -11.27
C TYR A 252 20.26 6.85 -10.92
N PRO A 253 20.54 7.12 -9.62
CA PRO A 253 19.56 6.92 -8.56
C PRO A 253 18.48 8.01 -8.59
N THR A 254 17.25 7.65 -8.21
CA THR A 254 16.07 8.54 -8.26
C THR A 254 16.18 9.59 -7.15
N LYS A 255 17.19 10.45 -7.24
CA LYS A 255 17.52 11.50 -6.25
C LYS A 255 17.44 12.86 -6.95
N THR A 256 17.33 13.94 -6.17
CA THR A 256 17.09 15.33 -6.62
C THR A 256 18.23 15.85 -7.51
N PHE A 257 19.46 15.98 -6.99
CA PHE A 257 20.58 16.62 -7.74
C PHE A 257 20.81 15.83 -9.03
N PRO A 258 21.00 14.50 -9.00
CA PRO A 258 21.11 13.71 -10.23
C PRO A 258 20.02 13.96 -11.29
N ASN A 259 18.74 13.91 -10.91
CA ASN A 259 17.63 13.99 -11.89
C ASN A 259 17.48 15.43 -12.43
N HIS A 260 17.53 16.45 -11.58
CA HIS A 260 17.41 17.86 -12.02
C HIS A 260 18.51 18.12 -13.07
N TYR A 261 19.74 17.70 -12.77
CA TYR A 261 20.90 18.00 -13.64
C TYR A 261 20.77 17.18 -14.92
N SER A 262 20.27 15.95 -14.83
CA SER A 262 19.95 15.10 -16.00
C SER A 262 18.95 15.82 -16.90
N ILE A 263 17.91 16.42 -16.33
CA ILE A 263 16.79 16.98 -17.14
C ILE A 263 17.39 18.03 -18.08
N VAL A 264 18.29 18.87 -17.57
CA VAL A 264 18.80 20.07 -18.28
C VAL A 264 20.06 19.72 -19.08
N THR A 265 20.55 18.48 -19.06
CA THR A 265 21.75 18.08 -19.84
C THR A 265 21.46 16.97 -20.85
N GLY A 266 20.41 16.19 -20.60
CA GLY A 266 20.03 15.01 -21.43
C GLY A 266 20.98 13.87 -21.20
N LEU A 267 21.76 13.93 -20.13
CA LEU A 267 22.80 12.94 -19.78
C LEU A 267 22.34 12.07 -18.62
N TYR A 268 22.71 10.79 -18.68
CA TYR A 268 22.75 9.89 -17.51
C TYR A 268 23.70 10.50 -16.49
N PRO A 269 23.46 10.31 -15.18
CA PRO A 269 24.41 10.73 -14.15
C PRO A 269 25.83 10.21 -14.37
N GLU A 270 25.98 8.92 -14.71
CA GLU A 270 27.31 8.29 -14.97
C GLU A 270 28.11 9.17 -15.94
N SER A 271 27.44 10.01 -16.73
CA SER A 271 28.08 10.89 -17.74
C SER A 271 28.14 12.34 -17.25
N HIS A 272 27.15 12.83 -16.50
CA HIS A 272 27.17 14.27 -16.10
C HIS A 272 27.92 14.42 -14.78
N GLY A 273 28.15 13.35 -14.03
CA GLY A 273 29.07 13.38 -12.87
C GLY A 273 28.37 13.68 -11.56
N ILE A 274 27.12 14.12 -11.58
CA ILE A 274 26.35 14.36 -10.33
C ILE A 274 25.56 13.09 -10.03
N ILE A 275 26.22 12.10 -9.43
CA ILE A 275 25.60 10.76 -9.23
C ILE A 275 24.87 10.70 -7.88
N ASP A 276 25.07 11.69 -6.99
CA ASP A 276 24.34 11.79 -5.69
C ASP A 276 24.59 13.16 -5.06
N ASN A 277 23.93 13.46 -3.94
CA ASN A 277 24.11 14.74 -3.20
C ASN A 277 25.44 14.69 -2.45
N LYS A 278 25.94 13.48 -2.19
CA LYS A 278 27.21 13.16 -1.47
C LYS A 278 28.03 12.23 -2.34
N MET A 279 29.24 12.62 -2.74
CA MET A 279 30.13 11.83 -3.62
C MET A 279 31.58 11.92 -3.13
N TYR A 280 32.39 10.92 -3.49
CA TYR A 280 33.88 10.96 -3.45
C TYR A 280 34.43 10.68 -4.85
N ASP A 281 35.25 11.58 -5.39
CA ASP A 281 36.04 11.35 -6.62
C ASP A 281 37.46 10.97 -6.19
N PRO A 282 37.99 9.79 -6.59
CA PRO A 282 39.34 9.39 -6.22
C PRO A 282 40.42 10.14 -7.01
N LYS A 283 40.19 10.42 -8.29
CA LYS A 283 41.12 11.18 -9.16
C LYS A 283 41.31 12.59 -8.57
N MET A 284 40.25 13.18 -8.02
CA MET A 284 40.30 14.55 -7.44
C MET A 284 40.75 14.48 -5.97
N ASN A 285 40.58 13.31 -5.34
CA ASN A 285 40.72 13.11 -3.88
C ASN A 285 39.99 14.25 -3.16
N ALA A 286 38.76 14.55 -3.60
CA ALA A 286 37.85 15.54 -2.99
C ALA A 286 36.48 14.89 -2.77
N SER A 287 35.72 15.41 -1.82
CA SER A 287 34.31 15.01 -1.52
C SER A 287 33.34 16.13 -1.94
N PHE A 288 32.19 15.73 -2.49
CA PHE A 288 31.08 16.62 -2.89
C PHE A 288 30.02 16.59 -1.80
N SER A 289 29.63 17.78 -1.31
CA SER A 289 28.52 17.99 -0.34
C SER A 289 27.71 19.21 -0.76
N LEU A 290 26.39 19.21 -0.52
CA LEU A 290 25.55 20.41 -0.77
C LEU A 290 25.80 21.45 0.33
N LYS A 291 26.39 21.05 1.47
CA LYS A 291 26.68 21.92 2.63
C LYS A 291 28.07 22.56 2.50
N SER A 292 28.81 22.23 1.43
CA SER A 292 30.28 22.41 1.31
C SER A 292 30.60 23.42 0.20
N LYS A 293 31.85 23.85 0.11
CA LYS A 293 32.34 24.82 -0.91
C LYS A 293 32.52 24.10 -2.24
N GLU A 294 32.64 22.76 -2.23
CA GLU A 294 32.96 21.92 -3.43
C GLU A 294 31.70 21.84 -4.30
N LYS A 295 30.52 22.05 -3.71
CA LYS A 295 29.21 22.19 -4.40
C LYS A 295 29.34 23.20 -5.55
N PHE A 296 30.17 24.24 -5.37
CA PHE A 296 30.36 25.37 -6.34
C PHE A 296 31.51 25.08 -7.32
N ASN A 297 32.16 23.93 -7.20
CA ASN A 297 33.40 23.61 -7.97
C ASN A 297 33.00 23.04 -9.33
N PRO A 298 33.26 23.76 -10.43
CA PRO A 298 32.86 23.32 -11.77
C PRO A 298 33.37 21.93 -12.20
N GLU A 299 34.40 21.41 -11.53
CA GLU A 299 35.00 20.10 -11.88
C GLU A 299 33.95 19.00 -11.79
N TRP A 300 32.99 19.14 -10.86
CA TRP A 300 31.92 18.14 -10.62
C TRP A 300 30.91 18.10 -11.77
N TYR A 301 30.50 19.26 -12.27
CA TYR A 301 29.41 19.41 -13.26
C TYR A 301 29.99 19.21 -14.68
N LYS A 302 29.71 18.06 -15.28
CA LYS A 302 30.07 17.71 -16.68
C LYS A 302 28.90 18.06 -17.60
N GLY A 303 29.06 17.73 -18.88
CA GLY A 303 28.02 17.93 -19.91
C GLY A 303 27.68 19.40 -20.03
N GLU A 304 26.61 19.70 -20.76
CA GLU A 304 26.21 21.09 -21.08
C GLU A 304 24.75 21.27 -20.69
N PRO A 305 24.48 22.03 -19.60
CA PRO A 305 23.11 22.39 -19.23
C PRO A 305 22.50 23.26 -20.35
N ILE A 306 21.18 23.18 -20.51
CA ILE A 306 20.49 23.87 -21.63
C ILE A 306 20.76 25.38 -21.54
N TRP A 307 20.94 25.94 -20.34
CA TRP A 307 21.13 27.42 -20.23
C TRP A 307 22.45 27.81 -20.89
N VAL A 308 23.43 26.92 -20.87
CA VAL A 308 24.73 27.12 -21.59
C VAL A 308 24.47 26.94 -23.09
N THR A 309 23.89 25.81 -23.51
CA THR A 309 23.52 25.55 -24.92
C THR A 309 22.89 26.82 -25.51
N ALA A 310 21.95 27.41 -24.77
CA ALA A 310 21.14 28.57 -25.21
C ALA A 310 22.05 29.78 -25.40
N LYS A 311 22.96 30.04 -24.45
CA LYS A 311 23.84 31.24 -24.44
C LYS A 311 24.71 31.23 -25.69
N TYR A 312 25.32 30.08 -26.00
CA TYR A 312 26.19 29.85 -27.18
C TYR A 312 25.41 30.11 -28.48
N GLN A 313 24.08 29.98 -28.47
CA GLN A 313 23.26 30.25 -29.68
C GLN A 313 22.45 31.53 -29.46
N GLY A 314 22.83 32.35 -28.48
CA GLY A 314 22.42 33.76 -28.36
C GLY A 314 21.12 33.97 -27.59
N LEU A 315 20.59 32.96 -26.90
CA LEU A 315 19.42 33.08 -26.00
C LEU A 315 19.85 33.24 -24.54
N LYS A 316 19.30 34.23 -23.85
CA LYS A 316 19.54 34.48 -22.40
C LYS A 316 18.64 33.59 -21.55
N SER A 317 18.99 33.42 -20.27
CA SER A 317 18.36 32.43 -19.38
C SER A 317 18.11 33.03 -17.99
N GLY A 318 16.99 32.71 -17.38
CA GLY A 318 16.64 33.13 -16.01
C GLY A 318 16.24 31.93 -15.17
N THR A 319 17.02 31.62 -14.15
CA THR A 319 16.82 30.41 -13.31
C THR A 319 16.53 30.82 -11.88
N PHE A 320 15.28 30.69 -11.43
CA PHE A 320 14.96 30.88 -10.00
C PHE A 320 15.09 29.51 -9.34
N PHE A 321 16.35 29.10 -9.11
CA PHE A 321 16.78 27.84 -8.46
C PHE A 321 16.78 26.71 -9.51
N TRP A 322 17.92 26.04 -9.64
CA TRP A 322 18.08 24.73 -10.31
C TRP A 322 19.46 24.24 -9.90
N PRO A 323 19.69 22.94 -9.64
CA PRO A 323 21.05 22.44 -9.43
C PRO A 323 21.98 22.78 -10.61
N GLY A 324 23.15 23.36 -10.31
CA GLY A 324 24.15 23.79 -11.31
C GLY A 324 23.97 25.23 -11.76
N SER A 325 22.81 25.84 -11.59
CA SER A 325 22.55 27.22 -12.06
C SER A 325 23.33 28.25 -11.22
N ASP A 326 23.95 27.82 -10.11
CA ASP A 326 24.73 28.71 -9.22
C ASP A 326 26.21 28.32 -9.31
N VAL A 327 26.59 27.62 -10.39
CA VAL A 327 27.95 27.13 -10.67
C VAL A 327 28.37 27.67 -12.05
N GLU A 328 29.59 28.19 -12.16
CA GLU A 328 30.17 28.63 -13.45
C GLU A 328 30.52 27.37 -14.27
N ILE A 329 29.66 27.01 -15.23
CA ILE A 329 29.81 25.80 -16.08
C ILE A 329 30.17 26.22 -17.52
N ASN A 330 31.18 25.59 -18.12
CA ASN A 330 31.90 26.05 -19.34
C ASN A 330 32.04 27.59 -19.26
N GLY A 331 32.41 28.10 -18.07
CA GLY A 331 32.71 29.52 -17.82
C GLY A 331 31.48 30.43 -17.84
N ILE A 332 30.26 29.88 -17.81
CA ILE A 332 29.01 30.65 -17.96
C ILE A 332 28.07 30.40 -16.77
N PHE A 333 27.41 31.46 -16.29
CA PHE A 333 26.20 31.42 -15.43
C PHE A 333 24.97 31.74 -16.28
N PRO A 334 23.75 31.43 -15.81
CA PRO A 334 22.54 31.96 -16.44
C PRO A 334 22.61 33.49 -16.39
N ASP A 335 22.01 34.20 -17.33
CA ASP A 335 22.04 35.69 -17.35
C ASP A 335 21.44 36.23 -16.05
N ILE A 336 20.35 35.63 -15.58
CA ILE A 336 19.78 35.85 -14.21
C ILE A 336 19.74 34.50 -13.51
N TYR A 337 20.25 34.45 -12.28
CA TYR A 337 20.22 33.25 -11.41
C TYR A 337 20.10 33.72 -9.97
N LYS A 338 19.73 32.81 -9.07
CA LYS A 338 19.44 33.11 -7.66
C LYS A 338 20.27 32.14 -6.81
N MET A 339 20.91 32.64 -5.76
CA MET A 339 21.62 31.78 -4.79
C MET A 339 20.54 30.98 -4.06
N TYR A 340 20.73 29.66 -3.99
CA TYR A 340 19.66 28.77 -3.46
C TYR A 340 19.37 29.18 -2.02
N ASN A 341 18.10 29.45 -1.72
CA ASN A 341 17.62 29.81 -0.37
C ASN A 341 16.19 29.29 -0.24
N GLY A 342 16.03 28.10 0.35
CA GLY A 342 14.74 27.39 0.47
C GLY A 342 13.70 28.19 1.23
N SER A 343 14.09 29.25 1.93
CA SER A 343 13.17 30.03 2.79
C SER A 343 12.41 31.07 1.97
N VAL A 344 12.83 31.31 0.73
CA VAL A 344 12.14 32.30 -0.13
C VAL A 344 10.74 31.77 -0.39
N PRO A 345 9.68 32.51 -0.01
CA PRO A 345 8.31 32.03 -0.17
C PRO A 345 8.00 31.75 -1.65
N PHE A 346 7.19 30.74 -1.95
CA PHE A 346 6.92 30.31 -3.35
C PHE A 346 6.40 31.49 -4.16
N GLU A 347 5.48 32.27 -3.57
CA GLU A 347 4.82 33.41 -4.26
C GLU A 347 5.88 34.37 -4.80
N GLU A 348 6.97 34.57 -4.04
CA GLU A 348 8.04 35.53 -4.39
C GLU A 348 8.82 35.02 -5.60
N ARG A 349 8.99 33.70 -5.72
CA ARG A 349 9.75 33.08 -6.83
C ARG A 349 8.91 33.27 -8.10
N ILE A 350 7.62 32.97 -8.04
CA ILE A 350 6.72 33.10 -9.21
C ILE A 350 6.64 34.57 -9.62
N LEU A 351 6.59 35.49 -8.66
CA LEU A 351 6.44 36.94 -8.97
C LEU A 351 7.72 37.45 -9.64
N ALA A 352 8.88 36.93 -9.26
CA ALA A 352 10.18 37.30 -9.83
C ALA A 352 10.24 36.84 -11.29
N VAL A 353 9.82 35.62 -11.58
CA VAL A 353 9.87 35.11 -12.97
C VAL A 353 8.93 35.97 -13.81
N LEU A 354 7.81 36.42 -13.25
CA LEU A 354 6.85 37.28 -13.98
C LEU A 354 7.47 38.66 -14.22
N GLN A 355 8.33 39.15 -13.31
CA GLN A 355 9.11 40.40 -13.53
C GLN A 355 10.07 40.21 -14.71
N TRP A 356 10.74 39.05 -14.76
CA TRP A 356 11.73 38.73 -15.81
C TRP A 356 11.04 38.74 -17.17
N LEU A 357 9.77 38.32 -17.22
CA LEU A 357 8.99 38.15 -18.48
C LEU A 357 8.47 39.50 -18.98
N GLN A 358 8.67 40.56 -18.17
CA GLN A 358 8.36 41.96 -18.54
C GLN A 358 9.64 42.77 -18.78
N LEU A 359 10.83 42.17 -18.70
CA LEU A 359 12.10 42.86 -19.04
C LEU A 359 12.02 43.31 -20.49
N PRO A 360 12.72 44.41 -20.87
CA PRO A 360 12.85 44.77 -22.29
C PRO A 360 13.51 43.63 -23.07
N LYS A 361 13.19 43.51 -24.37
CA LYS A 361 13.46 42.29 -25.18
C LYS A 361 14.96 42.01 -25.27
N ASP A 362 15.79 43.05 -25.24
CA ASP A 362 17.27 42.91 -25.34
C ASP A 362 17.81 42.10 -24.16
N GLU A 363 17.25 42.21 -22.94
CA GLU A 363 17.80 41.54 -21.73
C GLU A 363 16.86 40.44 -21.18
N ARG A 364 15.68 40.25 -21.76
CA ARG A 364 14.65 39.29 -21.28
C ARG A 364 15.04 37.87 -21.69
N PRO A 365 15.17 36.92 -20.75
CA PRO A 365 15.50 35.54 -21.10
C PRO A 365 14.45 34.84 -21.98
N HIS A 366 14.85 33.75 -22.63
CA HIS A 366 14.02 32.78 -23.39
C HIS A 366 13.85 31.49 -22.58
N PHE A 367 14.87 31.09 -21.81
CA PHE A 367 14.79 29.86 -20.98
C PHE A 367 14.73 30.24 -19.51
N TYR A 368 13.71 29.73 -18.81
CA TYR A 368 13.41 30.04 -17.40
C TYR A 368 13.31 28.73 -16.63
N THR A 369 13.68 28.73 -15.34
CA THR A 369 13.36 27.63 -14.42
C THR A 369 12.66 28.20 -13.19
N LEU A 370 11.75 27.39 -12.65
CA LEU A 370 11.07 27.61 -11.35
C LEU A 370 11.13 26.30 -10.58
N TYR A 371 11.39 26.36 -9.28
CA TYR A 371 11.57 25.17 -8.43
C TYR A 371 10.91 25.43 -7.10
N LEU A 372 10.15 24.44 -6.62
CA LEU A 372 9.52 24.40 -5.28
C LEU A 372 9.98 23.11 -4.59
N GLU A 373 10.18 23.18 -3.28
CA GLU A 373 10.68 22.05 -2.45
C GLU A 373 9.55 21.07 -2.15
N GLU A 374 8.29 21.45 -2.36
CA GLU A 374 7.12 20.57 -2.14
C GLU A 374 6.71 19.94 -3.47
N PRO A 375 6.09 18.74 -3.47
CA PRO A 375 5.82 17.97 -2.26
C PRO A 375 6.88 17.02 -1.70
N ASP A 376 8.15 17.21 -2.03
CA ASP A 376 9.25 16.34 -1.54
C ASP A 376 9.37 16.50 -0.02
N SER A 377 9.39 17.74 0.47
CA SER A 377 9.61 18.07 1.91
C SER A 377 8.59 17.29 2.73
N SER A 378 7.30 17.56 2.51
CA SER A 378 6.17 16.91 3.21
C SER A 378 6.25 15.41 3.02
N GLY A 379 6.64 14.97 1.83
CA GLY A 379 6.69 13.54 1.47
C GLY A 379 7.62 12.79 2.39
N HIS A 380 8.84 13.29 2.60
CA HIS A 380 9.84 12.72 3.53
C HIS A 380 9.29 12.80 4.95
N SER A 381 8.94 14.00 5.37
CA SER A 381 8.62 14.34 6.77
C SER A 381 7.39 13.56 7.26
N TYR A 382 6.36 13.36 6.43
CA TYR A 382 5.08 12.79 6.92
C TYR A 382 4.65 11.56 6.12
N GLY A 383 5.35 11.22 5.04
CA GLY A 383 5.05 10.06 4.18
C GLY A 383 4.21 10.48 2.98
N PRO A 384 4.28 9.74 1.86
CA PRO A 384 3.56 10.11 0.63
C PRO A 384 2.04 10.03 0.73
N VAL A 385 1.52 9.22 1.66
CA VAL A 385 0.07 9.18 1.97
C VAL A 385 -0.14 9.80 3.35
N SER A 386 -0.61 11.04 3.39
CA SER A 386 -0.61 11.89 4.60
C SER A 386 -1.37 13.19 4.34
N SER A 387 -1.99 13.73 5.37
CA SER A 387 -2.67 15.06 5.33
C SER A 387 -1.67 16.11 4.85
N GLU A 388 -0.41 16.01 5.26
CA GLU A 388 0.62 17.05 5.00
C GLU A 388 0.91 17.10 3.49
N VAL A 389 1.04 15.95 2.86
CA VAL A 389 1.30 15.84 1.40
C VAL A 389 0.08 16.38 0.63
N ILE A 390 -1.13 16.03 1.05
CA ILE A 390 -2.36 16.48 0.34
C ILE A 390 -2.32 18.00 0.33
N LYS A 391 -1.98 18.59 1.48
CA LYS A 391 -2.01 20.06 1.67
C LYS A 391 -0.91 20.67 0.80
N ALA A 392 0.23 20.01 0.68
CA ALA A 392 1.38 20.52 -0.09
C ALA A 392 1.04 20.47 -1.58
N LEU A 393 0.40 19.38 -2.02
CA LEU A 393 -0.06 19.19 -3.42
C LEU A 393 -1.00 20.34 -3.78
N GLN A 394 -1.91 20.66 -2.87
CA GLN A 394 -2.90 21.74 -3.08
C GLN A 394 -2.13 23.06 -3.17
N ARG A 395 -1.09 23.23 -2.35
CA ARG A 395 -0.30 24.47 -2.30
C ARG A 395 0.39 24.63 -3.66
N VAL A 396 1.10 23.61 -4.13
CA VAL A 396 1.90 23.74 -5.40
C VAL A 396 0.89 23.91 -6.55
N ASP A 397 -0.26 23.24 -6.47
CA ASP A 397 -1.31 23.41 -7.50
C ASP A 397 -1.65 24.89 -7.60
N GLY A 398 -1.78 25.56 -6.45
CA GLY A 398 -2.20 26.96 -6.38
C GLY A 398 -1.12 27.87 -6.93
N MET A 399 0.13 27.51 -6.70
CA MET A 399 1.30 28.27 -7.19
C MET A 399 1.36 28.14 -8.70
N VAL A 400 1.10 26.94 -9.25
CA VAL A 400 1.01 26.78 -10.72
C VAL A 400 -0.12 27.68 -11.22
N GLY A 401 -1.25 27.69 -10.54
CA GLY A 401 -2.35 28.62 -10.85
C GLY A 401 -1.89 30.08 -10.86
N MET A 402 -1.11 30.49 -9.86
CA MET A 402 -0.62 31.89 -9.74
C MET A 402 0.21 32.23 -10.98
N LEU A 403 1.03 31.29 -11.45
CA LEU A 403 1.87 31.51 -12.65
C LEU A 403 0.94 31.69 -13.85
N MET A 404 0.05 30.73 -14.09
CA MET A 404 -0.82 30.78 -15.29
C MET A 404 -1.64 32.08 -15.24
N ASP A 405 -2.15 32.45 -14.06
CA ASP A 405 -2.98 33.68 -13.89
C ASP A 405 -2.11 34.88 -14.25
N GLY A 406 -0.86 34.87 -13.79
CA GLY A 406 0.09 35.96 -14.07
C GLY A 406 0.37 36.06 -15.56
N LEU A 407 0.58 34.91 -16.23
CA LEU A 407 0.91 34.90 -17.67
C LEU A 407 -0.30 35.47 -18.43
N LYS A 408 -1.52 35.12 -18.00
CA LYS A 408 -2.77 35.65 -18.61
C LYS A 408 -2.77 37.18 -18.50
N GLU A 409 -2.46 37.72 -17.33
CA GLU A 409 -2.43 39.19 -17.09
C GLU A 409 -1.47 39.84 -18.09
N LEU A 410 -0.37 39.15 -18.43
CA LEU A 410 0.71 39.68 -19.31
C LEU A 410 0.47 39.28 -20.78
N ASN A 411 -0.66 38.68 -21.07
CA ASN A 411 -1.02 38.19 -22.44
C ASN A 411 0.08 37.25 -22.95
N LEU A 412 0.63 36.40 -22.08
CA LEU A 412 1.75 35.47 -22.38
C LEU A 412 1.32 34.02 -22.22
N HIS A 413 0.04 33.77 -21.95
CA HIS A 413 -0.56 32.43 -21.70
C HIS A 413 -0.77 31.68 -23.01
N ARG A 414 -0.68 32.34 -24.15
CA ARG A 414 -0.69 31.67 -25.49
C ARG A 414 0.62 31.99 -26.18
N CYS A 415 1.69 32.13 -25.40
CA CYS A 415 3.05 32.41 -25.87
C CYS A 415 4.00 31.41 -25.21
N LEU A 416 4.14 31.47 -23.89
CA LEU A 416 5.14 30.69 -23.13
C LEU A 416 4.82 29.19 -23.22
N ASN A 417 5.85 28.38 -23.48
CA ASN A 417 5.83 26.91 -23.35
C ASN A 417 6.22 26.52 -21.92
N LEU A 418 5.28 25.95 -21.18
CA LEU A 418 5.47 25.46 -19.80
C LEU A 418 5.75 23.97 -19.85
N ILE A 419 6.82 23.52 -19.21
CA ILE A 419 7.04 22.10 -18.84
C ILE A 419 6.94 22.03 -17.32
N LEU A 420 5.84 21.50 -16.79
CA LEU A 420 5.67 21.19 -15.36
C LEU A 420 6.23 19.78 -15.16
N ILE A 421 7.17 19.63 -14.24
CA ILE A 421 8.01 18.39 -14.16
C ILE A 421 8.40 18.08 -12.71
N SER A 422 8.84 16.86 -12.44
CA SER A 422 9.47 16.51 -11.14
C SER A 422 10.69 15.62 -11.36
N ASP A 423 11.60 15.68 -10.39
CA ASP A 423 12.89 14.95 -10.40
C ASP A 423 12.62 13.46 -10.23
N HIS A 424 11.74 13.10 -9.30
CA HIS A 424 11.52 11.68 -8.91
C HIS A 424 10.24 11.53 -8.08
N GLY A 425 9.88 10.30 -7.76
CA GLY A 425 8.71 10.01 -6.92
C GLY A 425 9.05 10.00 -5.44
N MET A 426 8.29 9.24 -4.67
CA MET A 426 8.41 9.14 -3.19
C MET A 426 7.77 7.83 -2.74
N GLU A 427 8.39 7.18 -1.75
CA GLU A 427 8.00 5.85 -1.24
C GLU A 427 7.91 5.91 0.29
N GLN A 428 7.04 5.11 0.90
CA GLN A 428 6.96 4.98 2.37
C GLN A 428 8.09 4.08 2.87
N GLY A 429 9.02 4.64 3.63
CA GLY A 429 10.07 3.86 4.34
C GLY A 429 9.51 3.21 5.59
N SER A 430 10.21 2.20 6.10
CA SER A 430 9.86 1.46 7.33
C SER A 430 11.13 1.02 8.03
N CYS A 431 11.17 1.06 9.36
CA CYS A 431 12.31 0.57 10.17
C CYS A 431 12.41 -0.95 10.07
N LYS A 432 11.29 -1.62 9.74
CA LYS A 432 11.22 -3.08 9.52
C LYS A 432 11.66 -3.43 8.09
N LYS A 433 11.91 -2.43 7.23
CA LYS A 433 12.37 -2.63 5.83
C LYS A 433 13.68 -1.88 5.63
N TYR A 434 14.58 -1.97 6.60
CA TYR A 434 15.94 -1.36 6.56
C TYR A 434 16.96 -2.44 6.93
N ILE A 435 17.93 -2.66 6.06
CA ILE A 435 18.97 -3.72 6.18
C ILE A 435 20.22 -3.07 6.76
N TYR A 436 20.82 -3.69 7.77
CA TYR A 436 22.09 -3.23 8.40
C TYR A 436 23.17 -4.26 8.07
N LEU A 437 24.25 -3.80 7.43
CA LEU A 437 25.34 -4.64 6.89
C LEU A 437 26.15 -5.25 8.05
N ASN A 438 26.19 -4.56 9.19
CA ASN A 438 27.00 -4.97 10.37
C ASN A 438 26.51 -6.34 10.87
N LYS A 439 25.23 -6.67 10.63
CA LYS A 439 24.67 -8.02 10.93
C LYS A 439 25.48 -9.10 10.21
N TYR A 440 26.02 -8.81 9.03
CA TYR A 440 26.74 -9.80 8.17
C TYR A 440 28.26 -9.59 8.23
N LEU A 441 28.73 -8.37 8.52
CA LEU A 441 30.16 -7.98 8.42
C LEU A 441 30.78 -7.73 9.80
N GLY A 442 29.97 -7.60 10.85
CA GLY A 442 30.42 -7.12 12.17
C GLY A 442 30.69 -5.62 12.15
N ASP A 443 30.98 -5.02 13.30
CA ASP A 443 31.11 -3.54 13.46
C ASP A 443 32.49 -3.08 12.97
N VAL A 444 32.82 -3.41 11.72
CA VAL A 444 34.09 -3.07 11.01
C VAL A 444 34.18 -1.54 10.86
N LYS A 445 35.39 -0.99 10.85
CA LYS A 445 35.64 0.48 10.81
C LYS A 445 36.46 0.84 9.55
N ASN A 446 36.63 -0.08 8.60
CA ASN A 446 37.47 0.11 7.38
C ASN A 446 36.63 0.44 6.15
N ILE A 447 35.29 0.39 6.23
CA ILE A 447 34.36 0.67 5.08
C ILE A 447 33.39 1.80 5.43
N LYS A 448 33.11 2.65 4.44
CA LYS A 448 32.09 3.74 4.44
C LYS A 448 30.99 3.30 3.46
N VAL A 449 29.77 3.14 3.95
CA VAL A 449 28.61 2.64 3.16
C VAL A 449 27.58 3.76 3.01
N ILE A 450 27.33 4.23 1.78
CA ILE A 450 26.29 5.26 1.48
C ILE A 450 24.92 4.61 1.70
N TYR A 451 24.10 5.19 2.58
CA TYR A 451 22.82 4.59 3.05
C TYR A 451 21.72 4.91 2.06
N GLY A 452 20.56 4.25 2.21
CA GLY A 452 19.36 4.47 1.39
C GLY A 452 19.14 3.32 0.40
N PRO A 453 18.20 3.47 -0.56
CA PRO A 453 17.88 2.40 -1.50
C PRO A 453 18.88 2.24 -2.64
N ALA A 454 19.74 3.25 -2.87
CA ALA A 454 20.77 3.22 -3.94
C ALA A 454 22.16 3.07 -3.31
N ALA A 455 22.26 2.18 -2.32
CA ALA A 455 23.40 2.03 -1.41
C ALA A 455 24.64 1.55 -2.17
N ARG A 456 25.80 2.05 -1.74
CA ARG A 456 27.13 1.84 -2.36
C ARG A 456 28.15 1.63 -1.24
N LEU A 457 29.29 1.01 -1.54
CA LEU A 457 30.33 0.66 -0.56
C LEU A 457 31.70 1.02 -1.11
N ARG A 458 32.53 1.60 -0.26
CA ARG A 458 33.84 2.20 -0.58
C ARG A 458 34.75 1.95 0.62
N PRO A 459 36.05 1.62 0.47
CA PRO A 459 36.98 1.62 1.60
C PRO A 459 37.15 3.01 2.24
N SER A 460 37.36 3.05 3.56
CA SER A 460 37.63 4.27 4.37
C SER A 460 38.93 4.95 3.88
N ASP A 461 39.98 4.14 3.69
CA ASP A 461 41.34 4.62 3.33
C ASP A 461 41.38 4.97 1.84
N VAL A 462 41.03 6.21 1.49
CA VAL A 462 40.97 6.70 0.09
C VAL A 462 41.84 7.96 -0.03
N PRO A 463 42.53 8.20 -1.16
CA PRO A 463 42.38 7.41 -2.38
C PRO A 463 43.19 6.10 -2.47
N ASP A 464 43.90 5.71 -1.40
CA ASP A 464 44.97 4.68 -1.46
C ASP A 464 44.40 3.31 -1.87
N LYS A 465 43.37 2.82 -1.17
CA LYS A 465 42.83 1.45 -1.37
C LYS A 465 41.64 1.46 -2.35
N TYR A 466 41.27 2.59 -2.95
CA TYR A 466 40.01 2.73 -3.75
C TYR A 466 39.95 1.63 -4.81
N TYR A 467 41.05 1.34 -5.51
CA TYR A 467 41.11 0.37 -6.64
C TYR A 467 41.58 -1.00 -6.14
N SER A 468 42.47 -1.02 -5.14
CA SER A 468 43.17 -2.23 -4.65
C SER A 468 42.23 -3.08 -3.78
N PHE A 469 41.27 -2.45 -3.11
CA PHE A 469 40.40 -3.04 -2.04
C PHE A 469 39.60 -4.22 -2.61
N ASN A 470 39.28 -5.18 -1.74
CA ASN A 470 38.68 -6.49 -2.11
C ASN A 470 37.15 -6.34 -2.09
N TYR A 471 36.60 -5.71 -3.14
CA TYR A 471 35.14 -5.52 -3.33
C TYR A 471 34.50 -6.91 -3.46
N GLU A 472 35.02 -7.72 -4.38
CA GLU A 472 34.48 -9.07 -4.71
C GLU A 472 34.35 -9.90 -3.42
N GLY A 473 35.27 -9.71 -2.47
CA GLY A 473 35.24 -10.38 -1.16
C GLY A 473 33.92 -10.11 -0.46
N ILE A 474 33.63 -8.84 -0.22
CA ILE A 474 32.39 -8.38 0.47
C ILE A 474 31.19 -8.76 -0.40
N ALA A 475 31.31 -8.59 -1.71
CA ALA A 475 30.25 -8.96 -2.69
C ALA A 475 29.78 -10.38 -2.36
N ARG A 476 30.68 -11.36 -2.37
CA ARG A 476 30.33 -12.80 -2.18
C ARG A 476 29.91 -13.00 -0.72
N ASN A 477 30.57 -12.32 0.22
CA ASN A 477 30.28 -12.42 1.67
C ASN A 477 28.78 -12.12 1.87
N LEU A 478 28.22 -11.15 1.13
CA LEU A 478 26.84 -10.63 1.37
C LEU A 478 25.81 -11.24 0.41
N SER A 479 26.20 -12.11 -0.54
CA SER A 479 25.29 -12.74 -1.54
C SER A 479 24.50 -13.87 -0.90
N CYS A 480 23.23 -14.02 -1.26
CA CYS A 480 22.40 -15.23 -1.02
C CYS A 480 22.56 -15.73 0.42
N ARG A 481 22.72 -14.82 1.38
CA ARG A 481 22.88 -15.13 2.82
C ARG A 481 21.53 -15.51 3.44
N GLU A 482 20.41 -15.00 2.91
CA GLU A 482 19.04 -15.31 3.38
C GLU A 482 18.15 -15.65 2.19
N PRO A 483 17.08 -16.44 2.39
CA PRO A 483 16.08 -16.66 1.34
C PRO A 483 15.14 -15.44 1.31
N ASN A 484 14.63 -15.10 0.12
CA ASN A 484 13.93 -13.82 -0.17
C ASN A 484 14.63 -12.69 0.59
N GLN A 485 15.94 -12.58 0.37
CA GLN A 485 16.81 -11.44 0.78
C GLN A 485 16.30 -10.21 0.03
N HIS A 486 16.25 -9.06 0.68
CA HIS A 486 15.61 -7.85 0.11
C HIS A 486 16.67 -6.92 -0.48
N PHE A 487 17.90 -7.39 -0.61
CA PHE A 487 18.99 -6.62 -1.26
C PHE A 487 19.89 -7.59 -2.01
N LYS A 488 20.72 -7.04 -2.88
CA LYS A 488 21.59 -7.82 -3.79
C LYS A 488 22.85 -7.02 -4.02
N PRO A 489 24.05 -7.53 -3.67
CA PRO A 489 25.29 -6.83 -3.97
C PRO A 489 25.63 -7.05 -5.45
N TYR A 490 26.14 -5.99 -6.08
CA TYR A 490 26.55 -5.93 -7.51
C TYR A 490 27.84 -5.14 -7.60
N LEU A 491 28.87 -5.74 -8.19
CA LEU A 491 29.96 -4.92 -8.76
C LEU A 491 29.27 -4.05 -9.83
N LYS A 492 29.58 -2.76 -9.91
CA LYS A 492 28.76 -1.78 -10.68
C LYS A 492 28.59 -2.23 -12.16
N HIS A 493 29.57 -2.89 -12.78
CA HIS A 493 29.47 -3.33 -14.19
C HIS A 493 28.46 -4.47 -14.35
N PHE A 494 28.03 -5.12 -13.26
CA PHE A 494 27.05 -6.24 -13.32
C PHE A 494 25.61 -5.76 -13.07
N LEU A 495 25.43 -4.51 -12.61
CA LEU A 495 24.10 -3.83 -12.55
C LEU A 495 23.48 -3.89 -13.95
N PRO A 496 22.14 -4.03 -14.05
CA PRO A 496 21.48 -3.99 -15.35
C PRO A 496 21.92 -2.76 -16.17
N LYS A 497 22.16 -2.95 -17.46
CA LYS A 497 22.71 -1.88 -18.33
C LYS A 497 21.68 -0.78 -18.48
N ARG A 498 20.39 -1.12 -18.32
CA ARG A 498 19.28 -0.14 -18.42
C ARG A 498 19.50 0.97 -17.39
N LEU A 499 20.15 0.69 -16.24
CA LEU A 499 20.37 1.69 -15.16
C LEU A 499 21.48 2.67 -15.55
N HIS A 500 22.27 2.37 -16.58
CA HIS A 500 23.43 3.19 -16.99
C HIS A 500 24.11 3.80 -15.75
N PHE A 501 24.53 2.97 -14.79
CA PHE A 501 25.14 3.42 -13.52
C PHE A 501 26.49 2.72 -13.25
N ALA A 502 27.56 3.06 -14.01
CA ALA A 502 28.90 2.47 -13.83
C ALA A 502 30.06 3.32 -14.39
N LYS A 503 29.95 3.95 -15.57
CA LYS A 503 31.09 4.63 -16.25
C LYS A 503 31.89 5.50 -15.26
N SER A 504 31.25 6.46 -14.56
CA SER A 504 31.92 7.44 -13.66
C SER A 504 32.74 6.73 -12.57
N ASP A 505 33.96 7.22 -12.32
CA ASP A 505 34.84 6.80 -11.21
C ASP A 505 34.23 7.19 -9.86
N ARG A 506 33.26 8.13 -9.86
CA ARG A 506 32.57 8.61 -8.65
C ARG A 506 31.57 7.56 -8.16
N ILE A 507 31.27 6.56 -8.99
CA ILE A 507 30.40 5.40 -8.63
C ILE A 507 31.25 4.32 -7.98
N GLU A 508 31.01 4.05 -6.70
CA GLU A 508 31.77 3.09 -5.88
C GLU A 508 31.69 1.73 -6.56
N PRO A 509 32.81 1.00 -6.74
CA PRO A 509 32.82 -0.28 -7.44
C PRO A 509 31.88 -1.37 -6.90
N LEU A 510 31.45 -1.28 -5.64
CA LEU A 510 30.39 -2.18 -5.09
C LEU A 510 29.14 -1.35 -4.81
N THR A 511 28.05 -1.73 -5.46
CA THR A 511 26.70 -1.11 -5.32
C THR A 511 25.73 -2.17 -4.79
N PHE A 512 24.61 -1.72 -4.24
CA PHE A 512 23.47 -2.59 -3.83
C PHE A 512 22.25 -2.23 -4.67
N TYR A 513 21.49 -3.26 -5.05
CA TYR A 513 20.14 -3.18 -5.67
C TYR A 513 19.13 -3.55 -4.60
N LEU A 514 18.33 -2.57 -4.14
CA LEU A 514 17.30 -2.78 -3.08
C LEU A 514 15.94 -3.02 -3.73
N ASP A 515 15.13 -3.86 -3.09
CA ASP A 515 13.74 -4.18 -3.49
C ASP A 515 12.90 -2.94 -3.20
N PRO A 516 11.68 -2.84 -3.78
CA PRO A 516 10.74 -1.78 -3.44
C PRO A 516 10.59 -1.65 -1.91
N GLN A 517 10.68 -0.41 -1.41
CA GLN A 517 10.39 -0.04 0.00
C GLN A 517 11.57 -0.35 0.92
N TRP A 518 12.61 -1.02 0.42
CA TRP A 518 13.78 -1.45 1.22
C TRP A 518 14.95 -0.48 1.03
N GLN A 519 15.70 -0.26 2.11
CA GLN A 519 16.89 0.62 2.18
C GLN A 519 17.99 -0.12 2.96
N LEU A 520 19.21 0.42 2.96
CA LEU A 520 20.40 -0.29 3.47
C LEU A 520 21.39 0.74 4.01
N ALA A 521 21.99 0.44 5.15
CA ALA A 521 23.09 1.21 5.78
C ALA A 521 24.05 0.24 6.44
N LEU A 522 25.20 0.72 6.90
CA LEU A 522 26.19 -0.08 7.67
C LEU A 522 25.55 -0.49 9.01
N ASN A 523 24.91 0.45 9.70
CA ASN A 523 24.36 0.29 11.07
C ASN A 523 23.32 1.37 11.35
N PRO A 524 22.39 1.15 12.32
CA PRO A 524 21.37 2.16 12.65
C PRO A 524 21.83 3.59 13.01
N SER A 525 23.10 3.78 13.39
CA SER A 525 23.67 5.12 13.75
C SER A 525 23.78 6.01 12.50
N GLU A 526 24.24 5.42 11.38
CA GLU A 526 24.56 6.12 10.09
C GLU A 526 23.36 6.05 9.13
N ARG A 527 22.25 6.64 9.54
CA ARG A 527 21.02 6.85 8.72
C ARG A 527 20.07 7.77 9.53
N LYS A 528 19.21 8.51 8.84
CA LYS A 528 18.16 9.36 9.49
C LYS A 528 16.95 8.45 9.73
N TYR A 529 15.84 9.04 10.20
CA TYR A 529 14.59 8.33 10.61
C TYR A 529 14.22 7.31 9.52
N CYS A 530 14.15 6.02 9.86
CA CYS A 530 13.82 4.93 8.91
C CYS A 530 12.34 4.97 8.52
N GLY A 531 11.50 5.61 9.34
CA GLY A 531 10.04 5.67 9.13
C GLY A 531 9.64 6.74 8.14
N SER A 532 10.61 7.54 7.68
CA SER A 532 10.37 8.68 6.76
C SER A 532 10.00 8.19 5.36
N GLY A 533 9.43 9.07 4.54
CA GLY A 533 9.39 8.92 3.09
C GLY A 533 10.79 8.93 2.54
N PHE A 534 11.03 8.16 1.46
CA PHE A 534 12.35 8.14 0.77
C PHE A 534 12.17 7.89 -0.74
N HIS A 535 13.27 8.09 -1.46
CA HIS A 535 13.43 7.78 -2.90
C HIS A 535 14.90 7.45 -3.16
N GLY A 536 15.21 7.07 -4.40
CA GLY A 536 16.55 6.62 -4.81
C GLY A 536 16.52 5.23 -5.42
N SER A 537 15.40 4.50 -5.29
CA SER A 537 15.20 3.11 -5.78
C SER A 537 15.23 3.04 -7.31
N ASP A 538 15.26 1.80 -7.83
CA ASP A 538 15.22 1.46 -9.28
C ASP A 538 14.26 2.39 -10.01
N ASN A 539 14.69 2.98 -11.13
CA ASN A 539 13.90 4.02 -11.82
C ASN A 539 12.74 3.40 -12.61
N VAL A 540 12.46 2.11 -12.46
CA VAL A 540 11.23 1.52 -13.07
C VAL A 540 10.18 1.23 -11.99
N PHE A 541 10.47 1.42 -10.71
CA PHE A 541 9.45 1.24 -9.64
C PHE A 541 8.39 2.33 -9.80
N SER A 542 7.10 1.99 -9.65
CA SER A 542 5.96 2.90 -9.93
C SER A 542 6.07 4.18 -9.09
N ASN A 543 6.44 4.03 -7.83
CA ASN A 543 6.35 5.15 -6.87
C ASN A 543 7.54 6.10 -7.09
N MET A 544 8.51 5.73 -7.92
CA MET A 544 9.64 6.61 -8.30
C MET A 544 9.31 7.38 -9.58
N GLN A 545 8.25 7.00 -10.29
CA GLN A 545 7.88 7.64 -11.58
C GLN A 545 7.51 9.08 -11.29
N ALA A 546 7.70 9.97 -12.26
CA ALA A 546 7.71 11.44 -12.07
C ALA A 546 6.62 12.12 -12.90
N LEU A 547 6.43 13.41 -12.65
CA LEU A 547 5.41 14.27 -13.32
C LEU A 547 6.02 14.82 -14.62
N PHE A 548 5.22 14.83 -15.69
CA PHE A 548 5.46 15.68 -16.89
C PHE A 548 4.13 16.18 -17.43
N VAL A 549 4.00 17.50 -17.57
CA VAL A 549 2.95 18.16 -18.38
C VAL A 549 3.59 19.26 -19.22
N GLY A 550 3.37 19.20 -20.53
CA GLY A 550 3.74 20.27 -21.48
C GLY A 550 2.51 21.04 -21.87
N TYR A 551 2.54 22.36 -21.82
CA TYR A 551 1.44 23.25 -22.21
C TYR A 551 2.02 24.48 -22.88
N GLY A 552 1.44 24.90 -24.00
CA GLY A 552 1.91 26.07 -24.76
C GLY A 552 1.74 25.86 -26.25
N PRO A 553 2.15 26.86 -27.05
CA PRO A 553 2.02 26.80 -28.50
C PRO A 553 2.67 25.56 -29.13
N GLY A 554 3.82 25.15 -28.57
CA GLY A 554 4.73 24.18 -29.19
C GLY A 554 4.23 22.76 -29.03
N PHE A 555 3.37 22.54 -28.04
CA PHE A 555 2.92 21.21 -27.55
C PHE A 555 1.50 20.93 -28.04
N LYS A 556 1.20 19.65 -28.26
CA LYS A 556 -0.16 19.23 -28.66
C LYS A 556 -1.13 19.44 -27.49
N HIS A 557 -2.44 19.37 -27.75
CA HIS A 557 -3.51 19.59 -26.74
C HIS A 557 -4.31 18.30 -26.52
N GLY A 558 -4.54 17.93 -25.26
CA GLY A 558 -5.35 16.76 -24.86
C GLY A 558 -4.77 15.47 -25.37
N ILE A 559 -3.44 15.36 -25.36
CA ILE A 559 -2.63 14.18 -25.79
C ILE A 559 -2.14 13.51 -24.50
N GLU A 560 -2.33 12.20 -24.37
CA GLU A 560 -1.71 11.40 -23.30
C GLU A 560 -0.66 10.52 -23.97
N ALA A 561 0.62 10.91 -23.88
CA ALA A 561 1.76 10.21 -24.49
C ALA A 561 2.13 8.99 -23.63
N ASP A 562 2.63 7.94 -24.29
CA ASP A 562 3.17 6.73 -23.63
C ASP A 562 4.38 7.17 -22.80
N THR A 563 4.70 6.42 -21.74
CA THR A 563 5.84 6.66 -20.81
C THR A 563 7.12 7.00 -21.58
N PHE A 564 7.82 8.05 -21.24
CA PHE A 564 9.16 8.39 -21.79
C PHE A 564 10.10 8.81 -20.66
N GLU A 565 11.40 8.92 -20.97
CA GLU A 565 12.50 9.08 -19.99
C GLU A 565 12.86 10.57 -19.89
N ASN A 566 13.26 11.06 -18.71
CA ASN A 566 13.51 12.52 -18.51
C ASN A 566 14.74 12.96 -19.30
N ILE A 567 15.56 12.02 -19.78
CA ILE A 567 16.79 12.32 -20.59
C ILE A 567 16.38 12.84 -21.97
N GLU A 568 15.14 12.53 -22.41
CA GLU A 568 14.61 12.95 -23.74
C GLU A 568 14.15 14.41 -23.72
N VAL A 569 14.02 15.02 -22.53
CA VAL A 569 13.44 16.38 -22.34
C VAL A 569 14.42 17.44 -22.85
N TYR A 570 15.73 17.22 -22.72
CA TYR A 570 16.76 18.22 -23.14
C TYR A 570 16.57 18.53 -24.63
N ASN A 571 16.60 17.49 -25.48
CA ASN A 571 16.37 17.62 -26.95
C ASN A 571 15.07 18.36 -27.23
N LEU A 572 14.01 18.04 -26.48
CA LEU A 572 12.65 18.63 -26.61
C LEU A 572 12.70 20.14 -26.34
N MET A 573 13.40 20.53 -25.28
CA MET A 573 13.53 21.95 -24.90
C MET A 573 14.41 22.66 -25.93
N CYS A 574 15.37 21.96 -26.52
CA CYS A 574 16.23 22.49 -27.61
C CYS A 574 15.32 22.79 -28.80
N ASP A 575 14.48 21.83 -29.20
CA ASP A 575 13.51 21.98 -30.32
C ASP A 575 12.59 23.18 -30.04
N LEU A 576 12.11 23.32 -28.81
CA LEU A 576 11.14 24.40 -28.46
C LEU A 576 11.83 25.75 -28.57
N LEU A 577 13.16 25.83 -28.44
CA LEU A 577 13.92 27.11 -28.48
C LEU A 577 14.71 27.23 -29.79
N ASN A 578 14.45 26.34 -30.76
CA ASN A 578 15.23 26.23 -32.03
C ASN A 578 16.74 26.28 -31.73
N LEU A 579 17.18 25.50 -30.75
CA LEU A 579 18.61 25.28 -30.42
C LEU A 579 19.10 23.96 -31.04
N THR A 580 20.37 23.93 -31.40
CA THR A 580 21.09 22.69 -31.75
C THR A 580 21.51 22.03 -30.44
N PRO A 581 20.99 20.82 -30.15
CA PRO A 581 21.31 20.14 -28.89
C PRO A 581 22.79 19.75 -28.88
N ALA A 582 23.46 19.97 -27.75
CA ALA A 582 24.78 19.37 -27.44
C ALA A 582 24.61 17.86 -27.42
N PRO A 583 25.69 17.07 -27.53
CA PRO A 583 25.56 15.61 -27.53
C PRO A 583 25.07 15.10 -26.15
N ASN A 584 24.01 14.29 -26.16
CA ASN A 584 23.31 13.80 -24.94
C ASN A 584 22.77 12.39 -25.18
N ASN A 585 22.10 11.77 -24.20
CA ASN A 585 21.68 10.34 -24.23
C ASN A 585 20.21 10.23 -24.68
N GLY A 586 19.58 11.38 -24.92
CA GLY A 586 18.28 11.39 -25.58
C GLY A 586 18.45 11.02 -27.03
N THR A 587 17.46 10.35 -27.59
CA THR A 587 17.31 10.01 -29.03
C THR A 587 16.47 11.09 -29.72
N HIS A 588 17.12 12.10 -30.30
CA HIS A 588 16.48 13.32 -30.92
C HIS A 588 15.42 12.91 -31.95
N GLY A 589 14.17 13.30 -31.70
CA GLY A 589 13.05 12.97 -32.59
C GLY A 589 12.15 11.94 -31.96
N SER A 590 12.57 11.25 -30.89
CA SER A 590 11.75 10.24 -30.17
C SER A 590 10.51 10.91 -29.55
N LEU A 591 10.58 12.21 -29.21
CA LEU A 591 9.45 13.00 -28.63
C LEU A 591 8.81 13.94 -29.68
N ASN A 592 9.02 13.73 -30.97
CA ASN A 592 8.40 14.57 -32.03
C ASN A 592 6.86 14.46 -31.93
N HIS A 593 6.32 13.34 -31.43
CA HIS A 593 4.86 13.12 -31.28
C HIS A 593 4.25 14.07 -30.23
N LEU A 594 5.05 14.71 -29.38
CA LEU A 594 4.59 15.70 -28.36
C LEU A 594 4.43 17.08 -28.98
N LEU A 595 5.08 17.36 -30.11
CA LEU A 595 5.20 18.72 -30.69
C LEU A 595 4.18 18.91 -31.84
N LYS A 596 3.58 20.09 -31.89
CA LYS A 596 2.69 20.51 -33.00
C LYS A 596 3.49 20.46 -34.31
N ASN A 597 4.69 21.04 -34.31
CA ASN A 597 5.51 21.28 -35.52
C ASN A 597 6.96 20.90 -35.24
N PRO A 598 7.28 19.59 -35.28
CA PRO A 598 8.63 19.12 -35.01
C PRO A 598 9.59 19.87 -35.95
N VAL A 599 10.75 20.28 -35.43
CA VAL A 599 11.77 21.11 -36.14
C VAL A 599 12.91 20.21 -36.62
N TYR A 600 13.01 18.99 -36.09
CA TYR A 600 14.09 18.02 -36.43
C TYR A 600 13.44 16.75 -36.97
N THR A 601 13.73 16.43 -38.23
CA THR A 601 13.29 15.16 -38.85
C THR A 601 14.45 14.18 -38.78
N PRO A 602 14.38 13.11 -37.97
CA PRO A 602 15.47 12.17 -37.88
C PRO A 602 15.49 11.27 -39.13
N LYS A 603 16.67 10.75 -39.44
CA LYS A 603 16.91 9.74 -40.49
C LYS A 603 17.57 8.54 -39.79
N HIS A 604 17.26 7.32 -40.25
CA HIS A 604 17.95 6.08 -39.80
C HIS A 604 19.45 6.28 -40.03
N PRO A 605 20.33 5.78 -39.15
CA PRO A 605 21.77 5.99 -39.32
C PRO A 605 22.27 5.16 -40.51
N LYS A 606 23.15 5.75 -41.32
CA LYS A 606 23.68 5.18 -42.60
C LYS A 606 24.84 4.22 -42.30
N GLU A 607 24.74 3.00 -42.82
CA GLU A 607 25.76 1.91 -42.76
C GLU A 607 27.05 2.37 -43.43
N VAL A 608 28.22 2.12 -42.81
CA VAL A 608 29.52 2.72 -43.25
C VAL A 608 30.05 1.99 -44.49
N HIS A 609 30.36 0.69 -44.39
CA HIS A 609 30.75 -0.20 -45.53
C HIS A 609 29.60 -1.17 -45.82
N PRO A 610 29.21 -1.39 -47.10
CA PRO A 610 28.23 -2.42 -47.43
C PRO A 610 28.83 -3.82 -47.24
N LEU A 611 27.98 -4.83 -47.09
CA LEU A 611 28.36 -6.21 -46.65
C LEU A 611 29.40 -6.80 -47.60
N VAL A 612 30.43 -7.45 -47.07
CA VAL A 612 31.37 -8.33 -47.83
C VAL A 612 30.65 -9.69 -48.01
N GLN A 613 31.06 -10.49 -48.98
CA GLN A 613 30.42 -11.82 -49.21
C GLN A 613 31.35 -12.92 -48.70
N CYS A 614 30.73 -14.00 -48.23
CA CYS A 614 31.37 -15.24 -47.73
C CYS A 614 30.98 -16.36 -48.69
N PRO A 615 31.64 -16.48 -49.86
CA PRO A 615 31.22 -17.45 -50.87
C PRO A 615 31.70 -18.84 -50.44
N PHE A 616 30.93 -19.89 -50.81
CA PHE A 616 31.33 -21.31 -50.64
C PHE A 616 32.74 -21.46 -51.23
N THR A 617 33.62 -22.17 -50.52
CA THR A 617 34.99 -22.55 -50.96
C THR A 617 35.11 -24.08 -50.84
N ARG A 618 35.46 -24.75 -51.94
CA ARG A 618 35.76 -26.22 -51.98
C ARG A 618 36.91 -26.49 -51.01
N ASN A 619 36.64 -27.30 -49.99
CA ASN A 619 37.59 -27.67 -48.90
C ASN A 619 37.28 -29.09 -48.46
N PRO A 620 38.19 -29.74 -47.70
CA PRO A 620 37.94 -31.10 -47.23
C PRO A 620 36.84 -31.07 -46.17
N ARG A 621 36.05 -32.15 -46.08
CA ARG A 621 35.10 -32.43 -44.97
C ARG A 621 35.92 -32.91 -43.77
N ASP A 622 36.50 -31.95 -43.02
CA ASP A 622 37.48 -32.13 -41.90
C ASP A 622 36.75 -32.62 -40.63
N ASN A 623 37.49 -33.27 -39.73
CA ASN A 623 37.01 -33.79 -38.41
C ASN A 623 37.07 -32.65 -37.39
N LEU A 624 35.95 -32.43 -36.68
CA LEU A 624 35.76 -31.36 -35.66
C LEU A 624 35.84 -31.95 -34.24
N GLY A 625 35.89 -33.28 -34.13
CA GLY A 625 35.98 -34.04 -32.86
C GLY A 625 34.61 -34.26 -32.25
N CYS A 626 33.55 -34.24 -33.07
N CYS A 626 33.55 -34.24 -33.07
CA CYS A 626 32.14 -34.27 -32.60
CA CYS A 626 32.14 -34.27 -32.60
C CYS A 626 31.65 -35.71 -32.50
C CYS A 626 31.65 -35.71 -32.50
N SER A 627 30.99 -36.05 -31.40
CA SER A 627 30.18 -37.29 -31.21
C SER A 627 28.68 -36.96 -31.33
N CYS A 628 28.22 -36.59 -32.54
CA CYS A 628 26.83 -36.14 -32.83
C CYS A 628 25.81 -37.19 -32.35
N ASN A 629 24.67 -36.76 -31.80
CA ASN A 629 23.50 -37.66 -31.55
C ASN A 629 23.10 -38.28 -32.88
N PRO A 630 22.84 -39.61 -32.94
CA PRO A 630 22.57 -40.28 -34.21
C PRO A 630 21.36 -39.73 -34.97
N SER A 631 20.32 -39.27 -34.25
CA SER A 631 19.04 -38.75 -34.80
C SER A 631 19.28 -37.63 -35.82
N ILE A 632 20.30 -36.82 -35.56
CA ILE A 632 20.60 -35.59 -36.35
C ILE A 632 21.02 -36.01 -37.77
N LEU A 633 20.38 -35.44 -38.79
CA LEU A 633 20.57 -35.79 -40.21
C LEU A 633 21.59 -34.81 -40.80
N PRO A 634 22.88 -35.19 -40.90
CA PRO A 634 23.94 -34.26 -41.34
C PRO A 634 23.72 -33.63 -42.72
N ILE A 635 24.61 -32.72 -43.11
CA ILE A 635 24.53 -31.91 -44.37
C ILE A 635 25.32 -32.64 -45.46
N GLU A 636 24.62 -33.39 -46.32
CA GLU A 636 25.16 -34.50 -47.17
C GLU A 636 25.85 -33.91 -48.40
N ASP A 637 25.30 -32.82 -48.95
CA ASP A 637 25.92 -32.01 -50.03
C ASP A 637 25.71 -30.54 -49.67
N PHE A 638 26.73 -29.90 -49.09
CA PHE A 638 26.67 -28.48 -48.62
C PHE A 638 26.38 -27.57 -49.82
N GLN A 639 27.16 -27.66 -50.91
CA GLN A 639 27.07 -26.72 -52.08
C GLN A 639 25.66 -26.76 -52.68
N THR A 640 25.03 -27.93 -52.68
CA THR A 640 23.62 -28.17 -53.12
C THR A 640 22.63 -27.44 -52.19
N GLN A 641 22.75 -27.63 -50.87
CA GLN A 641 21.76 -27.21 -49.82
C GLN A 641 21.84 -25.70 -49.60
N PHE A 642 22.92 -25.04 -50.06
CA PHE A 642 23.26 -23.60 -49.82
C PHE A 642 23.58 -22.88 -51.14
N ASN A 643 23.11 -23.40 -52.30
CA ASN A 643 22.99 -22.66 -53.59
C ASN A 643 21.49 -22.44 -53.85
N LEU A 644 20.95 -21.35 -53.30
CA LEU A 644 19.50 -21.03 -53.22
C LEU A 644 19.08 -20.24 -54.46
N THR A 645 17.87 -20.49 -54.98
CA THR A 645 17.25 -19.70 -56.09
C THR A 645 16.79 -18.35 -55.55
N VAL A 646 16.83 -17.29 -56.37
CA VAL A 646 16.38 -15.91 -56.00
C VAL A 646 14.91 -15.98 -55.52
N ALA A 647 14.12 -16.89 -56.08
CA ALA A 647 12.75 -17.25 -55.64
C ALA A 647 12.79 -17.78 -54.19
N GLU A 648 13.70 -18.71 -53.90
CA GLU A 648 13.91 -19.33 -52.55
C GLU A 648 14.38 -18.27 -51.55
N GLU A 649 15.26 -17.34 -51.98
CA GLU A 649 15.89 -16.27 -51.12
C GLU A 649 14.85 -15.23 -50.70
N LYS A 650 14.00 -14.77 -51.63
CA LYS A 650 12.88 -13.82 -51.38
C LYS A 650 12.01 -14.36 -50.24
N ILE A 651 11.67 -15.65 -50.27
CA ILE A 651 10.82 -16.33 -49.23
C ILE A 651 11.54 -16.28 -47.88
N ILE A 652 12.86 -16.57 -47.86
CA ILE A 652 13.67 -16.67 -46.61
C ILE A 652 13.79 -15.27 -45.98
N LYS A 653 14.23 -14.28 -46.77
CA LYS A 653 14.36 -12.86 -46.32
C LYS A 653 13.05 -12.39 -45.67
N HIS A 654 11.93 -12.52 -46.36
CA HIS A 654 10.56 -12.13 -45.91
C HIS A 654 10.19 -12.79 -44.56
N GLU A 655 10.66 -14.01 -44.29
CA GLU A 655 10.31 -14.77 -43.05
C GLU A 655 11.24 -14.42 -41.89
N THR A 656 12.53 -14.14 -42.17
CA THR A 656 13.60 -14.01 -41.16
C THR A 656 14.00 -12.55 -40.94
N LEU A 657 13.81 -11.67 -41.94
CA LEU A 657 14.19 -10.24 -41.86
C LEU A 657 13.01 -9.35 -42.26
N PRO A 658 11.82 -9.51 -41.63
CA PRO A 658 10.62 -8.80 -42.04
C PRO A 658 10.73 -7.27 -41.86
N TYR A 659 11.71 -6.82 -41.09
CA TYR A 659 11.88 -5.40 -40.73
C TYR A 659 13.16 -4.87 -41.38
N GLY A 660 13.79 -5.68 -42.22
CA GLY A 660 15.12 -5.39 -42.77
C GLY A 660 16.20 -6.05 -41.94
N ARG A 661 17.41 -6.07 -42.46
CA ARG A 661 18.58 -6.66 -41.77
C ARG A 661 19.16 -5.59 -40.86
N PRO A 662 19.56 -5.95 -39.62
CA PRO A 662 20.35 -5.07 -38.79
C PRO A 662 21.52 -4.48 -39.58
N ARG A 663 21.70 -3.17 -39.52
CA ARG A 663 22.83 -2.46 -40.20
C ARG A 663 23.93 -2.26 -39.16
N VAL A 664 25.19 -2.24 -39.59
CA VAL A 664 26.36 -2.13 -38.67
C VAL A 664 26.92 -0.72 -38.84
N LEU A 665 27.10 0.01 -37.73
CA LEU A 665 27.51 1.44 -37.76
C LEU A 665 28.98 1.59 -37.36
N GLN A 666 29.70 0.48 -37.11
CA GLN A 666 31.12 0.48 -36.67
C GLN A 666 32.02 0.78 -37.89
N LYS A 667 33.07 1.59 -37.69
CA LYS A 667 33.94 2.18 -38.76
C LYS A 667 34.86 1.11 -39.36
N GLU A 668 35.86 0.65 -38.60
CA GLU A 668 36.79 -0.45 -38.97
C GLU A 668 36.11 -1.80 -38.65
N ASN A 669 35.33 -2.32 -39.61
CA ASN A 669 34.55 -3.59 -39.43
C ASN A 669 34.22 -4.23 -40.79
N THR A 670 34.31 -5.56 -40.86
CA THR A 670 34.06 -6.39 -42.08
C THR A 670 33.17 -7.59 -41.71
N ILE A 671 31.89 -7.49 -42.09
CA ILE A 671 30.79 -8.48 -41.83
C ILE A 671 30.34 -9.07 -43.17
N CYS A 672 29.77 -10.26 -43.14
CA CYS A 672 29.19 -10.94 -44.33
C CYS A 672 27.85 -11.58 -43.94
N LEU A 673 26.87 -11.52 -44.84
CA LEU A 673 25.52 -12.10 -44.61
C LEU A 673 25.60 -13.61 -44.89
N LEU A 674 25.09 -14.43 -43.99
CA LEU A 674 25.02 -15.89 -44.21
C LEU A 674 23.55 -16.28 -44.29
N SER A 675 23.17 -16.98 -45.36
CA SER A 675 21.78 -17.42 -45.61
C SER A 675 21.60 -18.87 -45.14
N GLN A 676 20.43 -19.19 -44.60
CA GLN A 676 20.03 -20.56 -44.14
C GLN A 676 18.51 -20.64 -44.36
N HIS A 677 17.87 -21.78 -44.10
CA HIS A 677 16.42 -21.94 -44.40
C HIS A 677 15.58 -21.27 -43.30
N GLN A 678 15.93 -21.48 -42.02
CA GLN A 678 15.17 -20.99 -40.85
C GLN A 678 15.75 -19.67 -40.31
N PHE A 679 16.96 -19.24 -40.71
CA PHE A 679 17.59 -18.02 -40.13
C PHE A 679 18.61 -17.36 -41.06
N MET A 680 18.85 -16.06 -40.86
CA MET A 680 19.90 -15.24 -41.53
C MET A 680 20.82 -14.69 -40.44
N SER A 681 22.04 -14.24 -40.78
CA SER A 681 23.04 -13.84 -39.77
C SER A 681 24.11 -12.94 -40.38
N GLY A 682 24.72 -12.08 -39.56
CA GLY A 682 25.88 -11.26 -39.91
C GLY A 682 27.10 -11.76 -39.18
N TYR A 683 28.08 -12.26 -39.93
CA TYR A 683 29.30 -12.94 -39.40
C TYR A 683 30.48 -11.97 -39.44
N SER A 684 31.19 -11.86 -38.32
CA SER A 684 32.46 -11.11 -38.20
C SER A 684 33.64 -12.07 -38.39
N GLN A 685 34.38 -11.90 -39.49
CA GLN A 685 35.66 -12.61 -39.75
C GLN A 685 36.63 -12.15 -38.66
N ASP A 686 36.55 -10.86 -38.27
CA ASP A 686 37.42 -10.17 -37.29
C ASP A 686 37.36 -10.81 -35.90
N ILE A 687 36.22 -11.36 -35.46
CA ILE A 687 36.10 -11.95 -34.08
C ILE A 687 35.57 -13.39 -34.15
N LEU A 688 35.48 -13.97 -35.34
CA LEU A 688 35.18 -15.43 -35.55
C LEU A 688 33.86 -15.79 -34.86
N MET A 689 32.79 -15.08 -35.24
CA MET A 689 31.52 -15.06 -34.47
C MET A 689 30.52 -14.18 -35.20
N PRO A 690 29.23 -14.54 -35.17
CA PRO A 690 28.17 -13.66 -35.66
C PRO A 690 27.90 -12.48 -34.69
N LEU A 691 27.70 -11.28 -35.25
CA LEU A 691 27.25 -10.08 -34.49
C LEU A 691 25.75 -10.21 -34.23
N TRP A 692 25.02 -10.93 -35.09
CA TRP A 692 23.53 -11.10 -34.99
C TRP A 692 23.03 -12.26 -35.85
N THR A 693 22.06 -13.04 -35.34
CA THR A 693 21.14 -13.88 -36.13
C THR A 693 19.74 -13.31 -36.07
N SER A 694 18.94 -13.52 -37.11
CA SER A 694 17.49 -13.20 -37.15
C SER A 694 16.73 -14.46 -37.57
N TYR A 695 15.75 -14.88 -36.79
CA TYR A 695 14.81 -15.98 -37.13
C TYR A 695 13.41 -15.61 -36.64
N THR A 696 12.40 -16.40 -37.00
CA THR A 696 10.99 -16.17 -36.58
C THR A 696 10.37 -17.47 -36.10
N VAL A 697 9.92 -17.50 -34.85
CA VAL A 697 9.14 -18.64 -34.27
C VAL A 697 7.66 -18.38 -34.56
N ASP A 698 6.96 -19.32 -35.20
CA ASP A 698 5.50 -19.22 -35.50
C ASP A 698 4.72 -19.94 -34.39
N ARG A 699 3.40 -19.71 -34.32
CA ARG A 699 2.56 -20.13 -33.17
C ARG A 699 2.72 -21.63 -32.92
N ASN A 700 2.56 -22.45 -33.98
CA ASN A 700 2.59 -23.93 -33.86
C ASN A 700 3.84 -24.43 -34.59
N ASP A 701 5.01 -23.97 -34.14
CA ASP A 701 6.35 -24.54 -34.44
C ASP A 701 6.77 -25.45 -33.28
N SER A 702 7.58 -26.47 -33.57
CA SER A 702 7.93 -27.58 -32.63
C SER A 702 9.34 -27.39 -32.07
N PHE A 703 9.49 -27.56 -30.75
CA PHE A 703 10.78 -27.43 -30.01
C PHE A 703 11.16 -28.82 -29.50
N SER A 704 12.30 -29.36 -29.96
CA SER A 704 12.77 -30.74 -29.67
C SER A 704 13.52 -30.81 -28.34
N THR A 705 13.36 -31.92 -27.61
CA THR A 705 14.13 -32.28 -26.39
C THR A 705 15.30 -33.21 -26.75
N GLU A 706 15.46 -33.54 -28.04
CA GLU A 706 16.59 -34.37 -28.55
C GLU A 706 17.91 -33.64 -28.24
N ASP A 707 18.88 -34.33 -27.63
CA ASP A 707 20.21 -33.78 -27.28
C ASP A 707 20.99 -33.46 -28.56
N PHE A 708 21.75 -32.36 -28.56
CA PHE A 708 22.60 -31.90 -29.69
C PHE A 708 23.96 -31.41 -29.17
N SER A 709 24.36 -31.85 -27.97
CA SER A 709 25.65 -31.48 -27.35
C SER A 709 26.77 -32.15 -28.16
N ASN A 710 27.95 -31.52 -28.20
CA ASN A 710 29.14 -32.09 -28.89
C ASN A 710 28.77 -32.44 -30.34
N CYS A 711 27.89 -31.66 -30.98
CA CYS A 711 27.60 -31.80 -32.44
C CYS A 711 27.74 -30.44 -33.14
N LEU A 712 28.58 -30.39 -34.17
CA LEU A 712 28.80 -29.22 -35.07
C LEU A 712 29.00 -29.75 -36.50
N TYR A 713 28.48 -29.05 -37.50
CA TYR A 713 28.74 -29.26 -38.94
C TYR A 713 29.56 -28.08 -39.44
N GLN A 714 30.64 -28.34 -40.16
CA GLN A 714 31.56 -27.29 -40.67
C GLN A 714 30.79 -26.41 -41.66
N ASP A 715 31.12 -25.11 -41.68
CA ASP A 715 30.56 -24.15 -42.68
C ASP A 715 31.68 -23.83 -43.67
N PHE A 716 31.53 -24.26 -44.92
CA PHE A 716 32.54 -24.13 -45.99
C PHE A 716 32.53 -22.72 -46.57
N ARG A 717 31.77 -21.79 -45.97
CA ARG A 717 31.72 -20.37 -46.42
C ARG A 717 32.77 -19.52 -45.68
N ILE A 718 33.22 -19.97 -44.50
CA ILE A 718 34.36 -19.39 -43.74
C ILE A 718 35.44 -20.43 -43.55
N PRO A 719 36.73 -20.02 -43.44
CA PRO A 719 37.79 -20.93 -43.06
C PRO A 719 37.50 -21.61 -41.71
N LEU A 720 37.77 -22.90 -41.61
CA LEU A 720 37.74 -23.67 -40.33
C LEU A 720 38.85 -23.12 -39.41
N SER A 721 38.52 -22.84 -38.15
CA SER A 721 39.45 -22.32 -37.11
C SER A 721 39.36 -23.24 -35.89
N PRO A 722 40.44 -23.38 -35.08
CA PRO A 722 40.43 -24.28 -33.94
C PRO A 722 39.22 -24.09 -33.00
N VAL A 723 38.78 -22.84 -32.79
CA VAL A 723 37.66 -22.49 -31.85
C VAL A 723 36.29 -22.88 -32.43
N HIS A 724 36.22 -23.30 -33.70
CA HIS A 724 34.98 -23.75 -34.38
C HIS A 724 34.80 -25.26 -34.27
N LYS A 725 35.67 -25.97 -33.54
CA LYS A 725 35.68 -27.46 -33.45
C LYS A 725 35.19 -27.92 -32.08
N CYS A 726 34.32 -28.93 -32.02
CA CYS A 726 33.83 -29.57 -30.76
C CYS A 726 35.01 -29.88 -29.83
N SER A 727 36.18 -30.17 -30.42
CA SER A 727 37.47 -30.54 -29.76
C SER A 727 37.92 -29.43 -28.81
N PHE A 728 37.88 -28.17 -29.27
CA PHE A 728 38.30 -26.97 -28.50
C PHE A 728 37.52 -26.89 -27.19
N TYR A 729 36.27 -27.38 -27.19
CA TYR A 729 35.28 -27.24 -26.08
C TYR A 729 35.18 -28.52 -25.27
N LYS A 730 35.64 -29.67 -25.80
CA LYS A 730 35.51 -30.99 -25.14
C LYS A 730 36.23 -30.96 -23.79
N ASN A 731 35.49 -31.15 -22.70
CA ASN A 731 35.96 -31.11 -21.28
C ASN A 731 36.88 -29.89 -21.06
N ASN A 732 36.56 -28.76 -21.72
CA ASN A 732 37.14 -27.41 -21.50
C ASN A 732 36.42 -26.78 -20.31
N THR A 733 37.14 -26.55 -19.21
CA THR A 733 36.60 -26.02 -17.93
C THR A 733 36.47 -24.50 -18.00
N LYS A 734 37.07 -23.84 -18.99
CA LYS A 734 37.31 -22.37 -18.96
C LYS A 734 36.21 -21.65 -19.74
N VAL A 735 35.77 -22.24 -20.84
CA VAL A 735 34.64 -21.72 -21.66
C VAL A 735 34.01 -22.88 -22.41
N SER A 736 32.72 -22.79 -22.70
CA SER A 736 31.97 -23.72 -23.56
C SER A 736 31.46 -22.91 -24.76
N TYR A 737 30.42 -23.36 -25.46
CA TYR A 737 29.83 -22.65 -26.62
C TYR A 737 28.30 -22.72 -26.54
N GLY A 738 27.65 -21.88 -27.34
CA GLY A 738 26.19 -21.88 -27.50
C GLY A 738 25.79 -21.35 -28.86
N PHE A 739 24.55 -21.63 -29.27
CA PHE A 739 24.00 -21.31 -30.61
C PHE A 739 23.03 -20.12 -30.56
N LEU A 740 23.22 -19.12 -31.42
CA LEU A 740 22.33 -17.93 -31.52
C LEU A 740 20.95 -18.37 -32.02
N SER A 741 20.85 -18.82 -33.27
CA SER A 741 19.64 -19.47 -33.83
C SER A 741 19.55 -20.87 -33.23
N PRO A 742 18.42 -21.26 -32.61
CA PRO A 742 18.34 -22.49 -31.84
C PRO A 742 18.17 -23.76 -32.67
N PRO A 743 19.05 -24.77 -32.51
CA PRO A 743 18.86 -26.08 -33.15
C PRO A 743 17.56 -26.75 -32.70
N GLN A 744 17.05 -26.46 -31.50
CA GLN A 744 15.82 -27.08 -30.92
C GLN A 744 14.62 -26.87 -31.85
N LEU A 745 14.64 -25.83 -32.69
CA LEU A 745 13.47 -25.32 -33.44
C LEU A 745 13.47 -25.93 -34.85
N ASN A 746 12.43 -26.75 -35.12
CA ASN A 746 12.19 -27.34 -36.45
C ASN A 746 10.79 -26.92 -36.95
N LYS A 747 10.77 -26.45 -38.20
CA LYS A 747 9.57 -26.05 -38.96
C LYS A 747 9.10 -27.22 -39.85
N ASN A 748 10.03 -28.11 -40.22
CA ASN A 748 9.87 -29.17 -41.25
C ASN A 748 9.61 -30.52 -40.57
N SER A 749 10.32 -30.82 -39.47
CA SER A 749 10.20 -32.08 -38.68
C SER A 749 9.86 -31.73 -37.21
N SER A 750 9.84 -32.76 -36.36
CA SER A 750 9.81 -32.65 -34.88
C SER A 750 11.17 -33.10 -34.31
N GLY A 751 12.18 -33.24 -35.18
CA GLY A 751 13.57 -33.55 -34.81
C GLY A 751 14.37 -32.28 -34.51
N ILE A 752 15.59 -32.21 -35.05
CA ILE A 752 16.54 -31.07 -34.86
C ILE A 752 16.94 -30.49 -36.21
N TYR A 753 16.91 -29.17 -36.33
CA TYR A 753 17.33 -28.39 -37.53
C TYR A 753 18.85 -28.42 -37.58
N SER A 754 19.39 -29.21 -38.53
CA SER A 754 20.84 -29.50 -38.66
C SER A 754 21.62 -28.22 -39.00
N GLU A 755 21.04 -27.35 -39.84
CA GLU A 755 21.72 -26.15 -40.40
C GLU A 755 22.16 -25.22 -39.26
N ALA A 756 21.41 -25.21 -38.15
CA ALA A 756 21.69 -24.40 -36.94
C ALA A 756 22.96 -24.87 -36.23
N LEU A 757 23.46 -26.06 -36.58
CA LEU A 757 24.68 -26.64 -35.97
C LEU A 757 25.92 -26.20 -36.74
N LEU A 758 25.78 -25.30 -37.73
CA LEU A 758 26.95 -24.75 -38.46
C LEU A 758 27.90 -24.06 -37.46
N THR A 759 29.19 -24.06 -37.78
CA THR A 759 30.27 -23.43 -36.97
C THR A 759 30.06 -21.90 -36.93
N THR A 760 29.31 -21.36 -37.89
CA THR A 760 29.10 -19.89 -38.05
C THR A 760 28.04 -19.38 -37.06
N ASN A 761 27.26 -20.27 -36.43
CA ASN A 761 26.11 -19.95 -35.55
C ASN A 761 26.45 -20.32 -34.10
N ILE A 762 27.72 -20.20 -33.70
CA ILE A 762 28.16 -20.52 -32.31
C ILE A 762 28.88 -19.30 -31.74
N VAL A 763 28.73 -19.11 -30.44
CA VAL A 763 29.39 -18.02 -29.65
C VAL A 763 29.97 -18.68 -28.41
N PRO A 764 31.14 -18.19 -27.94
CA PRO A 764 31.68 -18.61 -26.65
C PRO A 764 30.61 -18.38 -25.58
N MET A 765 30.43 -19.34 -24.66
CA MET A 765 29.37 -19.26 -23.62
C MET A 765 29.86 -20.04 -22.38
N TYR A 766 29.92 -19.39 -21.22
CA TYR A 766 30.24 -20.02 -19.92
C TYR A 766 29.18 -21.09 -19.67
N GLN A 767 29.59 -22.20 -19.05
CA GLN A 767 28.69 -23.34 -18.72
C GLN A 767 27.50 -22.83 -17.89
N SER A 768 27.75 -21.92 -16.93
CA SER A 768 26.72 -21.39 -15.99
C SER A 768 25.61 -20.68 -16.78
N PHE A 769 25.97 -19.88 -17.77
CA PHE A 769 25.04 -19.09 -18.60
C PHE A 769 24.20 -20.01 -19.48
N GLN A 770 24.72 -21.20 -19.82
CA GLN A 770 23.97 -22.19 -20.62
C GLN A 770 22.63 -22.51 -19.93
N VAL A 771 22.57 -22.48 -18.60
CA VAL A 771 21.30 -22.79 -17.89
C VAL A 771 20.24 -21.79 -18.35
N ILE A 772 20.59 -20.50 -18.37
CA ILE A 772 19.69 -19.36 -18.77
C ILE A 772 19.30 -19.53 -20.23
N TRP A 773 20.29 -19.68 -21.09
CA TRP A 773 20.14 -19.78 -22.57
C TRP A 773 19.26 -20.98 -22.94
N ARG A 774 19.48 -22.13 -22.29
CA ARG A 774 18.72 -23.39 -22.57
C ARG A 774 17.28 -23.21 -22.09
N TYR A 775 17.04 -22.65 -20.91
CA TYR A 775 15.68 -22.36 -20.39
C TYR A 775 14.95 -21.39 -21.33
N PHE A 776 15.62 -20.35 -21.82
CA PHE A 776 14.98 -19.34 -22.69
C PHE A 776 14.43 -20.03 -23.95
N HIS A 777 15.28 -20.80 -24.63
CA HIS A 777 15.01 -21.37 -25.98
C HIS A 777 14.09 -22.60 -25.87
N ASP A 778 14.22 -23.41 -24.81
CA ASP A 778 13.38 -24.61 -24.60
C ASP A 778 11.97 -24.17 -24.14
N THR A 779 11.88 -23.41 -23.04
CA THR A 779 10.61 -23.07 -22.33
C THR A 779 10.05 -21.72 -22.82
N LEU A 780 10.71 -20.61 -22.51
CA LEU A 780 10.12 -19.24 -22.61
C LEU A 780 9.74 -18.91 -24.05
N LEU A 781 10.66 -19.09 -25.01
CA LEU A 781 10.45 -18.73 -26.43
C LEU A 781 9.18 -19.41 -26.96
N ARG A 782 8.95 -20.68 -26.57
CA ARG A 782 7.72 -21.45 -26.89
C ARG A 782 6.50 -20.67 -26.36
N LYS A 783 6.51 -20.34 -25.05
CA LYS A 783 5.41 -19.62 -24.36
C LYS A 783 5.19 -18.26 -25.04
N TYR A 784 6.25 -17.48 -25.29
CA TYR A 784 6.17 -16.14 -25.95
C TYR A 784 5.53 -16.31 -27.33
N ALA A 785 5.92 -17.33 -28.08
CA ALA A 785 5.43 -17.61 -29.45
C ALA A 785 3.92 -17.84 -29.43
N GLU A 786 3.42 -18.68 -28.49
CA GLU A 786 1.97 -19.03 -28.34
C GLU A 786 1.18 -17.78 -27.93
N GLU A 787 1.71 -17.03 -26.95
CA GLU A 787 1.06 -15.87 -26.27
C GLU A 787 0.85 -14.72 -27.26
N ARG A 788 1.78 -14.51 -28.21
CA ARG A 788 1.78 -13.33 -29.11
C ARG A 788 1.57 -13.75 -30.58
N ASN A 789 1.15 -15.00 -30.83
CA ASN A 789 0.87 -15.56 -32.18
C ASN A 789 2.08 -15.31 -33.11
N GLY A 790 3.26 -15.76 -32.68
CA GLY A 790 4.51 -15.64 -33.44
C GLY A 790 5.37 -14.51 -32.90
N VAL A 791 6.69 -14.66 -33.01
CA VAL A 791 7.69 -13.69 -32.48
C VAL A 791 8.96 -13.78 -33.33
N ASN A 792 9.31 -12.71 -34.04
CA ASN A 792 10.63 -12.51 -34.69
C ASN A 792 11.67 -12.33 -33.58
N VAL A 793 12.81 -12.98 -33.71
CA VAL A 793 13.92 -12.91 -32.70
C VAL A 793 15.18 -12.41 -33.40
N VAL A 794 15.90 -11.52 -32.75
CA VAL A 794 17.31 -11.19 -33.11
C VAL A 794 18.10 -11.29 -31.80
N SER A 795 19.15 -12.10 -31.80
CA SER A 795 20.06 -12.30 -30.66
C SER A 795 21.51 -12.16 -31.14
N GLY A 796 22.44 -11.93 -30.23
CA GLY A 796 23.85 -11.68 -30.57
C GLY A 796 24.73 -11.45 -29.34
N PRO A 797 26.06 -11.44 -29.51
CA PRO A 797 26.96 -11.23 -28.38
C PRO A 797 27.09 -9.73 -28.17
N VAL A 798 27.61 -9.33 -27.00
CA VAL A 798 27.88 -7.91 -26.63
C VAL A 798 29.27 -7.86 -25.99
N PHE A 799 30.09 -6.89 -26.39
CA PHE A 799 31.43 -6.65 -25.81
C PHE A 799 31.47 -5.23 -25.25
N ASP A 800 31.26 -5.09 -23.93
CA ASP A 800 31.39 -3.80 -23.20
C ASP A 800 32.35 -3.98 -22.02
N PHE A 801 33.64 -4.10 -22.31
CA PHE A 801 34.74 -4.22 -21.32
C PHE A 801 34.98 -2.87 -20.63
N ASP A 802 34.64 -1.74 -21.27
CA ASP A 802 34.78 -0.38 -20.68
C ASP A 802 33.62 -0.08 -19.73
N TYR A 803 32.58 -0.92 -19.72
CA TYR A 803 31.28 -0.77 -18.99
C TYR A 803 30.76 0.67 -19.15
N ASP A 804 30.71 1.14 -20.40
CA ASP A 804 30.36 2.55 -20.73
C ASP A 804 29.06 2.59 -21.55
N GLY A 805 28.41 1.43 -21.72
CA GLY A 805 27.11 1.27 -22.39
C GLY A 805 27.22 1.20 -23.91
N ARG A 806 28.45 1.26 -24.44
CA ARG A 806 28.78 1.35 -25.89
C ARG A 806 29.58 0.12 -26.32
N CYS A 807 29.31 -0.40 -27.51
CA CYS A 807 30.14 -1.42 -28.21
C CYS A 807 31.59 -0.95 -28.19
N ASP A 808 32.52 -1.84 -27.82
CA ASP A 808 33.99 -1.54 -27.79
C ASP A 808 34.50 -1.52 -29.23
N SER A 809 35.52 -0.69 -29.51
CA SER A 809 36.21 -0.62 -30.81
C SER A 809 36.86 -1.97 -31.11
N LEU A 810 37.08 -2.31 -32.38
CA LEU A 810 37.88 -3.50 -32.76
C LEU A 810 39.28 -3.35 -32.14
N GLU A 811 39.87 -2.16 -32.24
CA GLU A 811 41.22 -1.86 -31.67
C GLU A 811 41.25 -2.30 -30.20
N ASN A 812 40.33 -1.82 -29.37
CA ASN A 812 40.20 -2.18 -27.94
C ASN A 812 40.03 -3.70 -27.76
N LEU A 813 39.24 -4.35 -28.63
CA LEU A 813 38.83 -5.78 -28.50
C LEU A 813 40.03 -6.71 -28.70
N ARG A 814 41.00 -6.33 -29.53
CA ARG A 814 42.22 -7.13 -29.81
C ARG A 814 42.99 -7.36 -28.50
N GLN A 815 42.97 -6.40 -27.56
CA GLN A 815 43.73 -6.47 -26.28
C GLN A 815 42.92 -7.18 -25.18
N LYS A 816 41.71 -7.64 -25.47
CA LYS A 816 40.77 -8.19 -24.45
C LYS A 816 40.50 -9.68 -24.71
N ARG A 817 41.11 -10.25 -25.75
CA ARG A 817 41.05 -11.72 -26.02
C ARG A 817 41.66 -12.48 -24.85
N ARG A 818 41.04 -13.58 -24.44
CA ARG A 818 41.63 -14.56 -23.50
C ARG A 818 42.36 -15.63 -24.32
N VAL A 819 43.36 -16.27 -23.71
CA VAL A 819 44.12 -17.40 -24.32
C VAL A 819 43.75 -18.68 -23.58
N ILE A 820 43.09 -19.59 -24.29
CA ILE A 820 42.51 -20.85 -23.76
C ILE A 820 42.92 -21.98 -24.72
N ARG A 821 43.51 -23.05 -24.19
CA ARG A 821 44.16 -24.14 -24.98
C ARG A 821 44.99 -23.52 -26.12
N ASN A 822 45.85 -22.56 -25.75
CA ASN A 822 46.81 -21.89 -26.66
C ASN A 822 46.08 -21.31 -27.89
N GLN A 823 44.79 -20.94 -27.76
CA GLN A 823 44.02 -20.23 -28.82
C GLN A 823 43.60 -18.86 -28.29
N GLU A 824 43.46 -17.89 -29.19
CA GLU A 824 42.98 -16.53 -28.83
C GLU A 824 41.48 -16.48 -29.08
N ILE A 825 40.72 -16.26 -28.01
CA ILE A 825 39.22 -16.22 -28.03
C ILE A 825 38.74 -14.92 -27.36
N LEU A 826 37.65 -14.37 -27.86
CA LEU A 826 36.94 -13.20 -27.29
C LEU A 826 35.64 -13.68 -26.64
N ILE A 827 35.50 -13.52 -25.32
CA ILE A 827 34.28 -13.98 -24.58
C ILE A 827 33.36 -12.78 -24.36
N PRO A 828 32.10 -12.87 -24.85
CA PRO A 828 31.10 -11.81 -24.65
C PRO A 828 30.94 -11.41 -23.18
N THR A 829 30.79 -10.11 -22.93
CA THR A 829 30.39 -9.52 -21.61
C THR A 829 28.90 -9.79 -21.39
N HIS A 830 28.09 -9.69 -22.45
CA HIS A 830 26.62 -9.90 -22.40
C HIS A 830 26.15 -10.57 -23.70
N PHE A 831 24.94 -11.10 -23.66
CA PHE A 831 24.14 -11.51 -24.83
C PHE A 831 22.86 -10.67 -24.89
N PHE A 832 22.53 -10.16 -26.07
CA PHE A 832 21.29 -9.40 -26.33
C PHE A 832 20.26 -10.29 -27.01
N ILE A 833 18.99 -10.06 -26.72
CA ILE A 833 17.82 -10.69 -27.39
C ILE A 833 16.80 -9.59 -27.65
N VAL A 834 16.21 -9.57 -28.84
CA VAL A 834 15.12 -8.61 -29.21
C VAL A 834 13.96 -9.40 -29.82
N LEU A 835 12.90 -9.57 -29.05
CA LEU A 835 11.63 -10.19 -29.48
C LEU A 835 10.75 -9.11 -30.12
N THR A 836 10.07 -9.43 -31.23
CA THR A 836 9.17 -8.53 -32.01
C THR A 836 7.93 -9.29 -32.47
N SER A 837 6.75 -8.88 -32.02
CA SER A 837 5.42 -9.41 -32.44
C SER A 837 4.57 -8.22 -32.87
N CYS A 838 3.27 -8.40 -33.10
CA CYS A 838 2.34 -7.30 -33.47
C CYS A 838 1.50 -6.93 -32.24
N LYS A 839 1.17 -5.64 -32.11
CA LYS A 839 0.21 -5.12 -31.11
C LYS A 839 -1.09 -5.93 -31.23
N ASP A 840 -1.55 -6.17 -32.45
CA ASP A 840 -2.74 -7.00 -32.78
C ASP A 840 -2.29 -8.46 -32.93
N THR A 841 -2.65 -9.32 -31.97
CA THR A 841 -2.21 -10.74 -31.91
C THR A 841 -2.94 -11.55 -33.00
N SER A 842 -3.91 -10.96 -33.70
CA SER A 842 -4.57 -11.57 -34.88
C SER A 842 -3.59 -11.70 -36.06
N GLN A 843 -2.66 -10.75 -36.20
CA GLN A 843 -1.65 -10.72 -37.30
C GLN A 843 -0.37 -11.40 -36.76
N THR A 844 0.45 -12.00 -37.62
CA THR A 844 1.74 -12.64 -37.20
C THR A 844 2.85 -11.64 -37.49
N PRO A 845 4.07 -11.83 -36.92
CA PRO A 845 5.16 -10.86 -37.05
C PRO A 845 5.57 -10.37 -38.45
N LEU A 846 5.15 -11.07 -39.50
CA LEU A 846 5.53 -10.77 -40.91
C LEU A 846 4.62 -9.66 -41.45
N HIS A 847 3.46 -9.41 -40.82
CA HIS A 847 2.40 -8.47 -41.28
C HIS A 847 1.83 -7.67 -40.10
N CYS A 848 2.67 -6.95 -39.34
CA CYS A 848 2.26 -6.06 -38.22
C CYS A 848 1.99 -4.67 -38.77
N GLU A 849 0.85 -4.05 -38.42
CA GLU A 849 0.63 -2.59 -38.65
C GLU A 849 1.44 -1.82 -37.59
N ASN A 850 1.55 -2.38 -36.37
CA ASN A 850 2.26 -1.80 -35.21
C ASN A 850 3.08 -2.87 -34.48
N LEU A 851 4.38 -2.59 -34.24
CA LEU A 851 5.33 -3.51 -33.58
C LEU A 851 5.18 -3.44 -32.06
N ASP A 852 5.16 -4.60 -31.39
CA ASP A 852 5.30 -4.74 -29.92
C ASP A 852 6.64 -5.43 -29.63
N THR A 853 7.57 -4.74 -28.99
CA THR A 853 8.96 -5.22 -28.77
C THR A 853 9.19 -5.56 -27.29
N LEU A 854 10.22 -6.35 -27.04
CA LEU A 854 10.70 -6.74 -25.70
C LEU A 854 12.16 -7.16 -25.87
N ALA A 855 13.10 -6.50 -25.20
CA ALA A 855 14.56 -6.68 -25.42
C ALA A 855 15.27 -6.90 -24.09
N PHE A 856 16.39 -7.61 -24.14
CA PHE A 856 17.21 -8.00 -22.97
C PHE A 856 18.69 -7.81 -23.31
N ILE A 857 19.45 -7.38 -22.32
CA ILE A 857 20.94 -7.38 -22.33
C ILE A 857 21.35 -8.21 -21.13
N LEU A 858 21.42 -9.52 -21.34
CA LEU A 858 21.71 -10.53 -20.29
C LEU A 858 23.20 -10.53 -20.00
N PRO A 859 23.60 -10.37 -18.72
CA PRO A 859 25.01 -10.39 -18.36
C PRO A 859 25.55 -11.83 -18.49
N HIS A 860 26.77 -11.93 -19.01
CA HIS A 860 27.47 -13.21 -19.30
C HIS A 860 28.46 -13.49 -18.18
N ARG A 861 28.03 -14.22 -17.16
CA ARG A 861 28.81 -14.41 -15.91
C ARG A 861 29.08 -15.90 -15.71
N THR A 862 30.22 -16.19 -15.09
CA THR A 862 30.83 -17.53 -14.96
C THR A 862 30.07 -18.34 -13.90
N ASP A 863 29.34 -17.69 -13.01
CA ASP A 863 28.40 -18.36 -12.07
C ASP A 863 27.03 -17.65 -12.15
N ASN A 864 26.00 -18.19 -11.51
CA ASN A 864 24.65 -17.58 -11.42
C ASN A 864 24.40 -17.20 -9.96
N SER A 865 25.41 -16.61 -9.31
CA SER A 865 25.31 -16.12 -7.91
C SER A 865 24.35 -14.92 -7.86
N GLU A 866 24.21 -14.19 -8.96
CA GLU A 866 23.22 -13.10 -9.14
C GLU A 866 21.84 -13.59 -8.73
N SER A 867 21.44 -14.80 -9.13
CA SER A 867 20.05 -15.31 -9.05
C SER A 867 19.80 -16.14 -7.78
N CYS A 868 20.84 -16.48 -7.02
CA CYS A 868 20.77 -17.30 -5.78
C CYS A 868 20.02 -18.62 -6.06
N VAL A 869 20.58 -19.43 -6.96
CA VAL A 869 20.13 -20.82 -7.24
C VAL A 869 20.57 -21.70 -6.07
N HIS A 870 19.65 -21.98 -5.14
CA HIS A 870 19.83 -22.97 -4.04
C HIS A 870 18.47 -23.20 -3.36
N GLY A 871 17.90 -24.39 -3.52
CA GLY A 871 16.61 -24.80 -2.94
C GLY A 871 15.43 -24.21 -3.69
N LYS A 872 15.65 -23.72 -4.91
CA LYS A 872 14.63 -23.07 -5.78
C LYS A 872 14.46 -23.91 -7.04
N HIS A 873 13.23 -23.94 -7.60
CA HIS A 873 12.89 -24.58 -8.90
C HIS A 873 13.41 -23.68 -10.05
N ASP A 874 13.91 -24.31 -11.13
CA ASP A 874 14.66 -23.64 -12.23
C ASP A 874 13.83 -22.50 -12.84
N SER A 875 12.56 -22.79 -13.17
CA SER A 875 11.59 -21.89 -13.84
C SER A 875 11.68 -20.46 -13.30
N SER A 876 11.52 -20.31 -11.98
CA SER A 876 11.35 -19.02 -11.26
C SER A 876 12.42 -18.01 -11.73
N TRP A 877 13.69 -18.31 -11.43
CA TRP A 877 14.77 -17.29 -11.31
C TRP A 877 15.22 -16.78 -12.67
N VAL A 878 15.09 -17.57 -13.73
CA VAL A 878 15.55 -17.19 -15.09
C VAL A 878 14.65 -16.05 -15.62
N GLU A 879 13.33 -16.22 -15.49
CA GLU A 879 12.33 -15.22 -15.95
C GLU A 879 12.64 -13.91 -15.20
N GLU A 880 12.87 -13.99 -13.89
CA GLU A 880 13.13 -12.82 -13.02
C GLU A 880 14.41 -12.10 -13.48
N LEU A 881 15.44 -12.84 -13.86
CA LEU A 881 16.75 -12.26 -14.27
C LEU A 881 16.56 -11.54 -15.61
N LEU A 882 15.79 -12.14 -16.52
CA LEU A 882 15.45 -11.49 -17.82
C LEU A 882 14.72 -10.18 -17.55
N MET A 883 13.66 -10.19 -16.73
CA MET A 883 12.87 -8.97 -16.42
C MET A 883 13.82 -7.90 -15.87
N LEU A 884 14.64 -8.22 -14.87
CA LEU A 884 15.56 -7.22 -14.25
C LEU A 884 16.47 -6.60 -15.33
N HIS A 885 16.87 -7.39 -16.32
CA HIS A 885 17.90 -7.04 -17.33
C HIS A 885 17.27 -6.69 -18.67
N ARG A 886 15.96 -6.41 -18.69
CA ARG A 886 15.31 -5.86 -19.91
C ARG A 886 15.99 -4.52 -20.23
N ALA A 887 15.76 -4.02 -21.43
CA ALA A 887 16.44 -2.81 -21.95
C ALA A 887 15.66 -2.28 -23.13
N ARG A 888 15.84 -1.00 -23.39
CA ARG A 888 15.34 -0.35 -24.61
C ARG A 888 16.09 -0.95 -25.79
N ILE A 889 15.45 -1.10 -26.95
CA ILE A 889 16.14 -1.43 -28.23
C ILE A 889 17.30 -0.44 -28.42
N THR A 890 17.09 0.84 -28.13
CA THR A 890 18.15 1.88 -28.21
C THR A 890 19.34 1.48 -27.32
N ASP A 891 19.10 0.84 -26.18
CA ASP A 891 20.20 0.41 -25.27
C ASP A 891 21.05 -0.64 -25.99
N VAL A 892 20.39 -1.59 -26.66
CA VAL A 892 21.01 -2.65 -27.51
C VAL A 892 21.77 -1.98 -28.65
N GLU A 893 21.15 -1.05 -29.37
CA GLU A 893 21.80 -0.39 -30.53
C GLU A 893 23.13 0.20 -30.08
N HIS A 894 23.14 0.93 -28.96
CA HIS A 894 24.33 1.65 -28.42
C HIS A 894 25.44 0.65 -28.12
N ILE A 895 25.10 -0.50 -27.54
CA ILE A 895 26.10 -1.43 -26.94
C ILE A 895 26.55 -2.48 -27.97
N THR A 896 25.85 -2.63 -29.10
CA THR A 896 26.20 -3.59 -30.20
C THR A 896 26.75 -2.88 -31.43
N GLY A 897 26.47 -1.59 -31.60
CA GLY A 897 26.74 -0.85 -32.86
C GLY A 897 25.81 -1.27 -33.99
N LEU A 898 24.71 -1.96 -33.67
CA LEU A 898 23.66 -2.35 -34.64
C LEU A 898 22.54 -1.31 -34.67
N SER A 899 21.74 -1.30 -35.75
CA SER A 899 20.56 -0.43 -35.96
C SER A 899 19.44 -1.24 -36.61
N PHE A 900 18.33 -1.44 -35.89
CA PHE A 900 17.24 -2.36 -36.32
C PHE A 900 16.11 -1.58 -37.00
N TYR A 901 15.24 -2.35 -37.67
CA TYR A 901 13.91 -1.93 -38.19
C TYR A 901 14.03 -0.86 -39.30
N GLN A 902 15.18 -0.75 -39.97
CA GLN A 902 15.44 0.33 -40.97
C GLN A 902 14.59 0.17 -42.23
N GLN A 903 13.90 -0.97 -42.44
CA GLN A 903 13.09 -1.18 -43.68
C GLN A 903 11.60 -1.08 -43.35
N ARG A 904 11.24 -0.61 -42.15
CA ARG A 904 9.81 -0.44 -41.79
C ARG A 904 9.22 0.74 -42.57
N LYS A 905 7.93 0.65 -42.90
CA LYS A 905 7.18 1.66 -43.70
C LYS A 905 6.92 2.90 -42.83
N GLU A 906 6.87 2.75 -41.49
CA GLU A 906 6.66 3.84 -40.49
C GLU A 906 7.64 5.00 -40.67
N PRO A 907 7.26 6.24 -40.31
CA PRO A 907 8.23 7.36 -40.30
C PRO A 907 9.26 7.14 -39.19
N VAL A 908 10.41 7.80 -39.30
CA VAL A 908 11.62 7.48 -38.47
C VAL A 908 11.33 7.83 -37.01
N SER A 909 10.74 9.00 -36.78
CA SER A 909 10.35 9.51 -35.44
C SER A 909 9.51 8.45 -34.72
N ASP A 910 8.54 7.83 -35.38
CA ASP A 910 7.67 6.80 -34.77
C ASP A 910 8.51 5.56 -34.38
N ILE A 911 9.56 5.26 -35.15
CA ILE A 911 10.48 4.11 -34.87
C ILE A 911 11.32 4.46 -33.64
N LEU A 912 11.91 5.66 -33.59
CA LEU A 912 12.70 6.14 -32.42
C LEU A 912 11.83 6.05 -31.15
N LYS A 913 10.56 6.42 -31.24
CA LYS A 913 9.59 6.27 -30.13
C LYS A 913 9.62 4.82 -29.67
N LEU A 914 9.48 3.89 -30.62
CA LEU A 914 9.40 2.43 -30.37
C LEU A 914 10.73 1.95 -29.79
N LYS A 915 11.84 2.45 -30.31
CA LYS A 915 13.21 1.98 -29.95
C LYS A 915 13.54 2.41 -28.53
N THR A 916 13.02 3.55 -28.08
CA THR A 916 13.33 4.12 -26.73
C THR A 916 12.34 3.60 -25.69
N HIS A 917 11.32 2.85 -26.08
CA HIS A 917 10.34 2.26 -25.11
C HIS A 917 11.04 1.22 -24.26
N LEU A 918 10.77 1.23 -22.95
CA LEU A 918 11.18 0.15 -22.01
C LEU A 918 9.89 -0.45 -21.45
N PRO A 919 9.70 -1.78 -21.54
CA PRO A 919 8.48 -2.39 -20.98
C PRO A 919 8.51 -2.46 -19.44
N THR A 920 7.37 -2.19 -18.78
CA THR A 920 7.19 -2.25 -17.30
C THR A 920 5.99 -3.14 -17.00
N PHE A 921 6.08 -3.98 -15.96
CA PHE A 921 5.02 -4.93 -15.55
C PHE A 921 4.72 -4.75 -14.05
N GLU B 104 -20.76 50.06 -1.11
CA GLU B 104 -22.16 50.48 -0.82
C GLU B 104 -22.98 50.34 -2.11
N VAL B 105 -22.99 51.40 -2.94
CA VAL B 105 -23.72 51.47 -4.25
C VAL B 105 -23.32 50.28 -5.13
N LYS B 106 -22.20 49.61 -4.82
CA LYS B 106 -21.61 48.53 -5.66
C LYS B 106 -21.95 47.13 -5.09
N SER B 107 -22.92 47.04 -4.17
CA SER B 107 -23.26 45.83 -3.37
C SER B 107 -24.79 45.65 -3.20
N CYS B 108 -25.23 44.39 -3.13
CA CYS B 108 -26.65 44.00 -2.89
C CYS B 108 -27.04 44.00 -1.39
N LYS B 109 -26.09 44.21 -0.48
CA LYS B 109 -26.36 44.25 0.98
C LYS B 109 -27.57 45.17 1.22
N GLY B 110 -28.64 44.62 1.80
CA GLY B 110 -29.87 45.35 2.17
C GLY B 110 -30.82 45.62 1.01
N ARG B 111 -30.53 45.14 -0.21
CA ARG B 111 -31.32 45.50 -1.42
C ARG B 111 -31.80 44.25 -2.17
N CYS B 112 -31.61 43.04 -1.65
CA CYS B 112 -31.95 41.81 -2.42
C CYS B 112 -33.38 41.92 -2.96
N PHE B 113 -33.51 41.83 -4.29
CA PHE B 113 -34.79 41.64 -5.04
C PHE B 113 -35.56 42.95 -5.19
N GLU B 114 -35.05 44.08 -4.68
CA GLU B 114 -35.68 45.41 -4.85
C GLU B 114 -35.18 46.02 -6.16
N ARG B 115 -36.04 46.81 -6.82
CA ARG B 115 -35.71 47.64 -8.01
C ARG B 115 -34.71 48.73 -7.59
N THR B 116 -33.78 49.08 -8.47
CA THR B 116 -32.75 50.14 -8.26
C THR B 116 -32.74 50.98 -9.54
N PHE B 117 -32.15 52.20 -9.54
CA PHE B 117 -31.96 52.97 -10.79
C PHE B 117 -30.51 52.86 -11.31
N GLY B 118 -29.58 53.62 -10.71
CA GLY B 118 -28.27 53.94 -11.32
C GLY B 118 -27.12 53.09 -10.79
N ASN B 119 -27.35 51.78 -10.61
CA ASN B 119 -26.40 50.83 -9.97
C ASN B 119 -26.45 49.46 -10.66
N CYS B 120 -25.52 48.59 -10.29
CA CYS B 120 -25.60 47.11 -10.48
C CYS B 120 -26.91 46.61 -9.85
N ARG B 121 -27.43 45.47 -10.32
CA ARG B 121 -28.79 44.97 -9.99
C ARG B 121 -28.72 43.80 -9.02
N CYS B 122 -29.84 43.54 -8.33
CA CYS B 122 -29.99 42.52 -7.28
C CYS B 122 -31.34 41.81 -7.44
N ASP B 123 -31.78 41.60 -8.69
CA ASP B 123 -33.01 40.85 -9.03
C ASP B 123 -32.61 39.72 -9.98
N ALA B 124 -33.41 38.65 -10.06
CA ALA B 124 -33.05 37.37 -10.72
C ALA B 124 -32.71 37.59 -12.20
N ALA B 125 -33.31 38.63 -12.79
CA ALA B 125 -33.15 38.99 -14.22
C ALA B 125 -31.72 39.48 -14.48
N CYS B 126 -30.98 39.93 -13.47
CA CYS B 126 -29.64 40.56 -13.65
C CYS B 126 -28.70 39.58 -14.35
N VAL B 127 -28.84 38.27 -14.12
CA VAL B 127 -27.84 37.25 -14.57
C VAL B 127 -27.77 37.28 -16.10
N GLU B 128 -28.92 37.15 -16.77
CA GLU B 128 -29.06 37.17 -18.24
C GLU B 128 -28.42 38.46 -18.80
N LEU B 129 -28.71 39.60 -18.16
CA LEU B 129 -28.28 40.96 -18.62
C LEU B 129 -26.81 41.19 -18.26
N GLY B 130 -26.23 40.33 -17.42
CA GLY B 130 -24.84 40.43 -16.93
C GLY B 130 -24.56 41.79 -16.29
N ASN B 131 -25.51 42.29 -15.48
CA ASN B 131 -25.39 43.60 -14.78
C ASN B 131 -25.62 43.42 -13.28
N CYS B 132 -25.53 42.19 -12.75
CA CYS B 132 -25.58 41.89 -11.29
C CYS B 132 -24.45 42.62 -10.58
N CYS B 133 -24.65 43.06 -9.33
CA CYS B 133 -23.53 43.37 -8.41
C CYS B 133 -22.71 42.09 -8.27
N LEU B 134 -21.44 42.18 -7.92
CA LEU B 134 -20.54 40.99 -7.78
C LEU B 134 -21.03 40.09 -6.66
N ASP B 135 -21.66 40.68 -5.63
CA ASP B 135 -22.01 39.93 -4.40
C ASP B 135 -23.49 39.53 -4.43
N TYR B 136 -24.14 39.53 -5.61
CA TYR B 136 -25.57 39.16 -5.72
C TYR B 136 -25.77 37.72 -5.26
N GLN B 137 -25.01 36.75 -5.78
CA GLN B 137 -25.17 35.31 -5.48
C GLN B 137 -24.96 35.07 -3.97
N GLU B 138 -23.83 35.54 -3.44
CA GLU B 138 -23.41 35.34 -2.02
C GLU B 138 -24.45 35.95 -1.08
N THR B 139 -24.99 37.12 -1.42
CA THR B 139 -25.90 37.91 -0.56
C THR B 139 -27.35 37.41 -0.61
N CYS B 140 -27.85 37.07 -1.81
CA CYS B 140 -29.31 36.92 -2.11
C CYS B 140 -29.71 35.48 -2.40
N ILE B 141 -28.83 34.66 -3.00
CA ILE B 141 -29.19 33.28 -3.46
C ILE B 141 -28.59 32.22 -2.52
N GLU B 142 -27.27 32.21 -2.33
CA GLU B 142 -26.54 31.21 -1.49
C GLU B 142 -27.34 30.92 -0.22
N PRO B 143 -27.81 31.92 0.56
CA PRO B 143 -28.51 31.65 1.82
C PRO B 143 -29.69 30.68 1.75
N GLU B 144 -30.24 30.44 0.55
CA GLU B 144 -31.33 29.46 0.28
C GLU B 144 -30.75 28.04 0.28
N HIS B 145 -29.44 27.90 0.14
CA HIS B 145 -28.74 26.60 -0.10
C HIS B 145 -27.74 26.25 1.01
N ILE B 146 -27.38 27.19 1.89
CA ILE B 146 -26.35 26.96 2.95
C ILE B 146 -26.96 27.11 4.34
N TRP B 147 -26.31 26.49 5.34
N TRP B 147 -26.31 26.49 5.34
CA TRP B 147 -26.71 26.54 6.77
CA TRP B 147 -26.72 26.53 6.76
C TRP B 147 -25.68 27.32 7.59
C TRP B 147 -25.70 27.33 7.59
N THR B 148 -24.80 28.08 6.94
CA THR B 148 -23.73 28.86 7.60
C THR B 148 -23.90 30.37 7.42
N CYS B 149 -23.50 31.14 8.44
CA CYS B 149 -23.18 32.57 8.29
C CYS B 149 -21.77 32.66 7.74
N ASN B 150 -21.46 33.78 7.11
CA ASN B 150 -20.09 34.20 6.73
C ASN B 150 -20.05 35.69 7.05
N LYS B 151 -18.87 36.30 7.02
CA LYS B 151 -18.70 37.67 7.58
C LYS B 151 -19.54 38.65 6.74
N PHE B 152 -19.91 38.24 5.53
CA PHE B 152 -20.62 39.12 4.55
C PHE B 152 -22.14 38.97 4.67
N ARG B 153 -22.65 38.02 5.46
CA ARG B 153 -24.09 37.89 5.81
C ARG B 153 -24.37 38.52 7.17
N CYS B 154 -23.33 38.88 7.94
CA CYS B 154 -23.47 39.42 9.30
C CYS B 154 -24.24 40.75 9.23
N GLY B 155 -25.45 40.77 9.77
CA GLY B 155 -26.35 41.93 9.75
C GLY B 155 -27.07 42.06 8.42
N GLU B 156 -27.18 40.96 7.67
CA GLU B 156 -27.97 40.92 6.42
C GLU B 156 -29.39 41.39 6.74
N LYS B 157 -30.04 42.05 5.79
CA LYS B 157 -31.51 42.21 5.80
C LYS B 157 -32.04 40.79 5.65
N ARG B 158 -32.84 40.35 6.62
CA ARG B 158 -33.51 39.02 6.64
C ARG B 158 -34.03 38.72 5.23
N LEU B 159 -33.71 37.53 4.71
CA LEU B 159 -34.33 36.94 3.49
C LEU B 159 -35.37 35.90 3.92
N THR B 160 -36.50 35.83 3.23
CA THR B 160 -37.63 34.93 3.61
C THR B 160 -37.30 33.49 3.18
N ARG B 161 -36.49 33.32 2.13
CA ARG B 161 -36.17 32.01 1.50
C ARG B 161 -34.94 31.36 2.17
N SER B 162 -34.22 32.11 3.02
CA SER B 162 -32.95 31.66 3.66
C SER B 162 -33.28 30.52 4.63
N LEU B 163 -32.42 29.48 4.67
CA LEU B 163 -32.58 28.28 5.52
C LEU B 163 -32.38 28.64 7.01
N CYS B 164 -31.45 29.54 7.30
CA CYS B 164 -31.32 30.21 8.61
C CYS B 164 -30.88 31.66 8.40
N ALA B 165 -30.92 32.46 9.46
CA ALA B 165 -30.68 33.91 9.44
C ALA B 165 -29.31 34.26 10.03
N CYS B 166 -28.75 35.38 9.58
CA CYS B 166 -27.58 36.06 10.17
C CYS B 166 -27.93 37.52 10.43
N SER B 167 -29.22 37.84 10.43
CA SER B 167 -29.76 39.22 10.61
C SER B 167 -29.60 39.61 12.07
N ASP B 168 -29.53 40.91 12.37
CA ASP B 168 -29.32 41.41 13.76
C ASP B 168 -30.40 40.80 14.67
N ASP B 169 -31.59 40.52 14.14
CA ASP B 169 -32.77 40.12 14.94
C ASP B 169 -32.82 38.59 15.11
N CYS B 170 -31.81 37.85 14.62
CA CYS B 170 -31.89 36.37 14.48
C CYS B 170 -32.00 35.71 15.86
N LYS B 171 -31.31 36.24 16.88
CA LYS B 171 -31.29 35.67 18.25
C LYS B 171 -32.69 35.75 18.85
N ASP B 172 -33.33 36.94 18.77
CA ASP B 172 -34.72 37.15 19.23
C ASP B 172 -35.64 36.14 18.54
N LYS B 173 -35.60 36.06 17.21
CA LYS B 173 -36.48 35.13 16.43
C LYS B 173 -35.98 33.69 16.57
N GLY B 174 -34.76 33.47 17.10
CA GLY B 174 -34.22 32.15 17.48
C GLY B 174 -34.03 31.22 16.29
N ASP B 175 -33.51 31.74 15.18
CA ASP B 175 -33.24 30.97 13.93
C ASP B 175 -31.91 31.43 13.34
N CYS B 176 -30.98 31.94 14.15
CA CYS B 176 -29.59 32.17 13.73
C CYS B 176 -29.04 30.87 13.16
N CYS B 177 -28.18 30.93 12.15
CA CYS B 177 -27.37 29.77 11.72
C CYS B 177 -26.50 29.37 12.91
N ILE B 178 -26.09 28.11 13.00
CA ILE B 178 -25.34 27.61 14.18
C ILE B 178 -24.09 28.45 14.41
N ASN B 179 -23.37 28.83 13.36
CA ASN B 179 -22.06 29.52 13.50
C ASN B 179 -22.25 31.03 13.63
N TYR B 180 -23.45 31.52 13.94
CA TYR B 180 -23.73 32.96 13.98
C TYR B 180 -22.80 33.66 14.96
N SER B 181 -22.78 33.20 16.21
CA SER B 181 -21.99 33.75 17.33
C SER B 181 -20.50 33.75 16.98
N SER B 182 -20.01 32.65 16.41
CA SER B 182 -18.58 32.46 16.02
C SER B 182 -18.18 33.54 15.00
N VAL B 183 -18.99 33.75 13.97
CA VAL B 183 -18.65 34.55 12.76
C VAL B 183 -18.99 36.01 13.01
N CYS B 184 -20.17 36.29 13.53
CA CYS B 184 -20.79 37.64 13.55
C CYS B 184 -20.60 38.33 14.91
N GLN B 185 -20.38 37.60 15.99
CA GLN B 185 -20.33 38.24 17.34
C GLN B 185 -18.98 37.98 18.00
N GLY B 186 -17.98 37.48 17.26
CA GLY B 186 -16.59 37.35 17.73
C GLY B 186 -16.41 36.38 18.89
N GLU B 187 -17.37 35.47 19.15
CA GLU B 187 -17.12 34.26 19.99
C GLU B 187 -16.21 33.30 19.21
N LYS B 188 -15.66 32.30 19.91
CA LYS B 188 -14.86 31.22 19.29
C LYS B 188 -15.79 30.05 18.98
N SER B 189 -15.54 29.31 17.89
CA SER B 189 -16.21 28.01 17.61
C SER B 189 -15.68 26.98 18.60
N TRP B 190 -16.44 25.93 18.88
CA TRP B 190 -15.99 24.88 19.83
C TRP B 190 -14.59 24.41 19.40
N VAL B 191 -14.36 24.21 18.10
CA VAL B 191 -13.06 23.64 17.64
C VAL B 191 -11.92 24.62 17.93
N GLU B 192 -12.19 25.92 17.97
CA GLU B 192 -11.20 27.00 18.23
C GLU B 192 -10.80 27.07 19.71
N GLU B 193 -11.66 26.64 20.62
CA GLU B 193 -11.35 26.72 22.08
C GLU B 193 -10.29 25.68 22.42
N PRO B 194 -9.34 26.04 23.32
CA PRO B 194 -8.42 25.08 23.90
C PRO B 194 -9.13 23.96 24.65
N CYS B 195 -8.47 22.81 24.83
CA CYS B 195 -9.00 21.68 25.62
C CYS B 195 -9.37 22.19 27.01
N GLU B 196 -10.44 21.62 27.58
CA GLU B 196 -10.98 21.92 28.93
C GLU B 196 -10.96 20.63 29.76
N SER B 197 -10.72 20.71 31.05
CA SER B 197 -11.11 19.65 32.01
C SER B 197 -12.58 19.88 32.35
N ILE B 198 -13.40 18.83 32.30
CA ILE B 198 -14.81 18.84 32.75
C ILE B 198 -14.95 17.87 33.93
N ASN B 199 -14.51 18.25 35.13
CA ASN B 199 -14.64 17.39 36.32
C ASN B 199 -16.06 17.55 36.86
N GLU B 200 -16.53 18.79 37.02
CA GLU B 200 -17.95 19.11 37.34
C GLU B 200 -18.63 19.46 36.03
N PRO B 201 -19.73 18.78 35.65
CA PRO B 201 -20.48 19.16 34.45
C PRO B 201 -21.18 20.51 34.66
N GLN B 202 -21.45 21.25 33.59
CA GLN B 202 -22.30 22.46 33.60
C GLN B 202 -23.58 22.12 32.83
N CYS B 203 -24.58 21.58 33.54
CA CYS B 203 -25.82 21.01 32.95
C CYS B 203 -27.03 21.79 33.46
N PRO B 204 -28.10 21.93 32.64
CA PRO B 204 -29.34 22.54 33.10
C PRO B 204 -30.14 21.57 33.99
N ALA B 205 -31.16 22.10 34.64
CA ALA B 205 -32.08 21.32 35.50
C ALA B 205 -32.64 20.15 34.67
N GLY B 206 -32.57 18.92 35.22
CA GLY B 206 -33.08 17.71 34.54
C GLY B 206 -31.94 16.81 34.11
N PHE B 207 -30.75 17.39 33.96
CA PHE B 207 -29.53 16.67 33.54
C PHE B 207 -28.58 16.49 34.74
N GLU B 208 -29.14 16.24 35.93
CA GLU B 208 -28.39 15.81 37.12
C GLU B 208 -27.60 14.56 36.75
N THR B 209 -28.16 13.68 35.91
CA THR B 209 -27.41 12.72 35.07
C THR B 209 -27.31 13.31 33.67
N PRO B 210 -26.09 13.56 33.14
CA PRO B 210 -25.97 14.25 31.86
C PRO B 210 -26.34 13.33 30.71
N PRO B 211 -26.77 13.90 29.56
CA PRO B 211 -27.25 13.10 28.43
C PRO B 211 -26.05 12.44 27.78
N THR B 212 -26.29 11.33 27.07
CA THR B 212 -25.30 10.65 26.21
C THR B 212 -25.84 10.68 24.77
N LEU B 213 -24.99 11.00 23.80
CA LEU B 213 -25.36 11.01 22.36
C LEU B 213 -24.41 10.07 21.63
N LEU B 214 -24.96 9.07 20.95
CA LEU B 214 -24.22 8.10 20.14
C LEU B 214 -24.28 8.58 18.68
N PHE B 215 -23.15 9.05 18.16
CA PHE B 215 -23.03 9.65 16.81
C PHE B 215 -22.25 8.68 15.91
N SER B 216 -22.94 8.06 14.95
CA SER B 216 -22.33 7.07 14.03
C SER B 216 -22.03 7.71 12.69
N LEU B 217 -20.78 7.57 12.24
CA LEU B 217 -20.33 7.79 10.84
C LEU B 217 -20.13 6.42 10.18
N ASP B 218 -21.07 6.04 9.30
CA ASP B 218 -21.06 4.72 8.63
C ASP B 218 -19.72 4.59 7.89
N GLY B 219 -19.00 3.49 8.13
CA GLY B 219 -17.84 3.09 7.32
C GLY B 219 -16.64 3.99 7.51
N PHE B 220 -16.57 4.68 8.64
CA PHE B 220 -15.36 5.42 9.07
C PHE B 220 -14.37 4.39 9.61
N ARG B 221 -13.48 3.87 8.76
CA ARG B 221 -12.40 2.99 9.24
C ARG B 221 -11.44 3.80 10.11
N ALA B 222 -10.96 3.20 11.19
CA ALA B 222 -10.00 3.79 12.15
C ALA B 222 -8.87 4.50 11.41
N GLU B 223 -8.34 3.88 10.35
CA GLU B 223 -7.17 4.37 9.58
C GLU B 223 -7.44 5.79 9.07
N TYR B 224 -8.68 6.13 8.69
CA TYR B 224 -9.02 7.47 8.14
C TYR B 224 -8.53 8.57 9.10
N LEU B 225 -8.63 8.38 10.42
CA LEU B 225 -8.19 9.40 11.39
C LEU B 225 -6.67 9.33 11.57
N HIS B 226 -6.08 8.14 11.48
CA HIS B 226 -4.61 7.96 11.58
C HIS B 226 -3.92 8.85 10.54
N THR B 227 -4.48 8.87 9.33
CA THR B 227 -3.83 9.32 8.07
C THR B 227 -4.28 10.73 7.73
N TRP B 228 -5.58 10.99 7.80
CA TRP B 228 -6.20 12.27 7.34
C TRP B 228 -6.60 13.17 8.52
N GLY B 229 -6.09 12.90 9.73
CA GLY B 229 -6.38 13.70 10.93
C GLY B 229 -6.10 15.18 10.70
N GLY B 230 -5.04 15.49 9.95
CA GLY B 230 -4.67 16.86 9.62
C GLY B 230 -5.74 17.58 8.81
N LEU B 231 -6.66 16.84 8.16
CA LEU B 231 -7.76 17.44 7.36
C LEU B 231 -9.06 17.43 8.14
N LEU B 232 -9.05 16.87 9.36
CA LEU B 232 -10.26 16.65 10.20
C LEU B 232 -10.08 17.31 11.56
N PRO B 233 -10.14 18.66 11.62
CA PRO B 233 -9.78 19.38 12.83
C PRO B 233 -10.68 19.09 14.05
N VAL B 234 -11.98 18.90 13.81
CA VAL B 234 -13.01 18.73 14.90
C VAL B 234 -12.82 17.35 15.52
N ILE B 235 -12.89 16.30 14.72
CA ILE B 235 -12.71 14.90 15.22
C ILE B 235 -11.34 14.83 15.90
N SER B 236 -10.34 15.47 15.32
CA SER B 236 -8.97 15.55 15.89
C SER B 236 -9.01 16.23 17.26
N LYS B 237 -9.76 17.32 17.44
CA LYS B 237 -9.79 18.02 18.75
C LYS B 237 -10.50 17.13 19.78
N LEU B 238 -11.58 16.43 19.39
CA LEU B 238 -12.27 15.46 20.26
C LEU B 238 -11.25 14.42 20.73
N LYS B 239 -10.53 13.79 19.81
CA LYS B 239 -9.42 12.87 20.15
C LYS B 239 -8.47 13.54 21.16
N LYS B 240 -7.95 14.71 20.84
CA LYS B 240 -6.94 15.42 21.69
C LYS B 240 -7.50 15.63 23.10
N CYS B 241 -8.73 16.14 23.23
CA CYS B 241 -9.29 16.61 24.52
C CYS B 241 -10.06 15.48 25.22
N GLY B 242 -10.18 14.31 24.60
CA GLY B 242 -11.16 13.29 25.01
C GLY B 242 -10.54 11.94 25.26
N THR B 243 -11.34 10.89 25.12
CA THR B 243 -10.93 9.49 25.32
C THR B 243 -11.00 8.84 23.94
N TYR B 244 -9.88 8.30 23.45
CA TYR B 244 -9.72 7.79 22.06
C TYR B 244 -9.07 6.40 22.09
N THR B 245 -9.43 5.54 21.15
CA THR B 245 -8.64 4.32 20.86
C THR B 245 -8.34 4.28 19.36
N LYS B 246 -7.10 3.95 19.00
CA LYS B 246 -6.64 3.96 17.59
C LYS B 246 -7.52 2.98 16.82
N ASN B 247 -8.10 1.99 17.50
CA ASN B 247 -8.89 0.91 16.86
C ASN B 247 -9.95 0.42 17.83
N MET B 248 -11.23 0.51 17.45
CA MET B 248 -12.34 -0.21 18.11
C MET B 248 -12.71 -1.40 17.21
N ARG B 249 -12.66 -2.62 17.75
CA ARG B 249 -12.92 -3.86 16.98
C ARG B 249 -14.43 -4.05 16.83
N PRO B 250 -14.92 -4.12 15.58
CA PRO B 250 -16.32 -4.44 15.33
C PRO B 250 -16.59 -5.94 15.51
N VAL B 251 -17.87 -6.31 15.44
CA VAL B 251 -18.35 -7.73 15.40
C VAL B 251 -18.37 -8.21 13.94
N TYR B 252 -18.17 -9.52 13.76
CA TYR B 252 -18.28 -10.25 12.48
C TYR B 252 -19.75 -10.60 12.27
N PRO B 253 -20.29 -10.51 11.04
CA PRO B 253 -19.60 -9.87 9.92
C PRO B 253 -19.57 -8.34 10.08
N THR B 254 -18.50 -7.70 9.59
CA THR B 254 -18.24 -6.24 9.71
C THR B 254 -19.19 -5.49 8.76
N LYS B 255 -20.49 -5.59 9.03
CA LYS B 255 -21.57 -4.98 8.22
C LYS B 255 -22.38 -4.02 9.10
N THR B 256 -23.14 -3.13 8.46
CA THR B 256 -23.83 -1.98 9.10
C THR B 256 -24.86 -2.43 10.13
N PHE B 257 -25.94 -3.11 9.72
CA PHE B 257 -27.07 -3.47 10.63
C PHE B 257 -26.52 -4.29 11.79
N PRO B 258 -25.77 -5.40 11.56
CA PRO B 258 -25.15 -6.14 12.66
C PRO B 258 -24.39 -5.30 13.70
N ASN B 259 -23.49 -4.41 13.26
CA ASN B 259 -22.59 -3.68 14.19
C ASN B 259 -23.38 -2.59 14.92
N HIS B 260 -24.24 -1.83 14.23
CA HIS B 260 -25.04 -0.77 14.89
C HIS B 260 -25.85 -1.43 16.01
N TYR B 261 -26.51 -2.54 15.72
CA TYR B 261 -27.45 -3.20 16.68
C TYR B 261 -26.61 -3.81 17.81
N SER B 262 -25.43 -4.33 17.51
CA SER B 262 -24.46 -4.82 18.52
C SER B 262 -24.12 -3.68 19.48
N ILE B 263 -23.84 -2.48 18.96
CA ILE B 263 -23.32 -1.36 19.79
C ILE B 263 -24.34 -1.08 20.91
N VAL B 264 -25.62 -1.07 20.55
CA VAL B 264 -26.72 -0.62 21.45
C VAL B 264 -27.29 -1.78 22.27
N THR B 265 -26.79 -3.01 22.11
CA THR B 265 -27.28 -4.19 22.88
C THR B 265 -26.16 -4.84 23.67
N GLY B 266 -24.91 -4.66 23.26
CA GLY B 266 -23.74 -5.31 23.88
C GLY B 266 -23.67 -6.78 23.53
N LEU B 267 -24.43 -7.19 22.52
CA LEU B 267 -24.56 -8.60 22.09
C LEU B 267 -23.79 -8.83 20.79
N TYR B 268 -23.19 -10.03 20.66
CA TYR B 268 -22.76 -10.62 19.38
C TYR B 268 -23.99 -10.75 18.50
N PRO B 269 -23.86 -10.64 17.16
CA PRO B 269 -24.98 -10.91 16.25
C PRO B 269 -25.63 -12.28 16.44
N GLU B 270 -24.83 -13.34 16.61
CA GLU B 270 -25.31 -14.73 16.83
C GLU B 270 -26.35 -14.73 17.96
N SER B 271 -26.32 -13.72 18.84
CA SER B 271 -27.25 -13.60 19.99
C SER B 271 -28.33 -12.55 19.74
N HIS B 272 -28.07 -11.47 19.02
CA HIS B 272 -29.10 -10.40 18.83
C HIS B 272 -29.91 -10.66 17.55
N GLY B 273 -29.49 -11.59 16.70
CA GLY B 273 -30.33 -12.09 15.59
C GLY B 273 -30.20 -11.29 14.30
N ILE B 274 -29.60 -10.11 14.35
CA ILE B 274 -29.37 -9.29 13.11
C ILE B 274 -27.98 -9.64 12.58
N ILE B 275 -27.87 -10.76 11.85
CA ILE B 275 -26.54 -11.29 11.42
C ILE B 275 -26.15 -10.71 10.05
N ASP B 276 -27.06 -10.05 9.32
CA ASP B 276 -26.73 -9.37 8.03
C ASP B 276 -27.91 -8.49 7.58
N ASN B 277 -27.68 -7.72 6.52
CA ASN B 277 -28.67 -6.79 5.90
C ASN B 277 -29.72 -7.63 5.17
N LYS B 278 -29.40 -8.89 4.84
CA LYS B 278 -30.34 -9.94 4.31
C LYS B 278 -30.14 -11.25 5.09
N MET B 279 -31.20 -11.96 5.49
CA MET B 279 -31.07 -13.32 6.11
C MET B 279 -32.36 -14.12 5.91
N TYR B 280 -32.29 -15.43 6.18
CA TYR B 280 -33.43 -16.38 6.18
C TYR B 280 -33.46 -17.11 7.54
N ASP B 281 -34.61 -17.07 8.23
CA ASP B 281 -34.87 -17.88 9.45
C ASP B 281 -35.70 -19.08 9.02
N PRO B 282 -35.22 -20.33 9.26
CA PRO B 282 -35.97 -21.52 8.88
C PRO B 282 -37.18 -21.79 9.80
N LYS B 283 -37.04 -21.54 11.11
CA LYS B 283 -38.15 -21.69 12.09
C LYS B 283 -39.31 -20.77 11.70
N MET B 284 -39.01 -19.57 11.20
CA MET B 284 -40.03 -18.55 10.83
C MET B 284 -40.47 -18.78 9.39
N ASN B 285 -39.64 -19.47 8.59
CA ASN B 285 -39.80 -19.59 7.11
C ASN B 285 -40.13 -18.20 6.54
N ALA B 286 -39.37 -17.19 6.98
CA ALA B 286 -39.43 -15.80 6.47
C ALA B 286 -38.02 -15.33 6.12
N SER B 287 -37.91 -14.37 5.21
CA SER B 287 -36.65 -13.68 4.84
C SER B 287 -36.66 -12.25 5.37
N PHE B 288 -35.49 -11.79 5.84
CA PHE B 288 -35.25 -10.40 6.30
C PHE B 288 -34.61 -9.60 5.15
N SER B 289 -35.19 -8.45 4.82
CA SER B 289 -34.66 -7.45 3.86
C SER B 289 -34.90 -6.03 4.40
N LEU B 290 -33.99 -5.11 4.11
CA LEU B 290 -34.16 -3.66 4.45
C LEU B 290 -35.23 -3.05 3.52
N LYS B 291 -35.51 -3.68 2.38
CA LYS B 291 -36.48 -3.19 1.36
C LYS B 291 -37.88 -3.76 1.62
N SER B 292 -38.04 -4.58 2.66
CA SER B 292 -39.20 -5.48 2.88
C SER B 292 -39.99 -5.05 4.13
N LYS B 293 -41.19 -5.61 4.34
CA LYS B 293 -42.06 -5.31 5.51
C LYS B 293 -41.51 -6.03 6.75
N GLU B 294 -40.70 -7.07 6.56
CA GLU B 294 -40.18 -7.95 7.64
C GLU B 294 -39.12 -7.18 8.44
N LYS B 295 -38.52 -6.17 7.83
CA LYS B 295 -37.56 -5.22 8.48
C LYS B 295 -38.17 -4.68 9.77
N PHE B 296 -39.50 -4.47 9.79
CA PHE B 296 -40.26 -3.86 10.91
C PHE B 296 -40.78 -4.93 11.90
N ASN B 297 -40.51 -6.21 11.63
CA ASN B 297 -41.07 -7.36 12.40
C ASN B 297 -40.21 -7.60 13.64
N PRO B 298 -40.75 -7.33 14.84
CA PRO B 298 -39.99 -7.48 16.09
C PRO B 298 -39.34 -8.85 16.33
N GLU B 299 -39.81 -9.90 15.66
CA GLU B 299 -39.32 -11.29 15.85
C GLU B 299 -37.83 -11.34 15.57
N TRP B 300 -37.34 -10.51 14.64
CA TRP B 300 -35.91 -10.47 14.19
C TRP B 300 -34.99 -9.91 15.28
N TYR B 301 -35.41 -8.83 15.93
CA TYR B 301 -34.59 -8.07 16.90
C TYR B 301 -34.69 -8.73 18.27
N LYS B 302 -33.65 -9.44 18.67
CA LYS B 302 -33.45 -10.05 20.02
C LYS B 302 -32.73 -9.04 20.94
N GLY B 303 -32.43 -9.46 22.16
CA GLY B 303 -31.70 -8.67 23.16
C GLY B 303 -32.44 -7.39 23.49
N GLU B 304 -31.78 -6.50 24.24
CA GLU B 304 -32.38 -5.24 24.75
C GLU B 304 -31.50 -4.07 24.32
N PRO B 305 -31.97 -3.25 23.34
CA PRO B 305 -31.29 -2.01 22.97
C PRO B 305 -31.30 -1.04 24.16
N ILE B 306 -30.29 -0.20 24.26
CA ILE B 306 -30.12 0.72 25.41
C ILE B 306 -31.36 1.61 25.55
N TRP B 307 -32.07 1.95 24.47
CA TRP B 307 -33.22 2.88 24.59
C TRP B 307 -34.34 2.20 25.37
N VAL B 308 -34.42 0.87 25.29
CA VAL B 308 -35.36 0.06 26.10
C VAL B 308 -34.85 0.06 27.55
N THR B 309 -33.61 -0.37 27.76
CA THR B 309 -32.97 -0.38 29.10
C THR B 309 -33.28 0.94 29.82
N ALA B 310 -33.12 2.06 29.11
CA ALA B 310 -33.26 3.43 29.65
C ALA B 310 -34.71 3.67 30.07
N LYS B 311 -35.67 3.27 29.24
CA LYS B 311 -37.13 3.53 29.49
C LYS B 311 -37.53 2.85 30.80
N TYR B 312 -37.14 1.60 30.99
CA TYR B 312 -37.42 0.76 32.18
C TYR B 312 -36.86 1.45 33.44
N GLN B 313 -35.84 2.31 33.31
CA GLN B 313 -35.25 3.02 34.48
C GLN B 313 -35.55 4.52 34.33
N GLY B 314 -36.56 4.86 33.52
CA GLY B 314 -37.26 6.16 33.56
C GLY B 314 -36.62 7.23 32.70
N LEU B 315 -35.66 6.89 31.85
CA LEU B 315 -34.98 7.85 30.94
C LEU B 315 -35.56 7.74 29.53
N LYS B 316 -35.90 8.89 28.94
CA LYS B 316 -36.47 8.99 27.58
C LYS B 316 -35.33 8.99 26.55
N SER B 317 -35.67 8.75 25.29
CA SER B 317 -34.70 8.45 24.21
C SER B 317 -35.09 9.22 22.95
N GLY B 318 -34.12 9.81 22.27
CA GLY B 318 -34.34 10.45 20.96
C GLY B 318 -33.37 9.90 19.93
N THR B 319 -33.86 9.18 18.92
CA THR B 319 -33.01 8.51 17.91
C THR B 319 -33.27 9.10 16.54
N PHE B 320 -32.35 9.92 16.01
CA PHE B 320 -32.44 10.36 14.61
C PHE B 320 -31.68 9.34 13.76
N PHE B 321 -32.30 8.19 13.53
CA PHE B 321 -31.82 7.03 12.72
C PHE B 321 -30.93 6.14 13.60
N TRP B 322 -31.24 4.85 13.66
CA TRP B 322 -30.40 3.74 14.17
C TRP B 322 -31.14 2.46 13.79
N PRO B 323 -30.46 1.36 13.39
CA PRO B 323 -31.15 0.09 13.20
C PRO B 323 -31.92 -0.36 14.46
N GLY B 324 -33.20 -0.69 14.29
CA GLY B 324 -34.09 -1.16 15.38
C GLY B 324 -34.88 -0.03 16.02
N SER B 325 -34.44 1.22 15.88
CA SER B 325 -35.13 2.37 16.52
C SER B 325 -36.48 2.63 15.86
N ASP B 326 -36.80 1.95 14.74
CA ASP B 326 -38.11 2.13 14.04
C ASP B 326 -38.90 0.82 14.13
N VAL B 327 -38.55 0.00 15.10
CA VAL B 327 -39.18 -1.33 15.38
C VAL B 327 -39.68 -1.33 16.82
N GLU B 328 -40.91 -1.80 17.04
CA GLU B 328 -41.48 -1.98 18.39
C GLU B 328 -40.78 -3.19 19.02
N ILE B 329 -39.80 -2.94 19.90
CA ILE B 329 -38.97 -3.98 20.58
C ILE B 329 -39.40 -4.08 22.04
N ASN B 330 -39.70 -5.30 22.52
CA ASN B 330 -40.40 -5.58 23.80
C ASN B 330 -41.49 -4.52 23.99
N GLY B 331 -42.24 -4.23 22.92
CA GLY B 331 -43.42 -3.34 22.94
C GLY B 331 -43.09 -1.87 23.08
N ILE B 332 -41.83 -1.47 22.93
CA ILE B 332 -41.36 -0.07 23.16
C ILE B 332 -40.69 0.49 21.89
N PHE B 333 -40.98 1.74 21.57
CA PHE B 333 -40.21 2.61 20.65
C PHE B 333 -39.41 3.63 21.47
N PRO B 334 -38.39 4.28 20.88
CA PRO B 334 -37.79 5.46 21.52
C PRO B 334 -38.89 6.51 21.69
N ASP B 335 -38.79 7.37 22.69
CA ASP B 335 -39.80 8.43 22.93
C ASP B 335 -39.92 9.33 21.69
N ILE B 336 -38.79 9.65 21.06
CA ILE B 336 -38.71 10.30 19.72
C ILE B 336 -37.87 9.39 18.83
N TYR B 337 -38.36 9.10 17.62
CA TYR B 337 -37.63 8.30 16.61
C TYR B 337 -38.03 8.81 15.22
N LYS B 338 -37.27 8.45 14.20
CA LYS B 338 -37.45 8.96 12.82
C LYS B 338 -37.52 7.77 11.87
N MET B 339 -38.42 7.83 10.89
CA MET B 339 -38.49 6.83 9.80
C MET B 339 -37.22 7.01 8.97
N TYR B 340 -36.47 5.93 8.72
CA TYR B 340 -35.18 6.05 8.02
C TYR B 340 -35.42 6.66 6.64
N ASN B 341 -34.74 7.76 6.34
CA ASN B 341 -34.83 8.45 5.03
C ASN B 341 -33.46 9.09 4.76
N GLY B 342 -32.61 8.40 4.01
CA GLY B 342 -31.23 8.80 3.72
C GLY B 342 -31.14 10.15 3.03
N SER B 343 -32.25 10.69 2.51
CA SER B 343 -32.27 11.95 1.72
C SER B 343 -32.30 13.16 2.66
N VAL B 344 -32.59 12.95 3.94
CA VAL B 344 -32.63 14.08 4.91
C VAL B 344 -31.22 14.64 5.02
N PRO B 345 -30.98 15.91 4.67
CA PRO B 345 -29.63 16.46 4.68
C PRO B 345 -29.04 16.44 6.10
N PHE B 346 -27.73 16.24 6.23
CA PHE B 346 -27.07 16.00 7.54
C PHE B 346 -27.39 17.16 8.48
N GLU B 347 -27.31 18.39 7.98
CA GLU B 347 -27.51 19.60 8.81
C GLU B 347 -28.86 19.52 9.52
N GLU B 348 -29.88 18.99 8.86
CA GLU B 348 -31.27 18.94 9.39
C GLU B 348 -31.34 17.91 10.52
N ARG B 349 -30.54 16.85 10.45
CA ARG B 349 -30.53 15.79 11.50
C ARG B 349 -29.89 16.39 12.76
N ILE B 350 -28.77 17.08 12.60
CA ILE B 350 -28.08 17.75 13.73
C ILE B 350 -29.00 18.81 14.33
N LEU B 351 -29.71 19.59 13.50
CA LEU B 351 -30.55 20.71 13.99
C LEU B 351 -31.72 20.14 14.80
N ALA B 352 -32.24 18.98 14.39
CA ALA B 352 -33.37 18.31 15.06
C ALA B 352 -32.94 17.86 16.46
N VAL B 353 -31.76 17.24 16.57
CA VAL B 353 -31.28 16.75 17.88
C VAL B 353 -31.06 17.96 18.78
N LEU B 354 -30.63 19.10 18.22
CA LEU B 354 -30.43 20.33 19.02
C LEU B 354 -31.78 20.86 19.50
N GLN B 355 -32.85 20.69 18.71
CA GLN B 355 -34.24 21.03 19.13
C GLN B 355 -34.66 20.13 20.30
N TRP B 356 -34.36 18.83 20.22
CA TRP B 356 -34.72 17.84 21.26
C TRP B 356 -34.04 18.22 22.57
N LEU B 357 -32.82 18.79 22.51
CA LEU B 357 -31.99 19.10 23.71
C LEU B 357 -32.49 20.40 24.38
N GLN B 358 -33.44 21.07 23.74
CA GLN B 358 -34.12 22.27 24.28
C GLN B 358 -35.57 21.96 24.65
N LEU B 359 -36.01 20.71 24.58
CA LEU B 359 -37.37 20.32 25.08
C LEU B 359 -37.41 20.64 26.58
N PRO B 360 -38.60 20.92 27.14
CA PRO B 360 -38.75 21.01 28.59
C PRO B 360 -38.35 19.67 29.25
N LYS B 361 -37.87 19.72 30.49
CA LYS B 361 -37.10 18.62 31.15
C LYS B 361 -37.97 17.37 31.29
N ASP B 362 -39.28 17.53 31.44
CA ASP B 362 -40.20 16.38 31.65
C ASP B 362 -40.23 15.51 30.37
N GLU B 363 -40.08 16.06 29.17
CA GLU B 363 -40.17 15.27 27.90
C GLU B 363 -38.82 15.17 27.15
N ARG B 364 -37.76 15.83 27.61
CA ARG B 364 -36.43 15.88 26.94
C ARG B 364 -35.67 14.58 27.16
N PRO B 365 -35.25 13.85 26.10
CA PRO B 365 -34.50 12.61 26.27
C PRO B 365 -33.15 12.76 26.98
N HIS B 366 -32.61 11.64 27.48
CA HIS B 366 -31.24 11.48 28.05
C HIS B 366 -30.33 10.75 27.05
N PHE B 367 -30.88 9.81 26.29
CA PHE B 367 -30.11 9.04 25.28
C PHE B 367 -30.53 9.45 23.88
N TYR B 368 -29.54 9.84 23.09
CA TYR B 368 -29.73 10.35 21.70
C TYR B 368 -28.89 9.51 20.74
N THR B 369 -29.32 9.34 19.49
CA THR B 369 -28.46 8.82 18.40
C THR B 369 -28.51 9.78 17.21
N LEU B 370 -27.39 9.88 16.52
CA LEU B 370 -27.22 10.60 15.23
C LEU B 370 -26.47 9.66 14.29
N TYR B 371 -26.89 9.60 13.04
CA TYR B 371 -26.27 8.69 12.04
C TYR B 371 -26.15 9.44 10.72
N LEU B 372 -24.97 9.32 10.10
CA LEU B 372 -24.66 9.82 8.73
C LEU B 372 -24.18 8.64 7.86
N GLU B 373 -24.53 8.66 6.57
CA GLU B 373 -24.22 7.57 5.62
C GLU B 373 -22.77 7.69 5.13
N GLU B 374 -22.12 8.83 5.33
CA GLU B 374 -20.70 9.04 4.96
C GLU B 374 -19.81 8.77 6.16
N PRO B 375 -18.54 8.34 5.98
CA PRO B 375 -17.96 8.10 4.66
C PRO B 375 -18.15 6.75 3.97
N ASP B 376 -19.15 5.97 4.38
CA ASP B 376 -19.39 4.61 3.79
C ASP B 376 -19.78 4.78 2.31
N SER B 377 -20.71 5.67 2.00
CA SER B 377 -21.24 5.88 0.62
C SER B 377 -20.08 6.12 -0.34
N SER B 378 -19.33 7.18 -0.12
CA SER B 378 -18.16 7.57 -0.96
C SER B 378 -17.15 6.44 -0.96
N GLY B 379 -16.99 5.75 0.16
CA GLY B 379 -16.01 4.67 0.31
C GLY B 379 -16.26 3.55 -0.68
N HIS B 380 -17.51 3.08 -0.78
CA HIS B 380 -17.96 2.07 -1.77
C HIS B 380 -17.75 2.64 -3.17
N SER B 381 -18.34 3.81 -3.43
CA SER B 381 -18.45 4.41 -4.78
C SER B 381 -17.08 4.73 -5.38
N TYR B 382 -16.11 5.21 -4.60
CA TYR B 382 -14.82 5.71 -5.17
C TYR B 382 -13.61 5.05 -4.53
N GLY B 383 -13.79 4.22 -3.51
CA GLY B 383 -12.70 3.51 -2.82
C GLY B 383 -12.24 4.28 -1.59
N PRO B 384 -11.67 3.58 -0.58
CA PRO B 384 -11.25 4.23 0.67
C PRO B 384 -10.10 5.22 0.51
N VAL B 385 -9.27 5.08 -0.52
CA VAL B 385 -8.20 6.07 -0.83
C VAL B 385 -8.60 6.79 -2.12
N SER B 386 -9.10 8.02 -1.99
CA SER B 386 -9.78 8.74 -3.10
C SER B 386 -10.08 10.18 -2.68
N SER B 387 -10.08 11.09 -3.63
CA SER B 387 -10.42 12.51 -3.42
C SER B 387 -11.84 12.58 -2.83
N GLU B 388 -12.73 11.68 -3.25
CA GLU B 388 -14.16 11.72 -2.85
C GLU B 388 -14.29 11.41 -1.35
N VAL B 389 -13.55 10.42 -0.85
CA VAL B 389 -13.56 10.04 0.58
C VAL B 389 -12.96 11.17 1.40
N ILE B 390 -11.86 11.78 0.95
CA ILE B 390 -11.25 12.89 1.73
C ILE B 390 -12.29 13.98 1.88
N LYS B 391 -13.06 14.26 0.83
CA LYS B 391 -14.05 15.36 0.83
C LYS B 391 -15.21 14.96 1.74
N ALA B 392 -15.55 13.68 1.79
CA ALA B 392 -16.67 13.17 2.63
C ALA B 392 -16.25 13.27 4.10
N LEU B 393 -15.00 12.91 4.39
CA LEU B 393 -14.42 12.97 5.74
C LEU B 393 -14.48 14.41 6.22
N GLN B 394 -14.14 15.35 5.36
CA GLN B 394 -14.16 16.79 5.71
C GLN B 394 -15.60 17.19 5.98
N ARG B 395 -16.56 16.65 5.22
CA ARG B 395 -18.00 16.97 5.36
C ARG B 395 -18.45 16.49 6.76
N VAL B 396 -18.20 15.23 7.10
CA VAL B 396 -18.69 14.68 8.40
C VAL B 396 -17.95 15.40 9.53
N ASP B 397 -16.67 15.74 9.34
CA ASP B 397 -15.92 16.51 10.36
C ASP B 397 -16.69 17.81 10.63
N GLY B 398 -17.18 18.47 9.58
CA GLY B 398 -17.88 19.75 9.68
C GLY B 398 -19.20 19.60 10.39
N MET B 399 -19.87 18.47 10.16
CA MET B 399 -21.17 18.14 10.78
C MET B 399 -20.92 17.89 12.27
N VAL B 400 -19.83 17.20 12.63
CA VAL B 400 -19.47 17.03 14.07
C VAL B 400 -19.23 18.42 14.66
N GLY B 401 -18.53 19.27 13.94
CA GLY B 401 -18.35 20.68 14.35
C GLY B 401 -19.68 21.38 14.58
N MET B 402 -20.64 21.20 13.67
CA MET B 402 -21.97 21.85 13.76
C MET B 402 -22.65 21.42 15.06
N LEU B 403 -22.53 20.15 15.44
CA LEU B 403 -23.12 19.64 16.69
C LEU B 403 -22.43 20.32 17.87
N MET B 404 -21.10 20.25 17.94
CA MET B 404 -20.36 20.81 19.10
C MET B 404 -20.67 22.32 19.17
N ASP B 405 -20.71 23.02 18.04
CA ASP B 405 -20.98 24.48 17.98
C ASP B 405 -22.39 24.71 18.52
N GLY B 406 -23.33 23.85 18.15
CA GLY B 406 -24.72 23.94 18.60
C GLY B 406 -24.80 23.74 20.10
N LEU B 407 -24.09 22.75 20.62
CA LEU B 407 -24.10 22.44 22.07
C LEU B 407 -23.52 23.64 22.81
N LYS B 408 -22.47 24.28 22.28
CA LYS B 408 -21.85 25.48 22.87
C LYS B 408 -22.90 26.58 22.98
N GLU B 409 -23.65 26.83 21.90
CA GLU B 409 -24.71 27.87 21.87
C GLU B 409 -25.68 27.62 23.01
N LEU B 410 -25.95 26.34 23.34
CA LEU B 410 -26.97 25.94 24.35
C LEU B 410 -26.32 25.72 25.72
N ASN B 411 -25.04 26.05 25.88
CA ASN B 411 -24.28 25.79 27.14
C ASN B 411 -24.41 24.32 27.55
N LEU B 412 -24.32 23.40 26.59
CA LEU B 412 -24.43 21.94 26.79
C LEU B 412 -23.12 21.23 26.42
N HIS B 413 -22.07 21.99 26.08
CA HIS B 413 -20.76 21.48 25.60
C HIS B 413 -19.90 21.00 26.78
N ARG B 414 -20.25 21.34 28.02
CA ARG B 414 -19.58 20.72 29.20
C ARG B 414 -20.65 19.96 30.00
N CYS B 415 -21.64 19.43 29.29
CA CYS B 415 -22.75 18.63 29.85
C CYS B 415 -22.84 17.30 29.11
N LEU B 416 -23.10 17.36 27.81
CA LEU B 416 -23.41 16.16 26.99
C LEU B 416 -22.16 15.29 26.89
N ASN B 417 -22.33 13.99 27.07
CA ASN B 417 -21.32 12.94 26.77
C ASN B 417 -21.53 12.49 25.33
N LEU B 418 -20.56 12.78 24.45
CA LEU B 418 -20.55 12.38 23.02
C LEU B 418 -19.73 11.12 22.89
N ILE B 419 -20.30 10.10 22.25
CA ILE B 419 -19.55 8.95 21.71
C ILE B 419 -19.62 9.05 20.18
N LEU B 420 -18.53 9.46 19.55
CA LEU B 420 -18.40 9.47 18.07
C LEU B 420 -17.86 8.08 17.70
N ILE B 421 -18.55 7.36 16.82
CA ILE B 421 -18.33 5.90 16.61
C ILE B 421 -18.58 5.53 15.15
N SER B 422 -18.12 4.35 14.72
CA SER B 422 -18.51 3.76 13.42
C SER B 422 -18.74 2.26 13.57
N ASP B 423 -19.58 1.75 12.68
CA ASP B 423 -20.00 0.33 12.61
C ASP B 423 -18.81 -0.54 12.20
N HIS B 424 -18.06 -0.11 11.20
CA HIS B 424 -17.00 -0.94 10.57
C HIS B 424 -16.09 -0.08 9.68
N GLY B 425 -15.02 -0.70 9.19
CA GLY B 425 -14.06 -0.04 8.28
C GLY B 425 -14.50 -0.15 6.83
N MET B 426 -13.52 -0.14 5.92
CA MET B 426 -13.72 -0.14 4.45
C MET B 426 -12.41 -0.60 3.80
N GLU B 427 -12.54 -1.42 2.75
CA GLU B 427 -11.41 -2.07 2.03
C GLU B 427 -11.59 -1.84 0.54
N GLN B 428 -10.49 -1.77 -0.22
CA GLN B 428 -10.54 -1.69 -1.70
C GLN B 428 -10.80 -3.07 -2.28
N GLY B 429 -11.95 -3.27 -2.93
CA GLY B 429 -12.27 -4.48 -3.71
C GLY B 429 -11.56 -4.45 -5.05
N SER B 430 -11.44 -5.61 -5.68
CA SER B 430 -10.83 -5.79 -7.03
C SER B 430 -11.55 -6.92 -7.76
N CYS B 431 -11.76 -6.80 -9.07
CA CYS B 431 -12.35 -7.87 -9.91
C CYS B 431 -11.40 -9.05 -9.99
N LYS B 432 -10.11 -8.81 -9.79
CA LYS B 432 -9.03 -9.83 -9.78
C LYS B 432 -8.96 -10.50 -8.39
N LYS B 433 -9.70 -10.00 -7.40
CA LYS B 433 -9.73 -10.59 -6.02
C LYS B 433 -11.17 -10.96 -5.67
N TYR B 434 -11.89 -11.56 -6.63
CA TYR B 434 -13.27 -12.06 -6.46
C TYR B 434 -13.31 -13.50 -6.94
N ILE B 435 -13.75 -14.40 -6.06
CA ILE B 435 -13.86 -15.87 -6.32
C ILE B 435 -15.31 -16.16 -6.73
N TYR B 436 -15.49 -16.92 -7.81
CA TYR B 436 -16.81 -17.40 -8.29
C TYR B 436 -16.85 -18.91 -8.09
N LEU B 437 -17.84 -19.39 -7.32
CA LEU B 437 -17.97 -20.81 -6.90
C LEU B 437 -18.34 -21.67 -8.11
N ASN B 438 -19.00 -21.11 -9.12
CA ASN B 438 -19.47 -21.83 -10.32
C ASN B 438 -18.26 -22.44 -11.05
N LYS B 439 -17.09 -21.83 -10.94
CA LYS B 439 -15.82 -22.39 -11.51
C LYS B 439 -15.54 -23.76 -10.89
N TYR B 440 -15.94 -24.03 -9.65
CA TYR B 440 -15.67 -25.30 -8.92
C TYR B 440 -16.91 -26.19 -8.89
N LEU B 441 -18.12 -25.62 -8.96
CA LEU B 441 -19.40 -26.34 -8.70
C LEU B 441 -20.25 -26.46 -9.98
N GLY B 442 -19.91 -25.72 -11.04
CA GLY B 442 -20.75 -25.59 -12.25
C GLY B 442 -21.95 -24.70 -11.98
N ASP B 443 -22.73 -24.35 -13.02
CA ASP B 443 -23.88 -23.40 -12.94
C ASP B 443 -25.10 -24.12 -12.34
N VAL B 444 -24.94 -24.62 -11.11
CA VAL B 444 -25.99 -25.25 -10.27
C VAL B 444 -27.09 -24.22 -9.97
N LYS B 445 -28.33 -24.68 -9.80
CA LYS B 445 -29.51 -23.82 -9.51
C LYS B 445 -30.18 -24.26 -8.20
N ASN B 446 -29.51 -25.10 -7.40
CA ASN B 446 -30.09 -25.69 -6.15
C ASN B 446 -29.56 -24.95 -4.91
N ILE B 447 -28.58 -24.04 -5.04
CA ILE B 447 -27.98 -23.30 -3.88
C ILE B 447 -28.11 -21.78 -4.09
N LYS B 448 -28.33 -21.08 -2.96
CA LYS B 448 -28.25 -19.62 -2.82
C LYS B 448 -26.99 -19.28 -2.01
N VAL B 449 -26.06 -18.52 -2.58
CA VAL B 449 -24.79 -18.12 -1.91
C VAL B 449 -24.81 -16.61 -1.63
N ILE B 450 -24.83 -16.21 -0.36
CA ILE B 450 -24.72 -14.77 0.05
C ILE B 450 -23.29 -14.30 -0.27
N TYR B 451 -23.17 -13.26 -1.10
CA TYR B 451 -21.89 -12.82 -1.71
C TYR B 451 -21.16 -11.89 -0.73
N GLY B 452 -19.90 -11.58 -1.03
CA GLY B 452 -19.06 -10.66 -0.25
C GLY B 452 -18.00 -11.43 0.54
N PRO B 453 -17.29 -10.75 1.47
CA PRO B 453 -16.20 -11.39 2.22
C PRO B 453 -16.67 -12.29 3.36
N ALA B 454 -17.94 -12.17 3.77
CA ALA B 454 -18.55 -12.96 4.85
C ALA B 454 -19.55 -13.96 4.26
N ALA B 455 -19.16 -14.58 3.14
CA ALA B 455 -20.03 -15.41 2.27
C ALA B 455 -20.47 -16.67 3.00
N ARG B 456 -21.71 -17.08 2.72
CA ARG B 456 -22.45 -18.18 3.38
C ARG B 456 -23.25 -18.90 2.29
N LEU B 457 -23.57 -20.19 2.54
CA LEU B 457 -24.20 -21.08 1.55
C LEU B 457 -25.37 -21.83 2.20
N ARG B 458 -26.51 -21.88 1.51
CA ARG B 458 -27.67 -22.69 1.93
C ARG B 458 -28.42 -23.20 0.70
N PRO B 459 -29.14 -24.34 0.84
CA PRO B 459 -29.99 -24.85 -0.23
C PRO B 459 -31.13 -23.90 -0.62
N SER B 460 -31.50 -23.89 -1.91
CA SER B 460 -32.66 -23.15 -2.48
C SER B 460 -33.97 -23.64 -1.83
N ASP B 461 -34.12 -24.96 -1.70
CA ASP B 461 -35.35 -25.62 -1.18
C ASP B 461 -35.40 -25.48 0.34
N VAL B 462 -35.96 -24.37 0.84
CA VAL B 462 -36.10 -24.07 2.30
C VAL B 462 -37.57 -23.75 2.59
N PRO B 463 -38.11 -24.12 3.77
CA PRO B 463 -37.34 -24.68 4.88
C PRO B 463 -37.02 -26.18 4.83
N ASP B 464 -37.40 -26.87 3.74
CA ASP B 464 -37.52 -28.35 3.68
C ASP B 464 -36.15 -29.01 3.90
N LYS B 465 -35.13 -28.65 3.11
CA LYS B 465 -33.81 -29.32 3.12
C LYS B 465 -32.79 -28.55 3.96
N TYR B 466 -33.20 -27.53 4.73
CA TYR B 466 -32.26 -26.62 5.45
C TYR B 466 -31.31 -27.45 6.33
N TYR B 467 -31.82 -28.47 7.04
CA TYR B 467 -31.04 -29.32 7.99
C TYR B 467 -30.54 -30.60 7.29
N SER B 468 -31.33 -31.13 6.35
CA SER B 468 -31.07 -32.45 5.70
C SER B 468 -29.93 -32.33 4.67
N PHE B 469 -29.76 -31.15 4.05
CA PHE B 469 -28.86 -30.89 2.90
C PHE B 469 -27.41 -31.23 3.27
N ASN B 470 -26.62 -31.62 2.26
CA ASN B 470 -25.25 -32.17 2.43
C ASN B 470 -24.25 -31.01 2.36
N TYR B 471 -24.15 -30.25 3.44
CA TYR B 471 -23.18 -29.13 3.60
C TYR B 471 -21.77 -29.71 3.51
N GLU B 472 -21.46 -30.72 4.34
CA GLU B 472 -20.11 -31.33 4.45
C GLU B 472 -19.61 -31.77 3.08
N GLY B 473 -20.53 -32.21 2.21
CA GLY B 473 -20.23 -32.58 0.81
C GLY B 473 -19.53 -31.43 0.10
N ILE B 474 -20.22 -30.29 0.00
CA ILE B 474 -19.73 -29.06 -0.68
C ILE B 474 -18.49 -28.57 0.07
N ALA B 475 -18.53 -28.61 1.40
CA ALA B 475 -17.39 -28.22 2.26
C ALA B 475 -16.11 -28.87 1.72
N ARG B 476 -16.08 -30.21 1.66
CA ARG B 476 -14.88 -30.98 1.24
C ARG B 476 -14.62 -30.74 -0.26
N ASN B 477 -15.69 -30.65 -1.06
CA ASN B 477 -15.60 -30.44 -2.52
C ASN B 477 -14.76 -29.17 -2.77
N LEU B 478 -14.94 -28.12 -1.94
CA LEU B 478 -14.35 -26.76 -2.18
C LEU B 478 -13.08 -26.52 -1.36
N SER B 479 -12.63 -27.46 -0.52
CA SER B 479 -11.41 -27.33 0.31
C SER B 479 -10.16 -27.55 -0.55
N CYS B 480 -9.09 -26.81 -0.27
CA CYS B 480 -7.70 -27.11 -0.71
C CYS B 480 -7.65 -27.48 -2.21
N ARG B 481 -8.49 -26.88 -3.05
CA ARG B 481 -8.58 -27.18 -4.51
C ARG B 481 -7.41 -26.51 -5.24
N GLU B 482 -6.90 -25.38 -4.74
CA GLU B 482 -5.72 -24.67 -5.31
C GLU B 482 -4.73 -24.35 -4.19
N PRO B 483 -3.43 -24.17 -4.53
CA PRO B 483 -2.45 -23.69 -3.57
C PRO B 483 -2.59 -22.17 -3.45
N ASN B 484 -2.29 -21.60 -2.27
CA ASN B 484 -2.57 -20.18 -1.94
C ASN B 484 -3.99 -19.85 -2.39
N GLN B 485 -4.97 -20.71 -2.05
CA GLN B 485 -6.43 -20.45 -2.19
C GLN B 485 -6.76 -19.28 -1.28
N HIS B 486 -7.60 -18.33 -1.74
CA HIS B 486 -7.85 -17.08 -1.01
C HIS B 486 -9.16 -17.16 -0.24
N PHE B 487 -9.72 -18.36 -0.07
CA PHE B 487 -10.95 -18.61 0.72
C PHE B 487 -10.87 -20.00 1.33
N LYS B 488 -11.73 -20.26 2.30
CA LYS B 488 -11.71 -21.50 3.12
C LYS B 488 -13.15 -21.80 3.54
N PRO B 489 -13.72 -22.97 3.18
CA PRO B 489 -15.05 -23.33 3.64
C PRO B 489 -14.94 -23.84 5.09
N TYR B 490 -15.96 -23.48 5.90
CA TYR B 490 -16.11 -23.84 7.33
C TYR B 490 -17.58 -24.15 7.58
N LEU B 491 -17.87 -25.33 8.13
CA LEU B 491 -19.14 -25.48 8.88
C LEU B 491 -19.04 -24.48 10.04
N LYS B 492 -20.14 -23.76 10.32
CA LYS B 492 -20.24 -22.63 11.30
C LYS B 492 -19.46 -22.91 12.60
N HIS B 493 -19.60 -24.10 13.15
CA HIS B 493 -19.07 -24.45 14.50
C HIS B 493 -17.54 -24.60 14.44
N PHE B 494 -16.96 -24.70 13.24
CA PHE B 494 -15.48 -24.86 13.06
C PHE B 494 -14.80 -23.50 12.81
N LEU B 495 -15.59 -22.44 12.54
CA LEU B 495 -15.10 -21.03 12.53
C LEU B 495 -14.43 -20.75 13.86
N PRO B 496 -13.37 -19.92 13.88
CA PRO B 496 -12.72 -19.55 15.13
C PRO B 496 -13.74 -19.04 16.15
N LYS B 497 -13.59 -19.43 17.42
CA LYS B 497 -14.58 -19.12 18.46
C LYS B 497 -14.57 -17.60 18.70
N ARG B 498 -13.44 -16.94 18.43
CA ARG B 498 -13.29 -15.48 18.62
C ARG B 498 -14.32 -14.75 17.75
N LEU B 499 -14.74 -15.33 16.62
CA LEU B 499 -15.73 -14.70 15.71
C LEU B 499 -17.15 -14.79 16.28
N HIS B 500 -17.40 -15.62 17.29
CA HIS B 500 -18.73 -15.86 17.88
C HIS B 500 -19.81 -15.77 16.78
N PHE B 501 -19.68 -16.59 15.72
CA PHE B 501 -20.60 -16.58 14.57
C PHE B 501 -21.14 -17.98 14.25
N ALA B 502 -22.02 -18.53 15.10
CA ALA B 502 -22.57 -19.91 14.92
C ALA B 502 -23.95 -20.10 15.57
N LYS B 503 -24.17 -19.66 16.81
CA LYS B 503 -25.36 -20.04 17.63
C LYS B 503 -26.65 -19.91 16.81
N SER B 504 -26.94 -18.74 16.24
CA SER B 504 -28.23 -18.45 15.55
C SER B 504 -28.47 -19.42 14.38
N ASP B 505 -29.72 -19.90 14.27
CA ASP B 505 -30.21 -20.73 13.13
C ASP B 505 -30.22 -19.90 11.84
N ARG B 506 -30.18 -18.57 11.97
CA ARG B 506 -30.21 -17.62 10.82
C ARG B 506 -28.84 -17.59 10.14
N ILE B 507 -27.83 -18.16 10.79
CA ILE B 507 -26.46 -18.33 10.23
C ILE B 507 -26.41 -19.64 9.43
N GLU B 508 -26.23 -19.54 8.10
CA GLU B 508 -26.22 -20.71 7.18
C GLU B 508 -25.16 -21.69 7.66
N PRO B 509 -25.47 -23.01 7.76
CA PRO B 509 -24.52 -24.01 8.28
C PRO B 509 -23.15 -24.08 7.59
N LEU B 510 -23.06 -23.65 6.33
CA LEU B 510 -21.77 -23.54 5.62
C LEU B 510 -21.43 -22.06 5.40
N THR B 511 -20.28 -21.64 5.94
CA THR B 511 -19.74 -20.27 5.83
C THR B 511 -18.39 -20.33 5.11
N PHE B 512 -17.95 -19.20 4.59
CA PHE B 512 -16.59 -19.02 4.03
C PHE B 512 -15.84 -17.97 4.86
N TYR B 513 -14.56 -18.22 5.08
CA TYR B 513 -13.57 -17.26 5.63
C TYR B 513 -12.70 -16.77 4.46
N LEU B 514 -12.81 -15.49 4.10
CA LEU B 514 -12.05 -14.86 3.00
C LEU B 514 -10.80 -14.17 3.55
N ASP B 515 -9.73 -14.17 2.75
CA ASP B 515 -8.46 -13.43 3.03
C ASP B 515 -8.75 -11.94 2.90
N PRO B 516 -7.88 -11.07 3.45
CA PRO B 516 -7.99 -9.63 3.23
C PRO B 516 -8.14 -9.29 1.75
N GLN B 517 -9.11 -8.45 1.41
CA GLN B 517 -9.33 -7.85 0.06
C GLN B 517 -10.11 -8.82 -0.83
N TRP B 518 -10.34 -10.06 -0.38
CA TRP B 518 -10.99 -11.10 -1.23
C TRP B 518 -12.48 -11.23 -0.85
N GLN B 519 -13.30 -11.47 -1.86
CA GLN B 519 -14.77 -11.66 -1.75
C GLN B 519 -15.16 -12.89 -2.57
N LEU B 520 -16.40 -13.36 -2.42
CA LEU B 520 -16.86 -14.64 -2.99
C LEU B 520 -18.35 -14.53 -3.32
N ALA B 521 -18.74 -15.08 -4.46
CA ALA B 521 -20.15 -15.19 -4.91
C ALA B 521 -20.29 -16.49 -5.68
N LEU B 522 -21.53 -16.85 -6.03
CA LEU B 522 -21.83 -18.02 -6.91
C LEU B 522 -21.26 -17.75 -8.31
N ASN B 523 -21.54 -16.57 -8.86
CA ASN B 523 -21.23 -16.20 -10.27
C ASN B 523 -21.23 -14.67 -10.41
N PRO B 524 -20.54 -14.10 -11.43
CA PRO B 524 -20.52 -12.64 -11.65
C PRO B 524 -21.86 -11.89 -11.74
N SER B 525 -22.97 -12.57 -12.02
CA SER B 525 -24.32 -11.95 -12.11
C SER B 525 -24.79 -11.50 -10.73
N GLU B 526 -24.59 -12.36 -9.71
CA GLU B 526 -25.12 -12.21 -8.33
C GLU B 526 -24.07 -11.54 -7.42
N ARG B 527 -23.71 -10.29 -7.72
CA ARG B 527 -22.82 -9.41 -6.92
C ARG B 527 -22.86 -8.00 -7.54
N LYS B 528 -22.61 -6.96 -6.73
CA LYS B 528 -22.47 -5.57 -7.21
C LYS B 528 -21.04 -5.40 -7.76
N TYR B 529 -20.70 -4.21 -8.24
CA TYR B 529 -19.40 -3.87 -8.88
C TYR B 529 -18.26 -4.46 -8.03
N CYS B 530 -17.39 -5.29 -8.63
CA CYS B 530 -16.24 -5.93 -7.93
C CYS B 530 -15.16 -4.88 -7.61
N GLY B 531 -15.11 -3.78 -8.37
CA GLY B 531 -14.06 -2.75 -8.22
C GLY B 531 -14.36 -1.78 -7.10
N SER B 532 -15.55 -1.88 -6.50
CA SER B 532 -16.04 -1.00 -5.42
C SER B 532 -15.27 -1.23 -4.12
N GLY B 533 -15.34 -0.25 -3.21
CA GLY B 533 -15.03 -0.43 -1.79
C GLY B 533 -15.98 -1.45 -1.18
N PHE B 534 -15.51 -2.24 -0.21
CA PHE B 534 -16.37 -3.21 0.54
C PHE B 534 -15.88 -3.39 1.97
N HIS B 535 -16.72 -4.07 2.76
CA HIS B 535 -16.45 -4.52 4.16
C HIS B 535 -17.25 -5.80 4.43
N GLY B 536 -17.07 -6.39 5.62
CA GLY B 536 -17.70 -7.66 6.03
C GLY B 536 -16.66 -8.68 6.45
N SER B 537 -15.38 -8.43 6.17
CA SER B 537 -14.24 -9.35 6.43
C SER B 537 -14.02 -9.55 7.94
N ASP B 538 -13.14 -10.49 8.28
CA ASP B 538 -12.70 -10.84 9.66
C ASP B 538 -12.55 -9.56 10.47
N ASN B 539 -13.11 -9.52 11.68
CA ASN B 539 -13.17 -8.28 12.49
C ASN B 539 -11.81 -8.00 13.12
N VAL B 540 -10.74 -8.74 12.78
CA VAL B 540 -9.37 -8.37 13.27
C VAL B 540 -8.54 -7.78 12.14
N PHE B 541 -9.03 -7.74 10.90
CA PHE B 541 -8.32 -7.10 9.77
C PHE B 541 -8.27 -5.59 10.06
N SER B 542 -7.11 -4.96 9.82
CA SER B 542 -6.84 -3.54 10.16
C SER B 542 -7.89 -2.63 9.52
N ASN B 543 -8.23 -2.88 8.27
CA ASN B 543 -9.04 -1.93 7.48
C ASN B 543 -10.51 -2.05 7.87
N MET B 544 -10.87 -3.06 8.68
CA MET B 544 -12.25 -3.22 9.20
C MET B 544 -12.37 -2.54 10.57
N GLN B 545 -11.25 -2.15 11.18
CA GLN B 545 -11.26 -1.53 12.54
C GLN B 545 -12.01 -0.21 12.43
N ALA B 546 -12.62 0.24 13.54
CA ALA B 546 -13.67 1.29 13.54
C ALA B 546 -13.25 2.47 14.42
N LEU B 547 -14.00 3.57 14.31
CA LEU B 547 -13.76 4.84 15.05
C LEU B 547 -14.40 4.73 16.44
N PHE B 548 -13.70 5.22 17.47
CA PHE B 548 -14.29 5.55 18.79
C PHE B 548 -13.61 6.79 19.36
N VAL B 549 -14.40 7.82 19.68
CA VAL B 549 -13.97 8.96 20.51
C VAL B 549 -15.07 9.25 21.53
N GLY B 550 -14.71 9.28 22.81
CA GLY B 550 -15.59 9.78 23.87
C GLY B 550 -15.15 11.16 24.32
N TYR B 551 -16.08 12.10 24.43
CA TYR B 551 -15.82 13.47 24.93
C TYR B 551 -17.00 13.90 25.78
N GLY B 552 -16.72 14.50 26.94
CA GLY B 552 -17.74 14.98 27.88
C GLY B 552 -17.29 14.80 29.33
N PRO B 553 -18.16 15.19 30.28
CA PRO B 553 -17.85 15.11 31.70
C PRO B 553 -17.40 13.73 32.16
N GLY B 554 -18.02 12.69 31.59
CA GLY B 554 -17.95 11.32 32.11
C GLY B 554 -16.64 10.65 31.73
N PHE B 555 -16.01 11.14 30.66
CA PHE B 555 -14.83 10.55 29.99
C PHE B 555 -13.55 11.30 30.39
N LYS B 556 -12.42 10.57 30.42
CA LYS B 556 -11.11 11.19 30.71
C LYS B 556 -10.70 12.10 29.54
N HIS B 557 -9.68 12.93 29.73
CA HIS B 557 -9.19 13.89 28.71
C HIS B 557 -7.76 13.55 28.30
N GLY B 558 -7.51 13.49 27.00
CA GLY B 558 -6.18 13.22 26.42
C GLY B 558 -5.65 11.85 26.82
N ILE B 559 -6.53 10.85 26.87
CA ILE B 559 -6.24 9.43 27.16
C ILE B 559 -6.36 8.69 25.82
N GLU B 560 -5.39 7.87 25.49
CA GLU B 560 -5.41 6.98 24.31
C GLU B 560 -5.48 5.55 24.84
N ALA B 561 -6.65 4.94 24.84
CA ALA B 561 -6.89 3.59 25.38
C ALA B 561 -6.42 2.52 24.38
N ASP B 562 -5.96 1.37 24.88
CA ASP B 562 -5.63 0.17 24.06
C ASP B 562 -6.91 -0.27 23.36
N THR B 563 -6.78 -0.94 22.21
CA THR B 563 -7.89 -1.42 21.37
C THR B 563 -8.92 -2.17 22.23
N PHE B 564 -10.22 -1.86 22.09
CA PHE B 564 -11.32 -2.61 22.74
C PHE B 564 -12.44 -2.90 21.75
N GLU B 565 -13.40 -3.75 22.14
CA GLU B 565 -14.45 -4.31 21.23
C GLU B 565 -15.74 -3.50 21.39
N ASN B 566 -16.53 -3.35 20.31
CA ASN B 566 -17.71 -2.44 20.33
C ASN B 566 -18.79 -3.02 21.24
N ILE B 567 -18.70 -4.30 21.61
CA ILE B 567 -19.68 -4.96 22.51
C ILE B 567 -19.55 -4.39 23.94
N GLU B 568 -18.40 -3.82 24.27
CA GLU B 568 -18.12 -3.22 25.61
C GLU B 568 -18.78 -1.83 25.76
N VAL B 569 -19.26 -1.23 24.68
CA VAL B 569 -19.79 0.17 24.64
C VAL B 569 -21.15 0.23 25.35
N TYR B 570 -21.97 -0.82 25.25
CA TYR B 570 -23.33 -0.83 25.88
C TYR B 570 -23.20 -0.59 27.39
N ASN B 571 -22.40 -1.42 28.07
CA ASN B 571 -22.13 -1.28 29.54
C ASN B 571 -21.67 0.15 29.85
N LEU B 572 -20.77 0.70 29.01
CA LEU B 572 -20.17 2.06 29.15
C LEU B 572 -21.26 3.13 29.10
N MET B 573 -22.18 2.99 28.14
CA MET B 573 -23.31 3.93 27.95
C MET B 573 -24.27 3.80 29.14
N CYS B 574 -24.42 2.58 29.66
CA CYS B 574 -25.24 2.31 30.86
C CYS B 574 -24.61 3.08 32.04
N ASP B 575 -23.31 2.93 32.26
CA ASP B 575 -22.56 3.61 33.35
C ASP B 575 -22.72 5.14 33.21
N LEU B 576 -22.66 5.68 31.99
CA LEU B 576 -22.74 7.14 31.76
C LEU B 576 -24.14 7.64 32.11
N LEU B 577 -25.17 6.78 32.03
CA LEU B 577 -26.59 7.16 32.29
C LEU B 577 -27.06 6.60 33.64
N ASN B 578 -26.13 6.07 34.45
CA ASN B 578 -26.43 5.39 35.74
C ASN B 578 -27.58 4.40 35.55
N LEU B 579 -27.54 3.62 34.47
CA LEU B 579 -28.47 2.49 34.19
C LEU B 579 -27.83 1.17 34.63
N THR B 580 -28.68 0.24 35.07
CA THR B 580 -28.31 -1.18 35.26
C THR B 580 -28.35 -1.85 33.89
N PRO B 581 -27.19 -2.34 33.39
CA PRO B 581 -27.14 -2.97 32.08
C PRO B 581 -27.95 -4.27 32.10
N ALA B 582 -28.71 -4.52 31.03
CA ALA B 582 -29.25 -5.87 30.70
C ALA B 582 -28.08 -6.82 30.53
N PRO B 583 -28.29 -8.16 30.61
CA PRO B 583 -27.19 -9.09 30.38
C PRO B 583 -26.73 -9.04 28.91
N ASN B 584 -25.41 -8.89 28.69
CA ASN B 584 -24.77 -8.67 27.37
C ASN B 584 -23.39 -9.34 27.35
N ASN B 585 -22.64 -9.25 26.23
CA ASN B 585 -21.36 -10.00 26.05
C ASN B 585 -20.18 -9.10 26.42
N GLY B 586 -20.45 -7.85 26.76
CA GLY B 586 -19.44 -6.98 27.37
C GLY B 586 -19.11 -7.47 28.76
N THR B 587 -17.85 -7.34 29.16
CA THR B 587 -17.31 -7.63 30.50
C THR B 587 -17.33 -6.32 31.32
N HIS B 588 -18.40 -6.09 32.06
CA HIS B 588 -18.69 -4.82 32.82
C HIS B 588 -17.50 -4.46 33.72
N GLY B 589 -16.91 -3.28 33.49
CA GLY B 589 -15.76 -2.81 34.27
C GLY B 589 -14.48 -2.86 33.46
N SER B 590 -14.46 -3.59 32.33
CA SER B 590 -13.28 -3.68 31.43
C SER B 590 -12.94 -2.29 30.85
N LEU B 591 -13.93 -1.39 30.71
CA LEU B 591 -13.73 0.00 30.18
C LEU B 591 -13.77 1.06 31.31
N ASN B 592 -13.61 0.67 32.57
CA ASN B 592 -13.58 1.64 33.69
C ASN B 592 -12.41 2.63 33.51
N HIS B 593 -11.35 2.24 32.80
CA HIS B 593 -10.16 3.10 32.54
C HIS B 593 -10.51 4.30 31.65
N LEU B 594 -11.64 4.26 30.94
CA LEU B 594 -12.13 5.36 30.06
C LEU B 594 -12.86 6.44 30.87
N LEU B 595 -13.37 6.09 32.06
CA LEU B 595 -14.34 6.93 32.81
C LEU B 595 -13.63 7.68 33.95
N LYS B 596 -14.00 8.94 34.13
CA LYS B 596 -13.52 9.78 35.26
C LYS B 596 -13.90 9.09 36.58
N ASN B 597 -15.16 8.66 36.70
CA ASN B 597 -15.76 8.17 37.96
C ASN B 597 -16.54 6.90 37.68
N PRO B 598 -15.84 5.74 37.59
CA PRO B 598 -16.50 4.47 37.28
C PRO B 598 -17.59 4.27 38.34
N VAL B 599 -18.78 3.78 37.93
CA VAL B 599 -19.96 3.61 38.83
C VAL B 599 -20.09 2.14 39.21
N TYR B 600 -19.41 1.24 38.50
CA TYR B 600 -19.44 -0.21 38.78
C TYR B 600 -18.02 -0.69 39.10
N THR B 601 -17.82 -1.20 40.31
CA THR B 601 -16.56 -1.86 40.73
C THR B 601 -16.75 -3.36 40.56
N PRO B 602 -16.05 -4.01 39.61
CA PRO B 602 -16.22 -5.45 39.42
C PRO B 602 -15.47 -6.21 40.52
N LYS B 603 -15.95 -7.42 40.80
CA LYS B 603 -15.29 -8.39 41.71
C LYS B 603 -15.02 -9.65 40.90
N HIS B 604 -13.92 -10.37 41.19
CA HIS B 604 -13.65 -11.71 40.61
C HIS B 604 -14.85 -12.61 40.91
N PRO B 605 -15.27 -13.51 40.00
CA PRO B 605 -16.42 -14.37 40.27
C PRO B 605 -16.04 -15.39 41.36
N LYS B 606 -16.94 -15.62 42.32
CA LYS B 606 -16.71 -16.42 43.57
C LYS B 606 -17.00 -17.90 43.27
N GLU B 607 -16.04 -18.78 43.58
CA GLU B 607 -16.08 -20.24 43.33
C GLU B 607 -17.24 -20.86 44.13
N VAL B 608 -18.00 -21.77 43.50
CA VAL B 608 -19.28 -22.32 44.07
C VAL B 608 -18.94 -23.33 45.18
N HIS B 609 -18.30 -24.47 44.86
CA HIS B 609 -17.91 -25.54 45.82
C HIS B 609 -16.39 -25.54 45.98
N PRO B 610 -15.82 -25.60 47.22
CA PRO B 610 -14.38 -25.72 47.40
C PRO B 610 -13.91 -27.13 46.98
N LEU B 611 -12.60 -27.28 46.72
CA LEU B 611 -11.99 -28.50 46.11
C LEU B 611 -12.29 -29.74 46.95
N VAL B 612 -12.70 -30.84 46.32
CA VAL B 612 -12.91 -32.19 46.94
C VAL B 612 -11.61 -32.99 46.80
N PRO B 620 -5.26 -51.60 44.33
CA PRO B 620 -4.71 -52.69 43.49
C PRO B 620 -3.83 -52.21 42.32
N ARG B 621 -2.52 -52.52 42.36
CA ARG B 621 -1.47 -52.02 41.42
C ARG B 621 -1.57 -52.73 40.06
N ASP B 622 -2.59 -52.41 39.26
CA ASP B 622 -3.12 -53.17 38.09
C ASP B 622 -2.24 -52.99 36.83
N ASN B 623 -2.31 -53.96 35.91
CA ASN B 623 -1.62 -53.94 34.58
C ASN B 623 -2.52 -53.22 33.57
N LEU B 624 -1.95 -52.28 32.80
CA LEU B 624 -2.66 -51.42 31.81
C LEU B 624 -2.34 -51.87 30.38
N GLY B 625 -1.29 -52.68 30.21
CA GLY B 625 -0.88 -53.23 28.90
C GLY B 625 0.05 -52.30 28.15
N CYS B 626 0.72 -51.38 28.86
CA CYS B 626 1.61 -50.35 28.29
C CYS B 626 3.03 -50.90 28.14
N SER B 627 3.66 -50.72 26.97
CA SER B 627 5.02 -51.21 26.61
C SER B 627 6.02 -50.04 26.55
N CYS B 628 6.28 -49.41 27.71
CA CYS B 628 7.10 -48.17 27.86
C CYS B 628 8.49 -48.35 27.24
N ASN B 629 9.02 -47.31 26.58
CA ASN B 629 10.41 -47.23 26.06
C ASN B 629 11.37 -47.48 27.22
N PRO B 630 12.47 -48.23 27.01
CA PRO B 630 13.41 -48.56 28.08
C PRO B 630 14.02 -47.34 28.80
N SER B 631 14.22 -46.23 28.08
CA SER B 631 14.83 -44.96 28.57
C SER B 631 14.14 -44.46 29.84
N ILE B 632 12.82 -44.67 29.93
CA ILE B 632 11.93 -44.15 31.01
C ILE B 632 12.40 -44.69 32.37
N LEU B 633 12.41 -43.83 33.39
CA LEU B 633 12.49 -44.22 34.83
C LEU B 633 11.07 -44.21 35.40
N PRO B 634 10.35 -45.36 35.46
CA PRO B 634 8.97 -45.38 35.95
C PRO B 634 8.78 -44.89 37.40
N ILE B 635 7.52 -44.91 37.85
CA ILE B 635 7.02 -44.23 39.09
C ILE B 635 7.09 -45.21 40.27
N GLU B 636 8.14 -45.08 41.10
CA GLU B 636 8.35 -45.85 42.36
C GLU B 636 8.06 -44.94 43.56
N LEU B 644 4.97 -35.35 49.81
CA LEU B 644 5.72 -34.06 49.74
C LEU B 644 5.42 -33.22 50.98
N THR B 645 6.43 -32.54 51.52
CA THR B 645 6.36 -31.69 52.75
C THR B 645 5.63 -30.39 52.43
N VAL B 646 4.94 -29.78 53.39
CA VAL B 646 4.23 -28.47 53.25
C VAL B 646 5.24 -27.40 52.78
N ALA B 647 6.50 -27.51 53.20
CA ALA B 647 7.65 -26.71 52.70
C ALA B 647 7.84 -26.93 51.20
N GLU B 648 7.85 -28.19 50.76
CA GLU B 648 7.98 -28.62 49.34
C GLU B 648 6.77 -28.15 48.52
N GLU B 649 5.56 -28.17 49.10
CA GLU B 649 4.26 -27.81 48.43
C GLU B 649 4.19 -26.30 48.17
N LYS B 650 4.57 -25.47 49.16
CA LYS B 650 4.66 -23.99 49.04
C LYS B 650 5.51 -23.62 47.80
N ILE B 651 6.66 -24.28 47.63
CA ILE B 651 7.59 -24.08 46.47
C ILE B 651 6.87 -24.46 45.17
N ILE B 652 6.14 -25.58 45.14
CA ILE B 652 5.45 -26.13 43.92
C ILE B 652 4.32 -25.17 43.52
N LYS B 653 3.42 -24.81 44.44
CA LYS B 653 2.29 -23.87 44.22
C LYS B 653 2.83 -22.57 43.60
N HIS B 654 3.81 -21.94 44.25
CA HIS B 654 4.46 -20.67 43.82
C HIS B 654 5.03 -20.77 42.39
N GLU B 655 5.51 -21.94 41.96
CA GLU B 655 6.15 -22.14 40.62
C GLU B 655 5.12 -22.45 39.54
N THR B 656 4.04 -23.16 39.88
CA THR B 656 3.06 -23.72 38.91
C THR B 656 1.77 -22.89 38.87
N LEU B 657 1.43 -22.18 39.96
CA LEU B 657 0.21 -21.34 40.06
C LEU B 657 0.55 -19.93 40.54
N PRO B 658 1.45 -19.22 39.81
CA PRO B 658 1.96 -17.93 40.28
C PRO B 658 0.88 -16.84 40.35
N TYR B 659 -0.27 -17.08 39.74
CA TYR B 659 -1.35 -16.07 39.61
C TYR B 659 -2.57 -16.54 40.42
N GLY B 660 -2.40 -17.63 41.18
CA GLY B 660 -3.50 -18.34 41.85
C GLY B 660 -4.01 -19.46 40.97
N ARG B 661 -4.83 -20.35 41.53
CA ARG B 661 -5.34 -21.55 40.82
C ARG B 661 -6.59 -21.14 40.07
N PRO B 662 -6.78 -21.60 38.81
CA PRO B 662 -8.05 -21.45 38.12
C PRO B 662 -9.20 -21.88 39.05
N ARG B 663 -10.22 -21.04 39.19
CA ARG B 663 -11.43 -21.35 39.98
C ARG B 663 -12.49 -21.87 39.02
N VAL B 664 -13.37 -22.74 39.51
CA VAL B 664 -14.44 -23.38 38.69
C VAL B 664 -15.77 -22.75 39.07
N LEU B 665 -16.51 -22.26 38.09
CA LEU B 665 -17.77 -21.49 38.29
C LEU B 665 -18.99 -22.36 37.96
N GLN B 666 -18.79 -23.63 37.58
CA GLN B 666 -19.86 -24.59 37.18
C GLN B 666 -20.60 -25.08 38.44
N LYS B 667 -21.93 -25.18 38.36
CA LYS B 667 -22.87 -25.35 39.52
C LYS B 667 -22.79 -26.80 40.05
N GLU B 668 -23.31 -27.77 39.30
CA GLU B 668 -23.21 -29.23 39.61
C GLU B 668 -21.88 -29.75 39.07
N ASN B 669 -20.81 -29.65 39.87
CA ASN B 669 -19.43 -30.06 39.48
C ASN B 669 -18.60 -30.38 40.74
N THR B 670 -17.77 -31.43 40.67
CA THR B 670 -16.87 -31.91 41.76
C THR B 670 -15.46 -32.16 41.19
N ILE B 671 -14.54 -31.24 41.50
CA ILE B 671 -13.11 -31.23 41.05
C ILE B 671 -12.20 -31.45 42.26
N CYS B 672 -10.99 -31.96 42.06
CA CYS B 672 -9.96 -32.10 43.12
C CYS B 672 -8.59 -31.68 42.58
N LEU B 673 -7.78 -31.06 43.45
CA LEU B 673 -6.38 -30.61 43.20
C LEU B 673 -5.47 -31.84 43.14
N LEU B 674 -4.65 -31.97 42.09
CA LEU B 674 -3.57 -32.99 42.05
C LEU B 674 -2.23 -32.25 42.09
N SER B 675 -1.37 -32.52 43.07
CA SER B 675 -0.02 -31.89 43.14
C SER B 675 1.01 -32.89 42.61
N GLN B 676 1.32 -32.83 41.31
CA GLN B 676 2.51 -33.46 40.68
C GLN B 676 3.74 -32.57 40.95
N HIS B 677 4.94 -32.96 40.50
CA HIS B 677 6.21 -32.31 40.91
C HIS B 677 6.39 -30.98 40.15
N GLN B 678 6.36 -31.05 38.82
CA GLN B 678 6.63 -29.92 37.88
C GLN B 678 5.31 -29.27 37.43
N PHE B 679 4.15 -29.82 37.80
CA PHE B 679 2.82 -29.29 37.38
C PHE B 679 1.76 -29.52 38.46
N MET B 680 0.63 -28.82 38.34
CA MET B 680 -0.57 -28.98 39.20
C MET B 680 -1.79 -29.04 38.29
N SER B 681 -2.93 -29.54 38.77
CA SER B 681 -4.09 -29.82 37.88
C SER B 681 -5.39 -29.92 38.68
N GLY B 682 -6.51 -29.60 38.02
CA GLY B 682 -7.88 -29.81 38.52
C GLY B 682 -8.52 -30.99 37.80
N TYR B 683 -8.82 -32.07 38.52
CA TYR B 683 -9.34 -33.34 37.94
C TYR B 683 -10.86 -33.42 38.16
N SER B 684 -11.60 -33.76 37.11
CA SER B 684 -13.05 -34.06 37.19
C SER B 684 -13.26 -35.58 37.33
N GLN B 685 -13.78 -36.00 38.48
CA GLN B 685 -14.26 -37.38 38.73
C GLN B 685 -15.41 -37.65 37.75
N ASP B 686 -16.24 -36.63 37.51
CA ASP B 686 -17.48 -36.67 36.69
C ASP B 686 -17.20 -36.98 35.21
N ILE B 687 -16.04 -36.58 34.69
CA ILE B 687 -15.68 -36.63 33.24
C ILE B 687 -14.41 -37.48 33.04
N LEU B 688 -13.80 -37.99 34.13
CA LEU B 688 -12.60 -38.88 34.09
C LEU B 688 -11.49 -38.19 33.27
N MET B 689 -11.11 -36.98 33.67
CA MET B 689 -10.29 -36.06 32.85
C MET B 689 -10.00 -34.80 33.64
N PRO B 690 -8.80 -34.20 33.47
CA PRO B 690 -8.51 -32.88 34.05
C PRO B 690 -9.22 -31.75 33.27
N LEU B 691 -9.77 -30.78 34.00
CA LEU B 691 -10.35 -29.53 33.42
C LEU B 691 -9.21 -28.57 33.07
N TRP B 692 -8.08 -28.66 33.78
CA TRP B 692 -6.90 -27.78 33.56
C TRP B 692 -5.64 -28.34 34.23
N THR B 693 -4.49 -28.24 33.55
CA THR B 693 -3.14 -28.32 34.16
C THR B 693 -2.49 -26.93 34.11
N SER B 694 -1.62 -26.64 35.07
CA SER B 694 -0.78 -25.43 35.11
C SER B 694 0.68 -25.85 35.32
N TYR B 695 1.58 -25.43 34.43
CA TYR B 695 3.04 -25.63 34.56
C TYR B 695 3.75 -24.37 34.05
N THR B 696 5.07 -24.29 34.25
CA THR B 696 5.89 -23.11 33.90
C THR B 696 7.16 -23.55 33.17
N VAL B 697 7.33 -23.15 31.92
CA VAL B 697 8.57 -23.41 31.13
C VAL B 697 9.53 -22.25 31.37
N ASP B 698 10.76 -22.52 31.82
CA ASP B 698 11.80 -21.49 32.08
C ASP B 698 12.69 -21.34 30.83
N ARG B 699 13.46 -20.25 30.78
CA ARG B 699 14.30 -19.85 29.63
C ARG B 699 15.18 -21.03 29.18
N ASN B 700 15.88 -21.69 30.11
CA ASN B 700 16.92 -22.70 29.80
C ASN B 700 16.42 -24.11 30.16
N ASP B 701 15.15 -24.42 29.89
CA ASP B 701 14.55 -25.77 30.03
C ASP B 701 14.45 -26.37 28.62
N SER B 702 14.66 -27.69 28.48
CA SER B 702 14.67 -28.41 27.18
C SER B 702 13.52 -29.41 27.10
N PHE B 703 13.10 -29.72 25.87
CA PHE B 703 12.17 -30.83 25.51
C PHE B 703 12.99 -31.96 24.86
N SER B 704 13.01 -33.14 25.49
CA SER B 704 13.78 -34.34 25.02
C SER B 704 12.98 -35.09 23.95
N THR B 705 13.70 -35.68 22.99
CA THR B 705 13.17 -36.37 21.77
C THR B 705 12.97 -37.86 22.05
N GLU B 706 13.31 -38.34 23.26
CA GLU B 706 13.15 -39.76 23.67
C GLU B 706 11.67 -40.16 23.54
N ASP B 707 11.39 -41.24 22.81
CA ASP B 707 10.02 -41.64 22.41
C ASP B 707 9.27 -42.15 23.65
N PHE B 708 7.98 -41.86 23.75
CA PHE B 708 7.11 -42.24 24.88
C PHE B 708 5.77 -42.80 24.38
N SER B 709 5.71 -43.31 23.15
CA SER B 709 4.48 -43.88 22.54
C SER B 709 4.03 -45.10 23.37
N ASN B 710 2.73 -45.18 23.67
CA ASN B 710 2.03 -46.35 24.28
C ASN B 710 2.32 -46.47 25.79
N CYS B 711 2.98 -45.51 26.45
CA CYS B 711 3.40 -45.57 27.88
C CYS B 711 2.50 -44.71 28.77
N LEU B 712 1.90 -45.34 29.80
CA LEU B 712 1.08 -44.71 30.86
C LEU B 712 1.32 -45.45 32.19
N TYR B 713 1.22 -44.75 33.33
CA TYR B 713 1.22 -45.36 34.69
C TYR B 713 -0.19 -45.22 35.29
N GLN B 714 -0.31 -45.33 36.62
CA GLN B 714 -1.61 -45.27 37.35
C GLN B 714 -1.51 -44.24 38.47
N ASP B 715 -2.60 -43.50 38.74
CA ASP B 715 -2.70 -42.55 39.87
C ASP B 715 -3.59 -43.20 40.93
N PHE B 716 -3.00 -43.50 42.10
CA PHE B 716 -3.66 -44.17 43.26
C PHE B 716 -4.59 -43.20 43.99
N ARG B 717 -4.79 -41.98 43.46
CA ARG B 717 -5.69 -40.96 44.06
C ARG B 717 -7.09 -41.04 43.44
N ILE B 718 -7.21 -41.56 42.21
CA ILE B 718 -8.51 -41.73 41.49
C ILE B 718 -8.68 -43.19 41.10
N PRO B 719 -9.93 -43.71 41.04
CA PRO B 719 -10.18 -45.05 40.50
C PRO B 719 -9.69 -45.15 39.05
N LEU B 720 -9.00 -46.25 38.69
CA LEU B 720 -8.67 -46.57 37.27
C LEU B 720 -9.98 -46.85 36.54
N SER B 721 -10.15 -46.29 35.33
CA SER B 721 -11.36 -46.44 34.48
C SER B 721 -10.98 -47.11 33.16
N PRO B 722 -11.89 -47.85 32.49
CA PRO B 722 -11.55 -48.57 31.26
C PRO B 722 -10.81 -47.70 30.22
N VAL B 723 -11.25 -46.43 30.06
CA VAL B 723 -10.75 -45.49 29.01
C VAL B 723 -9.37 -44.94 29.41
N HIS B 724 -8.90 -45.19 30.63
CA HIS B 724 -7.59 -44.73 31.17
C HIS B 724 -6.50 -45.78 30.92
N LYS B 725 -6.80 -46.85 30.18
CA LYS B 725 -5.88 -47.99 29.89
C LYS B 725 -5.33 -47.91 28.45
N CYS B 726 -4.03 -48.13 28.27
CA CYS B 726 -3.32 -48.25 26.97
C CYS B 726 -4.13 -49.10 25.99
N SER B 727 -4.83 -50.11 26.52
CA SER B 727 -5.67 -51.11 25.80
C SER B 727 -6.74 -50.43 24.96
N PHE B 728 -7.46 -49.45 25.55
CA PHE B 728 -8.58 -48.70 24.91
C PHE B 728 -8.08 -48.02 23.64
N TYR B 729 -6.79 -47.64 23.58
CA TYR B 729 -6.19 -46.84 22.48
C TYR B 729 -5.35 -47.71 21.54
N LYS B 730 -4.92 -48.90 21.99
CA LYS B 730 -4.04 -49.81 21.20
C LYS B 730 -4.73 -50.17 19.88
N ASN B 731 -4.12 -49.79 18.75
CA ASN B 731 -4.62 -50.01 17.37
C ASN B 731 -6.12 -49.64 17.28
N ASN B 732 -6.53 -48.60 18.02
CA ASN B 732 -7.87 -47.96 17.94
C ASN B 732 -7.81 -46.92 16.81
N THR B 733 -8.55 -47.10 15.71
CA THR B 733 -8.52 -46.20 14.53
C THR B 733 -9.50 -45.03 14.73
N LYS B 734 -10.33 -45.04 15.77
CA LYS B 734 -11.42 -44.04 15.97
C LYS B 734 -10.94 -42.88 16.84
N VAL B 735 -10.09 -43.15 17.84
CA VAL B 735 -9.69 -42.15 18.88
C VAL B 735 -8.32 -42.52 19.44
N SER B 736 -7.53 -41.55 19.86
CA SER B 736 -6.22 -41.76 20.54
C SER B 736 -6.23 -40.96 21.84
N TYR B 737 -5.06 -40.62 22.42
CA TYR B 737 -4.96 -39.82 23.67
C TYR B 737 -3.81 -38.82 23.54
N GLY B 738 -3.75 -37.84 24.45
CA GLY B 738 -2.65 -36.86 24.58
C GLY B 738 -2.49 -36.39 26.02
N PHE B 739 -1.36 -35.77 26.33
CA PHE B 739 -0.98 -35.30 27.70
C PHE B 739 -1.09 -33.77 27.79
N LEU B 740 -1.79 -33.24 28.81
CA LEU B 740 -1.94 -31.77 29.03
C LEU B 740 -0.59 -31.17 29.40
N SER B 741 -0.05 -31.53 30.58
CA SER B 741 1.35 -31.22 30.98
C SER B 741 2.29 -32.12 30.18
N PRO B 742 3.30 -31.56 29.48
CA PRO B 742 4.11 -32.34 28.53
C PRO B 742 5.19 -33.22 29.17
N PRO B 743 5.20 -34.54 28.88
CA PRO B 743 6.30 -35.41 29.31
C PRO B 743 7.67 -34.95 28.80
N GLN B 744 7.72 -34.27 27.65
CA GLN B 744 8.98 -33.87 26.96
C GLN B 744 9.83 -32.97 27.87
N LEU B 745 9.24 -32.29 28.86
CA LEU B 745 9.95 -31.29 29.71
C LEU B 745 10.39 -31.91 31.05
N ASN B 746 11.66 -31.75 31.44
CA ASN B 746 12.16 -32.03 32.81
C ASN B 746 13.20 -30.98 33.20
N LYS B 747 13.04 -30.39 34.39
CA LYS B 747 14.06 -29.53 35.06
C LYS B 747 14.69 -30.35 36.19
N SER B 750 16.71 -33.00 31.69
CA SER B 750 17.15 -34.33 32.17
C SER B 750 16.17 -35.41 31.68
N GLY B 751 16.55 -36.16 30.63
CA GLY B 751 15.74 -37.23 30.02
C GLY B 751 14.30 -36.82 29.81
N ILE B 752 13.35 -37.51 30.43
CA ILE B 752 11.87 -37.29 30.35
C ILE B 752 11.31 -37.22 31.78
N TYR B 753 10.35 -36.35 32.06
CA TYR B 753 9.58 -36.35 33.34
C TYR B 753 8.55 -37.49 33.26
N SER B 754 8.81 -38.62 33.93
CA SER B 754 7.96 -39.85 33.88
C SER B 754 6.59 -39.56 34.52
N GLU B 755 6.57 -38.72 35.55
CA GLU B 755 5.37 -38.34 36.35
C GLU B 755 4.24 -37.82 35.46
N ALA B 756 4.57 -37.15 34.35
CA ALA B 756 3.62 -36.59 33.36
C ALA B 756 2.88 -37.72 32.62
N LEU B 757 3.35 -38.96 32.74
CA LEU B 757 2.72 -40.15 32.10
C LEU B 757 1.64 -40.74 33.02
N LEU B 758 1.29 -40.08 34.12
CA LEU B 758 0.14 -40.48 34.99
C LEU B 758 -1.14 -40.56 34.16
N THR B 759 -2.05 -41.46 34.55
CA THR B 759 -3.39 -41.66 33.89
C THR B 759 -4.24 -40.40 34.09
N THR B 760 -3.93 -39.56 35.09
CA THR B 760 -4.70 -38.35 35.44
C THR B 760 -4.41 -37.19 34.47
N ASN B 761 -3.31 -37.26 33.72
CA ASN B 761 -2.79 -36.17 32.83
C ASN B 761 -2.96 -36.58 31.37
N ILE B 762 -4.03 -37.32 31.03
CA ILE B 762 -4.35 -37.71 29.64
C ILE B 762 -5.74 -37.19 29.29
N VAL B 763 -5.92 -36.78 28.04
CA VAL B 763 -7.23 -36.38 27.44
C VAL B 763 -7.39 -37.14 26.13
N PRO B 764 -8.62 -37.59 25.81
CA PRO B 764 -8.93 -38.14 24.48
C PRO B 764 -8.47 -37.15 23.41
N MET B 765 -7.85 -37.64 22.34
CA MET B 765 -7.29 -36.78 21.26
C MET B 765 -7.31 -37.56 19.94
N TYR B 766 -7.96 -37.01 18.91
CA TYR B 766 -7.95 -37.57 17.54
C TYR B 766 -6.50 -37.60 17.05
N GLN B 767 -6.16 -38.63 16.26
CA GLN B 767 -4.76 -38.85 15.79
C GLN B 767 -4.30 -37.63 14.99
N SER B 768 -5.17 -37.04 14.17
CA SER B 768 -4.86 -35.88 13.29
C SER B 768 -4.44 -34.68 14.14
N PHE B 769 -5.15 -34.42 15.25
CA PHE B 769 -4.88 -33.27 16.15
C PHE B 769 -3.53 -33.45 16.86
N GLN B 770 -3.09 -34.70 17.04
CA GLN B 770 -1.78 -35.00 17.69
C GLN B 770 -0.66 -34.29 16.92
N VAL B 771 -0.78 -34.12 15.59
CA VAL B 771 0.28 -33.44 14.80
C VAL B 771 0.48 -32.05 15.38
N ILE B 772 -0.62 -31.32 15.60
CA ILE B 772 -0.66 -29.91 16.12
C ILE B 772 -0.08 -29.91 17.53
N TRP B 773 -0.62 -30.77 18.39
CA TRP B 773 -0.26 -30.88 19.84
C TRP B 773 1.22 -31.19 20.00
N ARG B 774 1.76 -32.13 19.22
CA ARG B 774 3.17 -32.56 19.29
C ARG B 774 4.07 -31.41 18.81
N TYR B 775 3.72 -30.75 17.71
CA TYR B 775 4.48 -29.59 17.18
C TYR B 775 4.49 -28.43 18.19
N PHE B 776 3.36 -28.17 18.85
CA PHE B 776 3.24 -27.06 19.83
C PHE B 776 4.27 -27.27 20.95
N HIS B 777 4.27 -28.46 21.56
CA HIS B 777 5.01 -28.79 22.79
C HIS B 777 6.50 -29.03 22.47
N ASP B 778 6.81 -29.62 21.32
CA ASP B 778 8.21 -29.90 20.89
C ASP B 778 8.87 -28.58 20.44
N THR B 779 8.30 -27.89 19.46
CA THR B 779 8.91 -26.73 18.75
C THR B 779 8.47 -25.40 19.39
N LEU B 780 7.19 -25.03 19.27
CA LEU B 780 6.70 -23.64 19.52
C LEU B 780 6.94 -23.25 20.99
N LEU B 781 6.52 -24.09 21.94
CA LEU B 781 6.60 -23.77 23.39
C LEU B 781 8.04 -23.43 23.77
N ARG B 782 9.02 -24.16 23.20
CA ARG B 782 10.47 -23.88 23.37
C ARG B 782 10.75 -22.46 22.87
N LYS B 783 10.36 -22.15 21.63
CA LYS B 783 10.58 -20.82 20.99
C LYS B 783 9.91 -19.73 21.84
N TYR B 784 8.65 -19.91 22.25
CA TYR B 784 7.88 -18.92 23.08
C TYR B 784 8.62 -18.70 24.40
N ALA B 785 9.13 -19.78 25.02
CA ALA B 785 9.85 -19.72 26.31
C ALA B 785 11.10 -18.84 26.17
N GLU B 786 11.90 -19.03 25.11
CA GLU B 786 13.15 -18.28 24.84
C GLU B 786 12.82 -16.81 24.55
N GLU B 787 11.80 -16.57 23.72
CA GLU B 787 11.38 -15.24 23.18
C GLU B 787 10.90 -14.33 24.33
N ARG B 788 10.21 -14.89 25.34
CA ARG B 788 9.54 -14.11 26.42
C ARG B 788 10.19 -14.36 27.78
N ASN B 789 11.37 -15.01 27.82
CA ASN B 789 12.19 -15.26 29.05
C ASN B 789 11.31 -15.99 30.09
N GLY B 790 10.71 -17.11 29.69
CA GLY B 790 9.84 -17.93 30.55
C GLY B 790 8.37 -17.70 30.24
N VAL B 791 7.53 -18.74 30.38
CA VAL B 791 6.09 -18.68 30.05
C VAL B 791 5.34 -19.69 30.93
N ASN B 792 4.46 -19.20 31.81
CA ASN B 792 3.45 -20.03 32.52
C ASN B 792 2.43 -20.51 31.48
N VAL B 793 2.05 -21.78 31.55
CA VAL B 793 1.05 -22.39 30.62
C VAL B 793 -0.11 -22.93 31.42
N VAL B 794 -1.33 -22.72 30.95
CA VAL B 794 -2.53 -23.45 31.41
C VAL B 794 -3.22 -23.97 30.15
N SER B 795 -3.46 -25.28 30.08
CA SER B 795 -4.16 -25.94 28.96
C SER B 795 -5.26 -26.84 29.53
N GLY B 796 -6.22 -27.23 28.70
CA GLY B 796 -7.37 -28.04 29.15
C GLY B 796 -8.32 -28.35 28.00
N PRO B 797 -9.30 -29.24 28.23
CA PRO B 797 -10.24 -29.61 27.19
C PRO B 797 -11.38 -28.59 27.21
N VAL B 798 -12.16 -28.54 26.12
CA VAL B 798 -13.35 -27.67 25.97
C VAL B 798 -14.50 -28.51 25.42
N PHE B 799 -15.69 -28.39 26.00
CA PHE B 799 -16.91 -29.10 25.54
C PHE B 799 -17.97 -28.07 25.18
N ASP B 800 -18.07 -27.72 23.89
CA ASP B 800 -19.12 -26.81 23.36
C ASP B 800 -19.85 -27.49 22.19
N PHE B 801 -20.69 -28.47 22.51
CA PHE B 801 -21.53 -29.24 21.55
C PHE B 801 -22.69 -28.36 21.07
N ASP B 802 -23.13 -27.37 21.87
CA ASP B 802 -24.22 -26.44 21.50
C ASP B 802 -23.70 -25.34 20.57
N TYR B 803 -22.37 -25.24 20.40
CA TYR B 803 -21.63 -24.18 19.65
C TYR B 803 -22.20 -22.80 20.02
N ASP B 804 -22.31 -22.52 21.32
CA ASP B 804 -22.97 -21.31 21.86
C ASP B 804 -21.94 -20.45 22.62
N GLY B 805 -20.67 -20.84 22.57
CA GLY B 805 -19.52 -20.11 23.15
C GLY B 805 -19.34 -20.38 24.62
N ARG B 806 -20.20 -21.22 25.22
CA ARG B 806 -20.29 -21.50 26.67
C ARG B 806 -19.98 -22.98 26.94
N CYS B 807 -19.27 -23.26 28.04
CA CYS B 807 -19.10 -24.63 28.59
C CYS B 807 -20.49 -25.27 28.73
N ASP B 808 -20.66 -26.50 28.25
CA ASP B 808 -21.93 -27.26 28.34
C ASP B 808 -22.10 -27.72 29.80
N SER B 809 -23.34 -27.83 30.28
CA SER B 809 -23.69 -28.36 31.62
C SER B 809 -23.23 -29.82 31.72
N LEU B 810 -22.97 -30.32 32.92
CA LEU B 810 -22.71 -31.77 33.15
C LEU B 810 -23.91 -32.55 32.61
N GLU B 811 -25.13 -32.11 32.95
CA GLU B 811 -26.41 -32.75 32.51
C GLU B 811 -26.36 -32.98 30.99
N ASN B 812 -26.13 -31.91 30.21
CA ASN B 812 -26.04 -31.97 28.72
C ASN B 812 -24.91 -32.93 28.28
N LEU B 813 -23.77 -32.92 28.98
CA LEU B 813 -22.53 -33.66 28.59
C LEU B 813 -22.75 -35.17 28.66
N ARG B 814 -23.58 -35.64 29.61
CA ARG B 814 -23.87 -37.08 29.81
C ARG B 814 -24.46 -37.66 28.51
N GLN B 815 -25.25 -36.88 27.76
CA GLN B 815 -25.97 -37.34 26.55
C GLN B 815 -25.12 -37.16 25.28
N LYS B 816 -23.88 -36.69 25.41
CA LYS B 816 -22.98 -36.39 24.26
C LYS B 816 -21.78 -37.34 24.26
N ARG B 817 -21.63 -38.15 25.31
CA ARG B 817 -20.53 -39.14 25.46
C ARG B 817 -20.65 -40.16 24.33
N ARG B 818 -19.52 -40.54 23.73
CA ARG B 818 -19.48 -41.54 22.64
C ARG B 818 -19.09 -42.90 23.24
N VAL B 819 -19.37 -43.97 22.51
CA VAL B 819 -19.05 -45.38 22.90
C VAL B 819 -17.96 -45.88 21.95
N ILE B 820 -16.76 -46.13 22.49
CA ILE B 820 -15.61 -46.66 21.71
C ILE B 820 -15.02 -47.86 22.47
N ARG B 821 -15.19 -49.06 21.90
CA ARG B 821 -14.67 -50.35 22.43
C ARG B 821 -14.97 -50.43 23.93
N ASN B 822 -16.24 -50.18 24.33
CA ASN B 822 -16.71 -50.22 25.73
C ASN B 822 -15.86 -49.26 26.58
N ILE B 825 -17.01 -42.60 26.72
CA ILE B 825 -15.91 -41.61 26.60
C ILE B 825 -16.51 -40.26 26.16
N LEU B 826 -15.95 -39.16 26.67
CA LEU B 826 -16.29 -37.77 26.26
C LEU B 826 -15.12 -37.22 25.44
N ILE B 827 -15.35 -36.87 24.17
CA ILE B 827 -14.32 -36.28 23.26
C ILE B 827 -14.45 -34.76 23.27
N PRO B 828 -13.39 -34.03 23.66
CA PRO B 828 -13.38 -32.57 23.58
C PRO B 828 -13.73 -32.04 22.19
N THR B 829 -14.52 -30.96 22.12
CA THR B 829 -14.80 -30.17 20.89
C THR B 829 -13.56 -29.32 20.56
N HIS B 830 -12.89 -28.80 21.58
CA HIS B 830 -11.67 -27.94 21.43
C HIS B 830 -10.70 -28.20 22.59
N PHE B 831 -9.45 -27.77 22.41
CA PHE B 831 -8.43 -27.64 23.48
C PHE B 831 -8.03 -26.16 23.59
N PHE B 832 -7.99 -25.66 24.83
CA PHE B 832 -7.58 -24.28 25.16
C PHE B 832 -6.13 -24.28 25.65
N ILE B 833 -5.40 -23.22 25.33
CA ILE B 833 -4.03 -22.96 25.86
C ILE B 833 -3.98 -21.49 26.24
N VAL B 834 -3.40 -21.17 27.40
CA VAL B 834 -3.21 -19.77 27.88
C VAL B 834 -1.74 -19.61 28.30
N LEU B 835 -0.96 -18.93 27.47
CA LEU B 835 0.44 -18.57 27.75
C LEU B 835 0.46 -17.24 28.53
N THR B 836 1.32 -17.12 29.54
CA THR B 836 1.48 -15.92 30.41
C THR B 836 2.96 -15.66 30.70
N SER B 837 3.46 -14.51 30.27
CA SER B 837 4.83 -14.01 30.54
C SER B 837 4.70 -12.59 31.12
N CYS B 838 5.79 -11.83 31.23
CA CYS B 838 5.76 -10.42 31.71
C CYS B 838 5.94 -9.48 30.52
N LYS B 839 5.30 -8.30 30.59
CA LYS B 839 5.50 -7.19 29.64
C LYS B 839 6.99 -6.88 29.57
N ASP B 840 7.66 -6.84 30.74
CA ASP B 840 9.12 -6.65 30.86
C ASP B 840 9.80 -8.03 30.81
N THR B 841 10.49 -8.34 29.70
CA THR B 841 11.13 -9.66 29.47
C THR B 841 12.38 -9.79 30.36
N SER B 842 12.79 -8.70 31.01
CA SER B 842 13.88 -8.69 32.02
C SER B 842 13.42 -9.35 33.32
N GLN B 843 12.23 -9.98 33.37
CA GLN B 843 11.74 -10.69 34.58
C GLN B 843 10.92 -11.91 34.20
N THR B 844 11.15 -13.04 34.88
CA THR B 844 10.46 -14.33 34.62
C THR B 844 9.05 -14.27 35.18
N PRO B 845 8.11 -15.08 34.65
CA PRO B 845 6.71 -15.08 35.10
C PRO B 845 6.44 -14.87 36.59
N LEU B 846 7.17 -15.57 37.45
CA LEU B 846 6.92 -15.63 38.91
C LEU B 846 7.03 -14.24 39.57
N HIS B 847 7.63 -13.25 38.88
CA HIS B 847 7.66 -11.83 39.33
C HIS B 847 7.38 -10.86 38.17
N CYS B 848 6.18 -10.91 37.58
CA CYS B 848 5.71 -9.90 36.59
C CYS B 848 5.05 -8.73 37.32
N GLU B 849 5.41 -7.50 36.99
CA GLU B 849 4.67 -6.29 37.44
C GLU B 849 3.41 -6.15 36.57
N ASN B 850 3.49 -6.56 35.30
CA ASN B 850 2.37 -6.53 34.30
C ASN B 850 2.38 -7.82 33.47
N LEU B 851 1.22 -8.48 33.33
CA LEU B 851 1.07 -9.74 32.56
C LEU B 851 0.96 -9.45 31.06
N ASP B 852 1.66 -10.22 30.23
CA ASP B 852 1.44 -10.32 28.77
C ASP B 852 0.88 -11.72 28.47
N THR B 853 -0.36 -11.81 28.01
CA THR B 853 -1.07 -13.09 27.78
C THR B 853 -1.24 -13.33 26.28
N LEU B 854 -1.47 -14.60 25.93
CA LEU B 854 -1.79 -15.06 24.56
C LEU B 854 -2.52 -16.39 24.71
N ALA B 855 -3.74 -16.49 24.20
CA ALA B 855 -4.63 -17.65 24.42
C ALA B 855 -5.15 -18.18 23.08
N PHE B 856 -5.47 -19.46 23.06
CA PHE B 856 -5.95 -20.22 21.88
C PHE B 856 -7.13 -21.09 22.29
N ILE B 857 -8.11 -21.19 21.40
CA ILE B 857 -9.19 -22.21 21.46
C ILE B 857 -9.09 -23.00 20.16
N LEU B 858 -8.24 -24.04 20.18
CA LEU B 858 -7.94 -24.88 18.99
C LEU B 858 -9.09 -25.87 18.79
N PRO B 859 -9.67 -25.92 17.58
CA PRO B 859 -10.75 -26.87 17.30
C PRO B 859 -10.16 -28.29 17.22
N HIS B 860 -10.90 -29.25 17.78
CA HIS B 860 -10.51 -30.68 17.89
C HIS B 860 -11.19 -31.47 16.78
N ARG B 861 -10.51 -31.63 15.65
CA ARG B 861 -11.09 -32.18 14.40
C ARG B 861 -10.35 -33.45 14.00
N THR B 862 -11.08 -34.38 13.36
CA THR B 862 -10.64 -35.77 13.09
C THR B 862 -9.65 -35.79 11.92
N ASP B 863 -9.66 -34.75 11.08
CA ASP B 863 -8.63 -34.53 10.02
C ASP B 863 -8.10 -33.10 10.15
N ASN B 864 -7.06 -32.75 9.37
CA ASN B 864 -6.50 -31.37 9.31
C ASN B 864 -6.80 -30.82 7.93
N SER B 865 -8.03 -30.99 7.44
CA SER B 865 -8.49 -30.47 6.12
C SER B 865 -8.56 -28.94 6.19
N GLU B 866 -8.78 -28.39 7.39
CA GLU B 866 -8.75 -26.93 7.68
C GLU B 866 -7.45 -26.33 7.12
N SER B 867 -6.32 -27.01 7.33
CA SER B 867 -4.95 -26.44 7.18
C SER B 867 -4.36 -26.77 5.79
N CYS B 868 -5.01 -27.64 5.02
CA CYS B 868 -4.57 -28.09 3.67
C CYS B 868 -3.11 -28.59 3.73
N VAL B 869 -2.87 -29.64 4.52
CA VAL B 869 -1.58 -30.40 4.54
C VAL B 869 -1.49 -31.24 3.26
N HIS B 870 -0.51 -30.96 2.39
CA HIS B 870 -0.37 -31.54 1.03
C HIS B 870 1.11 -31.74 0.69
N SER B 875 5.89 -28.22 8.95
CA SER B 875 4.70 -27.97 9.80
C SER B 875 4.61 -26.47 10.14
N SER B 876 4.60 -25.61 9.11
CA SER B 876 4.50 -24.13 9.20
C SER B 876 3.04 -23.68 9.28
N TRP B 877 2.12 -24.50 8.75
CA TRP B 877 0.64 -24.37 8.82
C TRP B 877 0.12 -24.36 10.28
N VAL B 878 0.86 -24.97 11.22
CA VAL B 878 0.44 -25.07 12.64
C VAL B 878 0.42 -23.67 13.27
N GLU B 879 1.48 -22.87 13.06
CA GLU B 879 1.57 -21.48 13.57
C GLU B 879 0.36 -20.69 13.08
N GLU B 880 0.06 -20.79 11.78
CA GLU B 880 -1.05 -20.05 11.13
C GLU B 880 -2.40 -20.47 11.72
N LEU B 881 -2.59 -21.76 12.01
CA LEU B 881 -3.87 -22.26 12.59
C LEU B 881 -4.03 -21.71 14.02
N LEU B 882 -2.95 -21.67 14.80
CA LEU B 882 -2.96 -21.07 16.17
C LEU B 882 -3.35 -19.59 16.07
N MET B 883 -2.69 -18.83 15.20
CA MET B 883 -2.98 -17.37 15.02
C MET B 883 -4.47 -17.20 14.71
N LEU B 884 -4.99 -17.91 13.71
CA LEU B 884 -6.43 -17.77 13.29
C LEU B 884 -7.34 -18.04 14.49
N HIS B 885 -6.96 -18.97 15.36
CA HIS B 885 -7.82 -19.50 16.46
C HIS B 885 -7.42 -18.91 17.81
N ARG B 886 -6.66 -17.81 17.82
CA ARG B 886 -6.39 -17.07 19.08
C ARG B 886 -7.74 -16.61 19.63
N ALA B 887 -7.74 -16.17 20.88
CA ALA B 887 -8.98 -15.77 21.59
C ALA B 887 -8.62 -14.93 22.80
N ARG B 888 -9.57 -14.12 23.26
CA ARG B 888 -9.49 -13.39 24.54
C ARG B 888 -9.49 -14.45 25.65
N ILE B 889 -8.76 -14.22 26.74
CA ILE B 889 -8.90 -15.06 27.97
C ILE B 889 -10.38 -15.14 28.36
N THR B 890 -11.13 -14.04 28.25
CA THR B 890 -12.58 -14.03 28.52
C THR B 890 -13.30 -15.06 27.64
N ASP B 891 -12.84 -15.27 26.40
CA ASP B 891 -13.47 -16.26 25.49
C ASP B 891 -13.30 -17.66 26.08
N VAL B 892 -12.09 -17.95 26.56
CA VAL B 892 -11.71 -19.22 27.26
C VAL B 892 -12.56 -19.35 28.54
N GLU B 893 -12.64 -18.30 29.37
CA GLU B 893 -13.38 -18.36 30.65
C GLU B 893 -14.82 -18.79 30.36
N HIS B 894 -15.48 -18.18 29.37
CA HIS B 894 -16.89 -18.43 28.99
C HIS B 894 -17.07 -19.91 28.61
N ILE B 895 -16.14 -20.46 27.85
CA ILE B 895 -16.33 -21.77 27.16
C ILE B 895 -15.80 -22.91 28.04
N THR B 896 -15.03 -22.63 29.10
CA THR B 896 -14.50 -23.65 30.04
C THR B 896 -15.22 -23.61 31.40
N GLY B 897 -15.84 -22.49 31.76
CA GLY B 897 -16.35 -22.25 33.12
C GLY B 897 -15.23 -22.03 34.13
N LEU B 898 -14.02 -21.72 33.65
CA LEU B 898 -12.86 -21.36 34.51
C LEU B 898 -12.76 -19.85 34.66
N SER B 899 -12.03 -19.40 35.68
CA SER B 899 -11.69 -17.98 35.98
C SER B 899 -10.25 -17.88 36.47
N PHE B 900 -9.37 -17.23 35.69
CA PHE B 900 -7.91 -17.18 35.94
C PHE B 900 -7.51 -15.88 36.66
N TYR B 901 -6.28 -15.87 37.17
CA TYR B 901 -5.51 -14.70 37.64
C TYR B 901 -6.16 -14.04 38.88
N GLN B 902 -6.99 -14.78 39.64
CA GLN B 902 -7.77 -14.22 40.78
C GLN B 902 -6.85 -13.80 41.95
N GLN B 903 -5.57 -14.18 41.96
CA GLN B 903 -4.65 -13.85 43.10
C GLN B 903 -3.65 -12.77 42.67
N ARG B 904 -3.87 -12.10 41.54
CA ARG B 904 -2.99 -10.99 41.11
C ARG B 904 -3.26 -9.79 42.02
N LYS B 905 -2.22 -8.97 42.27
CA LYS B 905 -2.28 -7.79 43.17
C LYS B 905 -3.08 -6.65 42.51
N GLU B 906 -3.14 -6.62 41.16
CA GLU B 906 -3.86 -5.60 40.35
C GLU B 906 -5.33 -5.51 40.73
N PRO B 907 -5.96 -4.30 40.63
CA PRO B 907 -7.41 -4.16 40.84
C PRO B 907 -8.15 -4.90 39.72
N VAL B 908 -9.43 -5.22 39.97
CA VAL B 908 -10.20 -6.22 39.15
C VAL B 908 -10.42 -5.63 37.75
N SER B 909 -10.80 -4.36 37.68
CA SER B 909 -11.04 -3.63 36.41
C SER B 909 -9.81 -3.75 35.49
N ASP B 910 -8.59 -3.59 36.02
CA ASP B 910 -7.34 -3.73 35.22
C ASP B 910 -7.18 -5.18 34.72
N ILE B 911 -7.64 -6.16 35.50
CA ILE B 911 -7.59 -7.61 35.10
C ILE B 911 -8.60 -7.85 33.98
N LEU B 912 -9.84 -7.38 34.13
CA LEU B 912 -10.89 -7.49 33.08
C LEU B 912 -10.35 -6.89 31.78
N LYS B 913 -9.66 -5.75 31.86
CA LYS B 913 -8.99 -5.12 30.69
C LYS B 913 -8.08 -6.15 30.04
N LEU B 914 -7.23 -6.79 30.84
CA LEU B 914 -6.25 -7.83 30.40
C LEU B 914 -6.99 -9.03 29.80
N LYS B 915 -8.07 -9.47 30.43
CA LYS B 915 -8.80 -10.70 30.05
C LYS B 915 -9.53 -10.50 28.73
N THR B 916 -9.97 -9.27 28.43
CA THR B 916 -10.76 -8.95 27.21
C THR B 916 -9.83 -8.57 26.05
N HIS B 917 -8.52 -8.46 26.27
CA HIS B 917 -7.56 -8.13 25.18
C HIS B 917 -7.49 -9.30 24.20
N LEU B 918 -7.49 -9.02 22.90
CA LEU B 918 -7.19 -9.98 21.82
C LEU B 918 -5.95 -9.48 21.10
N PRO B 919 -4.89 -10.29 20.95
CA PRO B 919 -3.65 -9.83 20.30
C PRO B 919 -3.80 -9.67 18.78
N THR B 920 -3.12 -8.68 18.20
CA THR B 920 -3.00 -8.44 16.74
C THR B 920 -1.52 -8.49 16.33
N PHE B 921 -1.22 -9.10 15.17
CA PHE B 921 0.15 -9.29 14.64
C PHE B 921 0.23 -8.74 13.21
#